data_7RF9
#
_entry.id   7RF9
#
_cell.length_a   74.922
_cell.length_b   70.279
_cell.length_c   138.568
_cell.angle_alpha   90.000
_cell.angle_beta   98.110
_cell.angle_gamma   90.000
#
_symmetry.space_group_name_H-M   'P 1 21 1'
#
loop_
_entity.id
_entity.type
_entity.pdbx_description
1 polymer 'Aminotran_1_2 domain-containing protein'
2 non-polymer 2-[BIS-(2-HYDROXY-ETHYL)-AMINO]-2-HYDROXYMETHYL-PROPANE-1,3-DIOL
3 non-polymer 'ACETATE ION'
4 non-polymer '(2E)-5-carbamimidamido-2-{[(Z)-{3-hydroxy-2-methyl-5-[(phosphonooxy)methyl]pyridin-4(1H)-ylidene}methyl]imino}pentanoic acid'
5 non-polymer GLYCEROL
6 non-polymer 1,2-ETHANEDIOL
7 non-polymer 2-(2-ETHOXYETHOXY)ETHANOL
8 water water
#
_entity_poly.entity_id   1
_entity_poly.type   'polypeptide(L)'
_entity_poly.pdbx_seq_one_letter_code
;MNTDRYDSLTEVEVEGLSYLYNFADGHAYHDINEHYVDIINNLQRYWQEGKDHSIPDMEKAFKNQFAELIDSSTLHSTNH
FSVCPTASNSIDIVAAWLHKENKRTALIEPAFDNLYLLLKRRGVDISAFDELALKNEHQLAQIVSSGDIDALFLVNPNNP
TGLEMTESEFVYLVEQCKAHNITILLDRTFRIYGKTNFDDYQILEQSGIDYVVIEDTGKTWPTQDLKISLMVYSEAISST
MRLLYEEIFLCSSNFALALLKQFVAVTAKFGVDATIKNEVRRRSETINDALAGTGLKVFDNDEKCQLPLCWIDISATGYD
DVSFAARLKEHDIAVLPGRFFYWNSKSQHTQFIRVSLMKPDAEFYEGIGKLKEAVTRILEKLEHHHHHH
;
_entity_poly.pdbx_strand_id   A,B,C,D
#
loop_
_chem_comp.id
_chem_comp.type
_chem_comp.name
_chem_comp.formula
ACT non-polymer 'ACETATE ION' 'C2 H3 O2 -1'
AE3 non-polymer 2-(2-ETHOXYETHOXY)ETHANOL 'C6 H14 O3'
BTB non-polymer 2-[BIS-(2-HYDROXY-ETHYL)-AMINO]-2-HYDROXYMETHYL-PROPANE-1,3-DIOL 'C8 H19 N O5'
EDO non-polymer 1,2-ETHANEDIOL 'C2 H6 O2'
EJ1 non-polymer '(2E)-5-carbamimidamido-2-{[(Z)-{3-hydroxy-2-methyl-5-[(phosphonooxy)methyl]pyridin-4(1H)-ylidene}methyl]imino}pentanoic acid' 'C14 H22 N5 O7 P'
GOL non-polymer GLYCEROL 'C3 H8 O3'
#
# COMPACT_ATOMS: atom_id res chain seq x y z
N ARG A 5 5.25 -1.70 30.95
CA ARG A 5 6.35 -1.71 29.99
C ARG A 5 6.56 -3.10 29.38
N TYR A 6 6.72 -3.15 28.07
CA TYR A 6 6.93 -4.42 27.39
C TYR A 6 8.37 -4.88 27.54
N ASP A 7 8.54 -6.21 27.71
CA ASP A 7 9.88 -6.80 27.75
C ASP A 7 10.53 -6.87 26.37
N SER A 8 9.75 -6.93 25.30
CA SER A 8 10.29 -7.21 23.97
C SER A 8 9.22 -6.97 22.91
N LEU A 9 9.67 -6.91 21.65
CA LEU A 9 8.74 -6.89 20.53
C LEU A 9 7.93 -8.18 20.47
N THR A 10 8.56 -9.32 20.81
CA THR A 10 7.82 -10.58 20.74
C THR A 10 6.69 -10.62 21.75
N GLU A 11 6.88 -10.02 22.92
CA GLU A 11 5.76 -9.92 23.85
C GLU A 11 4.59 -9.18 23.19
N VAL A 12 4.87 -8.09 22.48
CA VAL A 12 3.81 -7.36 21.80
C VAL A 12 3.16 -8.23 20.74
N GLU A 13 3.99 -8.97 19.99
CA GLU A 13 3.48 -9.83 18.92
C GLU A 13 2.62 -10.96 19.47
N VAL A 14 3.02 -11.53 20.61
CA VAL A 14 2.23 -12.59 21.21
C VAL A 14 0.87 -12.05 21.62
N GLU A 15 0.86 -10.88 22.26
CA GLU A 15 -0.41 -10.23 22.59
C GLU A 15 -1.21 -9.96 21.32
N GLY A 16 -0.55 -9.53 20.25
CA GLY A 16 -1.24 -9.27 18.99
C GLY A 16 -1.96 -10.49 18.44
N LEU A 17 -1.43 -11.69 18.70
CA LEU A 17 -2.05 -12.92 18.21
C LEU A 17 -3.49 -13.12 18.69
N SER A 18 -3.87 -12.38 19.72
CA SER A 18 -5.23 -12.49 20.29
C SER A 18 -6.20 -11.43 19.74
N TYR A 19 -5.71 -10.54 18.89
CA TYR A 19 -6.49 -9.41 18.35
C TYR A 19 -7.20 -9.72 17.03
N LEU A 20 -8.28 -9.00 16.81
CA LEU A 20 -9.10 -9.22 15.60
C LEU A 20 -8.29 -8.89 14.36
N TYR A 21 -7.63 -7.75 14.38
CA TYR A 21 -6.82 -7.26 13.24
C TYR A 21 -5.37 -7.17 13.74
N ASN A 22 -4.59 -8.18 13.40
CA ASN A 22 -3.24 -8.26 13.93
C ASN A 22 -2.20 -7.89 12.88
N PHE A 23 -1.62 -6.72 13.04
CA PHE A 23 -0.55 -6.27 12.17
C PHE A 23 0.79 -6.21 12.91
N ALA A 24 0.96 -6.99 13.98
CA ALA A 24 2.20 -6.90 14.77
C ALA A 24 3.34 -7.69 14.12
N ASP A 25 3.30 -9.02 14.20
CA ASP A 25 4.46 -9.81 13.78
C ASP A 25 4.57 -9.86 12.25
N GLY A 26 5.80 -10.10 11.78
CA GLY A 26 6.14 -10.11 10.37
C GLY A 26 6.22 -11.49 9.73
N HIS A 27 5.74 -12.53 10.42
CA HIS A 27 5.72 -13.87 9.85
C HIS A 27 4.69 -13.94 8.72
N ALA A 28 5.03 -14.65 7.64
CA ALA A 28 4.18 -14.66 6.44
C ALA A 28 2.94 -15.49 6.67
N TYR A 29 1.77 -14.85 6.61
CA TYR A 29 0.51 -15.57 6.83
C TYR A 29 -0.55 -15.19 5.82
N HIS A 30 -0.15 -14.67 4.65
CA HIS A 30 -1.12 -14.38 3.61
C HIS A 30 -1.66 -15.67 3.00
N ASP A 31 -2.79 -15.54 2.30
CA ASP A 31 -3.45 -16.69 1.69
C ASP A 31 -2.61 -17.26 0.55
N ILE A 32 -2.80 -18.55 0.30
CA ILE A 32 -2.08 -19.26 -0.80
C ILE A 32 -2.64 -18.72 -2.12
N ASN A 33 -1.74 -18.19 -2.93
CA ASN A 33 -2.07 -17.57 -4.24
C ASN A 33 -2.26 -18.64 -5.31
N GLU A 34 -2.65 -18.19 -6.49
CA GLU A 34 -2.97 -19.07 -7.62
C GLU A 34 -1.79 -20.00 -7.88
N HIS A 35 -0.55 -19.56 -7.70
CA HIS A 35 0.56 -20.39 -8.13
C HIS A 35 0.93 -21.47 -7.11
N TYR A 36 0.69 -21.21 -5.83
CA TYR A 36 1.08 -22.16 -4.78
C TYR A 36 -0.04 -23.13 -4.43
N VAL A 37 -1.23 -22.95 -5.02
CA VAL A 37 -2.38 -23.84 -4.73
C VAL A 37 -2.24 -25.41 -4.92
N ASP A 38 -1.58 -25.65 -6.04
CA ASP A 38 -1.21 -26.98 -6.53
C ASP A 38 -0.34 -27.65 -5.48
N ILE A 39 0.51 -26.87 -4.79
CA ILE A 39 1.32 -27.48 -3.74
C ILE A 39 0.44 -28.04 -2.64
N ILE A 40 -0.54 -27.25 -2.17
CA ILE A 40 -1.42 -27.70 -1.09
C ILE A 40 -2.30 -28.83 -1.57
N ASN A 41 -2.78 -28.77 -2.83
CA ASN A 41 -3.51 -29.89 -3.41
C ASN A 41 -2.68 -31.18 -3.40
N ASN A 42 -1.37 -31.09 -3.33
CA ASN A 42 -0.53 -32.29 -3.46
C ASN A 42 0.41 -32.45 -2.27
N LEU A 43 -0.06 -32.11 -1.06
CA LEU A 43 0.75 -32.31 0.14
C LEU A 43 1.26 -33.74 0.25
N GLN A 44 0.44 -34.71 -0.17
CA GLN A 44 0.85 -36.12 -0.09
C GLN A 44 2.11 -36.37 -0.91
N ARG A 45 2.25 -35.71 -2.06
CA ARG A 45 3.45 -35.88 -2.87
C ARG A 45 4.70 -35.50 -2.09
N TYR A 46 4.64 -34.40 -1.35
CA TYR A 46 5.84 -33.94 -0.65
C TYR A 46 6.07 -34.72 0.64
N TRP A 47 5.01 -35.24 1.20
CA TRP A 47 5.14 -36.20 2.31
C TRP A 47 5.92 -37.42 1.78
N GLN A 48 5.51 -37.98 0.64
CA GLN A 48 6.17 -39.16 0.02
C GLN A 48 7.60 -38.82 -0.37
N GLU A 49 7.82 -37.61 -0.87
CA GLU A 49 9.19 -37.23 -1.30
C GLU A 49 10.10 -37.26 -0.08
N GLY A 50 9.63 -36.77 1.05
CA GLY A 50 10.41 -36.77 2.29
C GLY A 50 10.75 -38.18 2.75
N LYS A 51 9.79 -39.09 2.64
CA LYS A 51 9.92 -40.51 3.04
C LYS A 51 10.93 -41.24 2.17
N ASP A 52 10.94 -40.92 0.89
CA ASP A 52 11.75 -41.62 -0.14
C ASP A 52 13.20 -41.14 -0.20
N HIS A 53 13.55 -40.09 0.53
CA HIS A 53 14.94 -39.60 0.40
C HIS A 53 15.63 -39.50 1.76
N SER A 54 16.94 -39.69 1.75
CA SER A 54 17.73 -39.51 2.95
C SER A 54 17.67 -38.07 3.46
N ILE A 55 17.87 -37.91 4.77
CA ILE A 55 17.96 -36.57 5.34
C ILE A 55 19.07 -35.76 4.69
N PRO A 56 20.31 -36.26 4.55
CA PRO A 56 21.32 -35.46 3.84
C PRO A 56 20.94 -35.13 2.40
N ASP A 57 20.24 -36.01 1.69
CA ASP A 57 19.91 -35.68 0.32
C ASP A 57 18.85 -34.58 0.26
N MET A 58 17.89 -34.60 1.19
CA MET A 58 16.87 -33.56 1.18
C MET A 58 17.45 -32.21 1.62
N GLU A 59 18.39 -32.23 2.57
CA GLU A 59 19.07 -31.00 2.97
C GLU A 59 19.76 -30.36 1.77
N LYS A 60 20.54 -31.16 1.04
CA LYS A 60 21.25 -30.63 -0.11
C LYS A 60 20.29 -30.21 -1.21
N ALA A 61 19.21 -30.96 -1.39
CA ALA A 61 18.26 -30.64 -2.45
C ALA A 61 17.62 -29.28 -2.22
N PHE A 62 17.22 -28.99 -0.97
CA PHE A 62 16.63 -27.69 -0.69
C PHE A 62 17.65 -26.59 -0.85
N LYS A 63 18.84 -26.79 -0.27
CA LYS A 63 19.91 -25.80 -0.38
C LYS A 63 20.18 -25.46 -1.83
N ASN A 64 20.27 -26.48 -2.68
CA ASN A 64 20.57 -26.28 -4.09
C ASN A 64 19.41 -25.64 -4.83
N GLN A 65 18.16 -25.98 -4.46
CA GLN A 65 17.02 -25.31 -5.08
C GLN A 65 17.05 -23.82 -4.74
N PHE A 66 17.40 -23.50 -3.50
CA PHE A 66 17.50 -22.10 -3.11
C PHE A 66 18.66 -21.42 -3.83
N ALA A 67 19.79 -22.12 -3.94
CA ALA A 67 20.92 -21.57 -4.69
C ALA A 67 20.52 -21.26 -6.14
N GLU A 68 19.69 -22.12 -6.73
CA GLU A 68 19.21 -21.84 -8.09
C GLU A 68 18.34 -20.59 -8.11
N LEU A 69 17.45 -20.45 -7.14
CA LEU A 69 16.56 -19.29 -7.09
C LEU A 69 17.36 -18.00 -7.01
N ILE A 70 18.36 -17.94 -6.12
CA ILE A 70 19.14 -16.72 -5.97
C ILE A 70 20.36 -16.69 -6.89
N ASP A 71 20.54 -17.71 -7.74
CA ASP A 71 21.64 -17.78 -8.70
C ASP A 71 23.00 -17.57 -8.03
N SER A 72 23.23 -18.39 -7.03
CA SER A 72 24.55 -18.35 -6.41
C SER A 72 25.18 -19.71 -6.66
N SER A 73 26.17 -19.76 -7.54
CA SER A 73 26.99 -21.01 -7.74
CA SER A 73 27.06 -20.91 -7.75
C SER A 73 27.91 -21.53 -6.56
N THR A 74 28.28 -20.47 -5.84
CA THR A 74 29.05 -20.61 -4.58
C THR A 74 28.18 -21.34 -3.54
N LEU A 75 26.94 -20.91 -3.31
CA LEU A 75 26.10 -21.64 -2.37
C LEU A 75 25.81 -23.04 -2.89
N HIS A 76 25.61 -23.16 -4.18
CA HIS A 76 25.30 -24.47 -4.81
C HIS A 76 26.47 -25.42 -4.55
N SER A 77 27.69 -24.91 -4.65
CA SER A 77 28.93 -25.67 -4.39
CA SER A 77 28.88 -25.76 -4.43
C SER A 77 29.37 -26.23 -2.99
N THR A 78 28.92 -25.41 -2.04
CA THR A 78 29.31 -25.62 -0.62
C THR A 78 28.52 -26.70 0.08
N ASN A 79 29.22 -27.45 0.90
CA ASN A 79 28.62 -28.40 1.83
C ASN A 79 28.72 -27.94 3.27
N HIS A 80 29.26 -26.75 3.52
CA HIS A 80 29.39 -26.23 4.89
C HIS A 80 28.13 -25.45 5.26
N PHE A 81 27.11 -26.18 5.71
CA PHE A 81 25.84 -25.59 6.11
C PHE A 81 25.08 -26.59 6.97
N SER A 82 24.16 -26.06 7.78
CA SER A 82 23.19 -26.86 8.52
C SER A 82 21.81 -26.28 8.29
N VAL A 83 20.77 -27.02 8.72
CA VAL A 83 19.37 -26.67 8.45
C VAL A 83 18.64 -26.59 9.78
N CYS A 84 18.20 -25.39 10.14
CA CYS A 84 17.46 -25.19 11.38
C CYS A 84 15.97 -25.04 11.11
N PRO A 85 15.12 -25.36 12.09
CA PRO A 85 13.69 -25.12 11.91
C PRO A 85 13.31 -23.65 11.92
N THR A 86 14.11 -22.78 12.53
CA THR A 86 13.80 -21.35 12.48
C THR A 86 15.08 -20.54 12.32
N ALA A 87 14.90 -19.33 11.81
CA ALA A 87 16.02 -18.41 11.69
C ALA A 87 16.54 -17.98 13.06
N SER A 88 15.65 -17.84 14.06
CA SER A 88 16.13 -17.49 15.39
C SER A 88 17.03 -18.58 15.94
N ASN A 89 16.77 -19.85 15.59
CA ASN A 89 17.67 -20.92 16.00
C ASN A 89 19.05 -20.74 15.37
N SER A 90 19.10 -20.37 14.08
CA SER A 90 20.40 -20.12 13.46
C SER A 90 21.11 -18.95 14.14
N ILE A 91 20.39 -17.87 14.44
CA ILE A 91 20.97 -16.70 15.12
C ILE A 91 21.53 -17.10 16.47
N ASP A 92 20.80 -17.95 17.19
CA ASP A 92 21.20 -18.31 18.54
C ASP A 92 22.46 -19.18 18.53
N ILE A 93 22.58 -20.07 17.53
CA ILE A 93 23.78 -20.88 17.41
C ILE A 93 24.97 -20.00 17.06
N VAL A 94 24.74 -19.01 16.21
CA VAL A 94 25.79 -18.04 15.87
C VAL A 94 26.23 -17.31 17.12
N ALA A 95 25.26 -16.88 17.95
CA ALA A 95 25.60 -16.20 19.19
C ALA A 95 26.41 -17.11 20.11
N ALA A 96 26.05 -18.39 20.17
CA ALA A 96 26.85 -19.32 20.98
C ALA A 96 28.26 -19.42 20.44
N TRP A 97 28.41 -19.39 19.11
CA TRP A 97 29.74 -19.44 18.51
C TRP A 97 30.53 -18.18 18.85
N LEU A 98 29.89 -17.01 18.77
CA LEU A 98 30.61 -15.77 19.05
C LEU A 98 31.10 -15.75 20.49
N HIS A 99 30.25 -16.16 21.43
CA HIS A 99 30.69 -16.22 22.82
C HIS A 99 31.83 -17.21 22.99
N LYS A 100 31.70 -18.41 22.42
CA LYS A 100 32.73 -19.43 22.57
C LYS A 100 34.09 -18.95 22.06
N GLU A 101 34.07 -18.28 20.93
CA GLU A 101 35.34 -17.86 20.30
C GLU A 101 35.75 -16.49 20.81
N ASN A 102 35.07 -15.95 21.81
CA ASN A 102 35.39 -14.59 22.39
CA ASN A 102 35.38 -14.56 22.37
C ASN A 102 35.44 -13.28 21.52
N LYS A 103 34.47 -13.32 20.59
CA LYS A 103 34.36 -12.30 19.54
C LYS A 103 33.51 -11.13 20.04
N ARG A 104 34.16 -10.00 20.24
CA ARG A 104 33.42 -8.78 20.51
C ARG A 104 32.68 -8.39 19.23
N THR A 105 31.37 -8.17 19.35
CA THR A 105 30.47 -8.13 18.18
C THR A 105 29.73 -6.81 18.12
N ALA A 106 29.83 -6.13 16.99
CA ALA A 106 29.03 -4.95 16.72
C ALA A 106 27.76 -5.38 15.99
N LEU A 107 26.60 -5.01 16.55
CA LEU A 107 25.31 -5.43 16.02
C LEU A 107 24.61 -4.25 15.38
N ILE A 108 24.07 -4.46 14.18
CA ILE A 108 23.41 -3.38 13.46
C ILE A 108 22.28 -2.79 14.30
N GLU A 109 22.09 -1.48 14.19
CA GLU A 109 20.97 -0.78 14.80
C GLU A 109 20.36 0.14 13.75
N PRO A 110 19.05 0.08 13.51
CA PRO A 110 18.06 -0.77 14.19
C PRO A 110 18.17 -2.21 13.79
N ALA A 111 17.54 -3.09 14.58
CA ALA A 111 17.46 -4.52 14.31
C ALA A 111 16.22 -5.05 15.00
N PHE A 112 15.65 -6.14 14.47
CA PHE A 112 14.63 -6.80 15.27
C PHE A 112 15.24 -7.22 16.61
N ASP A 113 14.53 -6.93 17.70
CA ASP A 113 15.21 -6.86 19.00
C ASP A 113 15.65 -8.22 19.51
N ASN A 114 15.07 -9.33 19.02
CA ASN A 114 15.54 -10.60 19.58
C ASN A 114 16.92 -10.97 19.05
N LEU A 115 17.44 -10.29 18.02
CA LEU A 115 18.85 -10.48 17.69
C LEU A 115 19.73 -10.00 18.84
N TYR A 116 19.43 -8.81 19.35
CA TYR A 116 20.16 -8.31 20.52
C TYR A 116 19.92 -9.20 21.73
N LEU A 117 18.68 -9.61 21.98
CA LEU A 117 18.39 -10.39 23.18
C LEU A 117 19.10 -11.74 23.17
N LEU A 118 19.12 -12.40 22.02
CA LEU A 118 19.79 -13.71 21.90
C LEU A 118 21.31 -13.55 22.10
N LEU A 119 21.91 -12.54 21.50
CA LEU A 119 23.36 -12.30 21.65
C LEU A 119 23.68 -12.03 23.12
N LYS A 120 22.86 -11.21 23.75
CA LYS A 120 23.03 -10.84 25.16
C LYS A 120 22.86 -12.08 26.03
N ARG A 121 21.87 -12.91 25.72
CA ARG A 121 21.61 -14.11 26.53
C ARG A 121 22.81 -15.05 26.44
N ARG A 122 23.43 -15.14 25.27
CA ARG A 122 24.57 -16.04 25.07
C ARG A 122 25.88 -15.47 25.64
N GLY A 123 25.85 -14.29 26.25
CA GLY A 123 27.04 -13.72 26.85
C GLY A 123 27.93 -12.92 25.91
N VAL A 124 27.45 -12.55 24.72
CA VAL A 124 28.29 -11.84 23.77
C VAL A 124 28.50 -10.39 24.23
N ASP A 125 29.75 -9.92 24.13
CA ASP A 125 30.06 -8.51 24.32
C ASP A 125 29.59 -7.73 23.08
N ILE A 126 28.54 -6.92 23.25
CA ILE A 126 27.82 -6.30 22.14
C ILE A 126 28.07 -4.80 22.15
N SER A 127 28.26 -4.23 20.96
CA SER A 127 28.17 -2.79 20.78
C SER A 127 27.28 -2.51 19.57
N ALA A 128 26.77 -1.28 19.50
CA ALA A 128 25.86 -0.88 18.42
C ALA A 128 26.65 -0.32 17.25
N PHE A 129 26.13 -0.52 16.03
CA PHE A 129 26.60 0.29 14.92
C PHE A 129 25.44 0.70 14.04
N ASP A 130 25.49 1.95 13.60
CA ASP A 130 24.46 2.58 12.79
C ASP A 130 24.34 1.87 11.44
N GLU A 131 23.11 1.44 11.09
CA GLU A 131 22.89 0.83 9.78
C GLU A 131 23.43 1.72 8.66
N LEU A 132 23.41 3.04 8.84
CA LEU A 132 23.83 3.92 7.76
C LEU A 132 25.32 3.82 7.47
N ALA A 133 26.10 3.25 8.40
CA ALA A 133 27.52 3.00 8.12
C ALA A 133 27.70 2.03 6.96
N LEU A 134 26.69 1.22 6.64
CA LEU A 134 26.80 0.35 5.48
C LEU A 134 26.79 1.12 4.17
N LYS A 135 26.36 2.38 4.22
CA LYS A 135 26.29 3.25 3.02
C LYS A 135 27.28 4.42 3.11
N ASN A 136 28.01 4.46 4.20
CA ASN A 136 29.12 5.45 4.44
CA ASN A 136 29.15 5.42 4.39
C ASN A 136 30.52 4.79 4.75
N GLU A 137 31.33 4.85 3.70
CA GLU A 137 32.60 4.09 3.62
C GLU A 137 33.54 4.43 4.77
N HIS A 138 33.68 5.70 5.10
CA HIS A 138 34.61 5.96 6.19
C HIS A 138 33.97 5.82 7.57
N GLN A 139 32.64 5.92 7.68
CA GLN A 139 32.00 5.56 8.93
C GLN A 139 32.21 4.09 9.24
N LEU A 140 32.11 3.24 8.22
CA LEU A 140 32.35 1.81 8.43
C LEU A 140 33.83 1.54 8.72
N ALA A 141 34.72 2.21 8.02
CA ALA A 141 36.16 1.97 8.22
C ALA A 141 36.57 2.30 9.65
N GLN A 142 35.98 3.35 10.24
CA GLN A 142 36.35 3.70 11.60
C GLN A 142 35.84 2.67 12.59
N ILE A 143 34.66 2.09 12.32
CA ILE A 143 34.12 1.06 13.20
C ILE A 143 35.04 -0.16 13.20
N VAL A 144 35.48 -0.59 12.02
CA VAL A 144 36.28 -1.83 11.95
C VAL A 144 37.74 -1.60 12.32
N SER A 145 38.23 -0.35 12.24
CA SER A 145 39.62 -0.05 12.56
C SER A 145 39.87 0.17 14.05
N SER A 146 38.83 0.21 14.87
CA SER A 146 38.97 0.68 16.24
C SER A 146 39.77 -0.28 17.11
N GLY A 147 39.94 -1.53 16.68
CA GLY A 147 40.42 -2.55 17.58
C GLY A 147 39.47 -2.89 18.70
N ASP A 148 38.22 -2.42 18.64
CA ASP A 148 37.23 -2.74 19.65
C ASP A 148 36.37 -3.95 19.30
N ILE A 149 36.30 -4.35 18.03
CA ILE A 149 35.40 -5.43 17.65
C ILE A 149 36.13 -6.50 16.85
N ASP A 150 35.65 -7.73 16.98
CA ASP A 150 36.13 -8.86 16.21
C ASP A 150 35.09 -9.40 15.23
N ALA A 151 33.85 -8.93 15.30
CA ALA A 151 32.83 -9.45 14.42
C ALA A 151 31.77 -8.39 14.18
N LEU A 152 31.07 -8.53 13.07
CA LEU A 152 30.07 -7.55 12.62
C LEU A 152 28.81 -8.32 12.24
N PHE A 153 27.73 -8.09 12.98
CA PHE A 153 26.47 -8.79 12.80
C PHE A 153 25.51 -7.83 12.10
N LEU A 154 25.14 -8.15 10.87
CA LEU A 154 24.29 -7.25 10.10
C LEU A 154 23.08 -7.98 9.56
N VAL A 155 22.10 -7.19 9.14
CA VAL A 155 20.86 -7.67 8.56
C VAL A 155 20.68 -6.94 7.24
N ASN A 156 20.53 -7.70 6.15
CA ASN A 156 20.51 -7.13 4.81
C ASN A 156 19.49 -7.87 3.96
N PRO A 157 18.45 -7.19 3.45
CA PRO A 157 18.10 -5.80 3.76
C PRO A 157 17.63 -5.67 5.21
N ASN A 158 17.68 -4.49 5.81
CA ASN A 158 17.47 -4.37 7.25
C ASN A 158 15.99 -4.14 7.58
N ASN A 159 15.56 -4.73 8.68
CA ASN A 159 14.21 -4.63 9.20
C ASN A 159 14.22 -3.66 10.37
N PRO A 160 13.43 -2.58 10.37
CA PRO A 160 12.25 -2.27 9.56
C PRO A 160 12.42 -1.21 8.48
N THR A 161 13.65 -0.76 8.23
CA THR A 161 13.88 0.37 7.34
C THR A 161 14.01 0.01 5.87
N GLY A 162 14.14 -1.27 5.54
CA GLY A 162 14.41 -1.64 4.17
C GLY A 162 15.77 -1.23 3.64
N LEU A 163 16.69 -0.80 4.50
CA LEU A 163 18.02 -0.43 4.03
C LEU A 163 18.69 -1.64 3.38
N GLU A 164 19.22 -1.42 2.20
CA GLU A 164 19.77 -2.56 1.47
C GLU A 164 21.10 -2.17 0.87
N MET A 165 22.11 -3.00 1.09
CA MET A 165 23.45 -2.77 0.45
CA MET A 165 23.45 -2.75 0.45
C MET A 165 23.59 -3.10 -1.08
N THR A 166 24.20 -2.12 -1.75
CA THR A 166 24.54 -2.29 -3.17
C THR A 166 25.72 -3.23 -3.27
N GLU A 167 25.92 -3.75 -4.46
CA GLU A 167 27.02 -4.68 -4.62
C GLU A 167 28.34 -4.04 -4.21
N SER A 168 28.61 -2.81 -4.67
CA SER A 168 29.87 -2.17 -4.29
C SER A 168 29.93 -1.89 -2.79
N GLU A 169 28.80 -1.54 -2.16
CA GLU A 169 28.79 -1.37 -0.72
C GLU A 169 29.17 -2.66 -0.02
N PHE A 170 28.64 -3.78 -0.51
CA PHE A 170 28.93 -5.07 0.11
C PHE A 170 30.38 -5.49 -0.12
N VAL A 171 30.92 -5.20 -1.31
CA VAL A 171 32.32 -5.53 -1.56
C VAL A 171 33.23 -4.72 -0.65
N TYR A 172 32.93 -3.43 -0.48
CA TYR A 172 33.70 -2.60 0.44
C TYR A 172 33.63 -3.14 1.87
N LEU A 173 32.43 -3.54 2.31
CA LEU A 173 32.27 -4.12 3.64
C LEU A 173 33.18 -5.33 3.85
N VAL A 174 33.17 -6.25 2.89
CA VAL A 174 33.95 -7.47 3.01
C VAL A 174 35.44 -7.16 2.99
N GLU A 175 35.85 -6.21 2.15
CA GLU A 175 37.27 -5.85 2.09
C GLU A 175 37.74 -5.23 3.40
N GLN A 176 36.93 -4.35 3.98
CA GLN A 176 37.28 -3.75 5.26
C GLN A 176 37.36 -4.82 6.36
N CYS A 177 36.39 -5.74 6.40
CA CYS A 177 36.44 -6.81 7.42
C CYS A 177 37.65 -7.71 7.22
N LYS A 178 37.96 -8.03 5.97
CA LYS A 178 39.12 -8.87 5.69
C LYS A 178 40.41 -8.22 6.20
N ALA A 179 40.56 -6.92 5.95
CA ALA A 179 41.78 -6.24 6.36
C ALA A 179 41.92 -6.13 7.87
N HIS A 180 40.85 -6.38 8.63
CA HIS A 180 40.92 -6.28 10.08
C HIS A 180 40.58 -7.60 10.77
N ASN A 181 40.59 -8.70 10.02
CA ASN A 181 40.26 -10.03 10.54
C ASN A 181 38.93 -10.02 11.29
N ILE A 182 37.92 -9.38 10.70
CA ILE A 182 36.59 -9.28 11.29
C ILE A 182 35.69 -10.36 10.68
N THR A 183 35.04 -11.13 11.53
CA THR A 183 34.05 -12.11 11.12
C THR A 183 32.71 -11.45 10.81
N ILE A 184 32.09 -11.82 9.69
CA ILE A 184 30.78 -11.27 9.32
C ILE A 184 29.67 -12.28 9.59
N LEU A 185 28.63 -11.86 10.29
CA LEU A 185 27.40 -12.63 10.45
C LEU A 185 26.32 -11.88 9.67
N LEU A 186 25.74 -12.54 8.68
CA LEU A 186 24.91 -11.87 7.69
C LEU A 186 23.52 -12.49 7.70
N ASP A 187 22.55 -11.74 8.22
CA ASP A 187 21.18 -12.24 8.38
C ASP A 187 20.40 -11.82 7.12
N ARG A 188 20.16 -12.79 6.25
CA ARG A 188 19.51 -12.56 4.97
C ARG A 188 18.03 -12.95 4.99
N THR A 189 17.40 -12.86 6.15
CA THR A 189 16.01 -13.30 6.32
C THR A 189 15.08 -12.65 5.28
N PHE A 190 15.36 -11.40 4.90
CA PHE A 190 14.46 -10.69 3.99
C PHE A 190 15.04 -10.58 2.58
N ARG A 191 15.98 -11.48 2.23
CA ARG A 191 16.70 -11.43 0.96
C ARG A 191 15.76 -11.28 -0.25
N ILE A 192 14.70 -12.09 -0.29
CA ILE A 192 13.91 -12.13 -1.52
C ILE A 192 13.24 -10.78 -1.79
N TYR A 193 13.03 -9.95 -0.75
CA TYR A 193 12.41 -8.65 -0.95
C TYR A 193 13.38 -7.61 -1.49
N GLY A 194 14.68 -7.90 -1.55
CA GLY A 194 15.62 -6.90 -1.98
C GLY A 194 15.52 -6.59 -3.47
N LYS A 195 16.01 -5.39 -3.81
CA LYS A 195 16.08 -4.94 -5.20
C LYS A 195 17.37 -5.35 -5.89
N THR A 196 18.42 -5.65 -5.14
CA THR A 196 19.70 -6.01 -5.72
C THR A 196 19.69 -7.48 -6.17
N ASN A 197 20.70 -7.84 -6.97
CA ASN A 197 20.88 -9.25 -7.32
C ASN A 197 22.35 -9.44 -7.68
N PHE A 198 23.16 -9.78 -6.67
CA PHE A 198 24.54 -10.17 -6.84
C PHE A 198 24.80 -11.38 -5.95
N ASP A 199 25.95 -12.03 -6.18
CA ASP A 199 26.27 -13.28 -5.47
C ASP A 199 27.08 -12.93 -4.24
N ASP A 200 26.38 -12.72 -3.11
CA ASP A 200 27.09 -12.33 -1.91
C ASP A 200 27.93 -13.48 -1.35
N TYR A 201 27.45 -14.72 -1.51
CA TYR A 201 28.25 -15.89 -1.15
C TYR A 201 29.59 -15.91 -1.90
N GLN A 202 29.56 -15.62 -3.19
CA GLN A 202 30.82 -15.60 -3.94
C GLN A 202 31.78 -14.57 -3.37
N ILE A 203 31.28 -13.37 -3.06
CA ILE A 203 32.16 -12.32 -2.55
C ILE A 203 32.75 -12.73 -1.20
N LEU A 204 31.93 -13.31 -0.34
CA LEU A 204 32.40 -13.75 0.98
C LEU A 204 33.46 -14.84 0.84
N GLU A 205 33.15 -15.90 0.09
CA GLU A 205 34.09 -17.02 -0.03
C GLU A 205 35.41 -16.60 -0.66
N GLN A 206 35.37 -15.79 -1.72
CA GLN A 206 36.60 -15.41 -2.41
C GLN A 206 37.51 -14.57 -1.52
N SER A 207 36.93 -13.84 -0.57
CA SER A 207 37.72 -12.99 0.31
C SER A 207 38.51 -13.81 1.32
N GLY A 208 38.02 -15.01 1.65
CA GLY A 208 38.68 -15.82 2.64
C GLY A 208 38.27 -15.57 4.06
N ILE A 209 37.39 -14.58 4.32
CA ILE A 209 37.03 -14.26 5.69
C ILE A 209 36.16 -15.37 6.28
N ASP A 210 36.10 -15.39 7.61
CA ASP A 210 35.10 -16.22 8.28
C ASP A 210 33.75 -15.51 8.25
N TYR A 211 32.69 -16.29 8.08
CA TYR A 211 31.37 -15.71 7.94
C TYR A 211 30.34 -16.78 8.25
N VAL A 212 29.16 -16.33 8.65
CA VAL A 212 27.95 -17.14 8.67
C VAL A 212 26.86 -16.35 7.95
N VAL A 213 26.11 -17.01 7.07
CA VAL A 213 24.93 -16.41 6.43
C VAL A 213 23.69 -17.16 6.91
N ILE A 214 22.62 -16.43 7.18
CA ILE A 214 21.37 -17.01 7.68
C ILE A 214 20.28 -16.68 6.68
N GLU A 215 19.61 -17.72 6.16
CA GLU A 215 18.46 -17.59 5.28
C GLU A 215 17.19 -18.02 6.02
N ASP A 216 16.04 -17.69 5.45
CA ASP A 216 14.78 -17.99 6.13
C ASP A 216 13.66 -18.07 5.10
N THR A 217 12.73 -19.00 5.30
CA THR A 217 11.52 -19.03 4.49
C THR A 217 10.36 -18.27 5.13
N GLY A 218 10.45 -17.96 6.42
CA GLY A 218 9.26 -17.64 7.20
C GLY A 218 8.67 -16.28 6.95
N LYS A 219 9.46 -15.32 6.48
CA LYS A 219 8.95 -13.99 6.14
C LYS A 219 8.47 -13.91 4.69
N THR A 220 8.59 -14.99 3.93
CA THR A 220 8.42 -14.97 2.49
C THR A 220 7.36 -15.94 1.99
N TRP A 221 7.46 -17.21 2.36
CA TRP A 221 6.49 -18.18 1.91
C TRP A 221 5.55 -18.55 3.04
N PRO A 222 4.22 -18.52 2.83
CA PRO A 222 3.30 -18.70 3.95
C PRO A 222 3.01 -20.16 4.23
N THR A 223 3.78 -20.77 5.12
CA THR A 223 3.64 -22.19 5.42
C THR A 223 3.32 -22.42 6.89
N GLN A 224 2.56 -21.49 7.48
CA GLN A 224 2.05 -21.65 8.85
C GLN A 224 3.18 -21.91 9.84
N ASP A 225 4.30 -21.20 9.64
CA ASP A 225 5.47 -21.28 10.50
C ASP A 225 6.08 -22.68 10.51
N LEU A 226 5.84 -23.49 9.48
CA LEU A 226 6.66 -24.65 9.19
C LEU A 226 7.76 -24.15 8.27
N LYS A 227 8.96 -23.94 8.81
CA LYS A 227 9.96 -23.11 8.16
C LYS A 227 11.26 -23.88 7.99
N ILE A 228 12.13 -23.34 7.13
CA ILE A 228 13.50 -23.82 6.97
C ILE A 228 14.43 -22.61 7.01
N SER A 229 15.46 -22.68 7.85
CA SER A 229 16.51 -21.66 7.88
C SER A 229 17.85 -22.31 7.53
N LEU A 230 18.39 -21.98 6.36
CA LEU A 230 19.76 -22.38 6.03
C LEU A 230 20.75 -21.53 6.81
N MET A 231 21.75 -22.18 7.42
CA MET A 231 22.83 -21.54 8.15
C MET A 231 24.13 -21.97 7.48
N VAL A 232 24.79 -21.06 6.75
CA VAL A 232 25.92 -21.37 5.88
C VAL A 232 27.15 -20.64 6.39
N TYR A 233 28.31 -21.31 6.38
CA TYR A 233 29.48 -20.77 7.06
C TYR A 233 30.75 -21.17 6.32
N SER A 234 31.81 -20.42 6.57
CA SER A 234 33.10 -20.65 5.94
C SER A 234 33.70 -21.96 6.42
N GLU A 235 34.53 -22.57 5.56
CA GLU A 235 35.14 -23.85 5.89
C GLU A 235 35.87 -23.81 7.23
N ALA A 236 36.57 -22.70 7.51
CA ALA A 236 37.46 -22.66 8.67
C ALA A 236 36.73 -22.74 10.01
N ILE A 237 35.44 -22.39 10.06
CA ILE A 237 34.68 -22.47 11.29
C ILE A 237 33.61 -23.55 11.23
N SER A 238 33.60 -24.37 10.18
CA SER A 238 32.50 -25.31 9.98
C SER A 238 32.45 -26.38 11.06
N SER A 239 33.61 -26.88 11.50
CA SER A 239 33.60 -27.96 12.48
C SER A 239 32.94 -27.51 13.79
N THR A 240 33.28 -26.30 14.25
CA THR A 240 32.70 -25.79 15.48
C THR A 240 31.25 -25.37 15.28
N MET A 241 30.94 -24.71 14.16
CA MET A 241 29.54 -24.37 13.90
C MET A 241 28.66 -25.62 13.89
N ARG A 242 29.15 -26.71 13.30
CA ARG A 242 28.32 -27.91 13.22
C ARG A 242 28.18 -28.58 14.58
N LEU A 243 29.25 -28.55 15.38
CA LEU A 243 29.18 -29.09 16.74
C LEU A 243 28.10 -28.39 17.56
N LEU A 244 28.07 -27.06 17.50
CA LEU A 244 27.06 -26.31 18.24
C LEU A 244 25.66 -26.60 17.72
N TYR A 245 25.52 -26.74 16.40
CA TYR A 245 24.23 -27.11 15.82
C TYR A 245 23.75 -28.45 16.36
N GLU A 246 24.67 -29.43 16.45
CA GLU A 246 24.29 -30.78 16.84
C GLU A 246 24.02 -30.90 18.33
N GLU A 247 24.42 -29.94 19.15
CA GLU A 247 24.02 -29.96 20.58
C GLU A 247 22.50 -29.82 20.63
N ILE A 248 21.95 -29.04 19.73
CA ILE A 248 20.47 -28.85 19.68
CA ILE A 248 20.46 -28.79 19.64
C ILE A 248 19.54 -29.69 18.75
N PHE A 249 20.12 -29.88 17.57
CA PHE A 249 19.39 -30.61 16.51
C PHE A 249 20.18 -31.78 15.89
N LEU A 250 19.45 -32.87 15.61
CA LEU A 250 19.91 -33.86 14.66
C LEU A 250 19.65 -33.43 13.23
N CYS A 251 18.49 -32.82 12.98
CA CYS A 251 18.03 -32.49 11.63
C CYS A 251 16.77 -31.67 11.75
N SER A 252 16.34 -31.13 10.62
CA SER A 252 15.01 -30.57 10.46
C SER A 252 14.14 -31.61 9.77
N SER A 253 12.94 -31.23 9.37
CA SER A 253 11.96 -32.19 8.85
C SER A 253 12.13 -32.42 7.34
N ASN A 254 12.22 -33.68 6.94
CA ASN A 254 12.24 -33.96 5.50
C ASN A 254 10.94 -33.55 4.83
N PHE A 255 9.82 -33.60 5.55
CA PHE A 255 8.54 -33.14 5.00
C PHE A 255 8.61 -31.64 4.73
N ALA A 256 9.13 -30.89 5.70
CA ALA A 256 9.21 -29.43 5.56
C ALA A 256 10.16 -29.05 4.45
N LEU A 257 11.27 -29.79 4.32
CA LEU A 257 12.21 -29.50 3.24
C LEU A 257 11.57 -29.78 1.88
N ALA A 258 10.87 -30.90 1.74
CA ALA A 258 10.25 -31.20 0.46
C ALA A 258 9.19 -30.15 0.12
N LEU A 259 8.39 -29.73 1.11
CA LEU A 259 7.34 -28.76 0.87
C LEU A 259 7.91 -27.41 0.48
N LEU A 260 8.83 -26.90 1.29
CA LEU A 260 9.41 -25.58 1.03
C LEU A 260 10.27 -25.60 -0.24
N LYS A 261 10.92 -26.72 -0.54
CA LYS A 261 11.66 -26.79 -1.81
C LYS A 261 10.72 -26.54 -2.98
N GLN A 262 9.48 -27.02 -2.90
CA GLN A 262 8.54 -26.77 -3.99
C GLN A 262 8.07 -25.32 -4.01
N PHE A 263 7.86 -24.71 -2.85
CA PHE A 263 7.54 -23.28 -2.84
C PHE A 263 8.65 -22.49 -3.53
N VAL A 264 9.90 -22.81 -3.22
CA VAL A 264 11.03 -22.13 -3.83
C VAL A 264 11.02 -22.37 -5.34
N ALA A 265 10.81 -23.62 -5.75
CA ALA A 265 10.78 -23.95 -7.16
C ALA A 265 9.69 -23.20 -7.91
N VAL A 266 8.50 -23.09 -7.30
CA VAL A 266 7.41 -22.37 -7.95
C VAL A 266 7.75 -20.89 -8.08
N THR A 267 8.41 -20.32 -7.06
CA THR A 267 8.85 -18.94 -7.17
C THR A 267 9.88 -18.77 -8.28
N ALA A 268 10.78 -19.74 -8.43
CA ALA A 268 11.70 -19.67 -9.57
C ALA A 268 10.97 -19.77 -10.89
N LYS A 269 9.93 -20.61 -10.96
CA LYS A 269 9.26 -20.84 -12.24
C LYS A 269 8.50 -19.60 -12.70
N PHE A 270 7.78 -18.95 -11.79
CA PHE A 270 6.96 -17.81 -12.21
C PHE A 270 7.61 -16.47 -11.90
N GLY A 271 8.70 -16.50 -11.16
CA GLY A 271 9.45 -15.29 -10.86
C GLY A 271 9.04 -14.67 -9.54
N VAL A 272 9.94 -13.91 -8.91
CA VAL A 272 9.64 -13.22 -7.62
CA VAL A 272 9.70 -13.19 -7.66
C VAL A 272 8.51 -12.12 -7.51
N ASP A 273 8.48 -11.41 -8.63
CA ASP A 273 7.46 -10.33 -8.82
C ASP A 273 6.06 -10.93 -8.87
N ALA A 274 5.80 -11.88 -9.74
CA ALA A 274 4.44 -12.44 -9.81
C ALA A 274 4.07 -13.18 -8.54
N THR A 275 5.04 -13.80 -7.86
CA THR A 275 4.70 -14.65 -6.72
C THR A 275 4.89 -13.99 -5.36
N ILE A 276 5.65 -12.89 -5.27
CA ILE A 276 5.94 -12.32 -3.97
C ILE A 276 5.89 -10.80 -3.99
N LYS A 277 6.64 -10.17 -4.91
CA LYS A 277 6.85 -8.74 -4.76
C LYS A 277 5.61 -7.94 -5.17
N ASN A 278 4.89 -8.38 -6.20
CA ASN A 278 3.71 -7.64 -6.64
C ASN A 278 2.69 -7.56 -5.52
N GLU A 279 2.52 -8.65 -4.77
CA GLU A 279 1.55 -8.62 -3.67
C GLU A 279 1.98 -7.66 -2.58
N VAL A 280 3.27 -7.66 -2.29
CA VAL A 280 3.82 -6.75 -1.25
C VAL A 280 3.58 -5.31 -1.69
N ARG A 281 3.77 -5.00 -2.96
CA ARG A 281 3.50 -3.64 -3.52
CA ARG A 281 3.51 -3.66 -3.51
C ARG A 281 2.04 -3.01 -3.44
N ARG A 282 1.15 -3.97 -3.71
CA ARG A 282 -0.30 -3.73 -3.64
C ARG A 282 -0.69 -3.45 -2.19
N ARG A 283 -0.20 -4.28 -1.25
CA ARG A 283 -0.56 -4.03 0.15
C ARG A 283 0.12 -2.78 0.69
N SER A 284 1.35 -2.52 0.26
CA SER A 284 2.01 -1.26 0.56
C SER A 284 1.17 -0.07 0.10
N GLU A 285 0.68 -0.11 -1.15
CA GLU A 285 -0.15 0.98 -1.66
C GLU A 285 -1.43 1.13 -0.84
N THR A 286 -2.03 0.01 -0.42
CA THR A 286 -3.24 0.08 0.39
C THR A 286 -3.03 0.92 1.65
N ILE A 287 -1.92 0.69 2.37
CA ILE A 287 -1.67 1.48 3.57
C ILE A 287 -1.38 2.92 3.22
N ASN A 288 -0.54 3.15 2.21
CA ASN A 288 -0.21 4.52 1.84
C ASN A 288 -1.46 5.30 1.49
N ASP A 289 -2.36 4.70 0.71
CA ASP A 289 -3.58 5.39 0.32
C ASP A 289 -4.50 5.60 1.51
N ALA A 290 -4.52 4.64 2.44
CA ALA A 290 -5.36 4.77 3.62
C ALA A 290 -4.88 5.91 4.50
N LEU A 291 -3.56 6.09 4.64
CA LEU A 291 -3.04 7.08 5.57
C LEU A 291 -2.78 8.44 4.92
N ALA A 292 -2.98 8.57 3.62
CA ALA A 292 -2.85 9.86 2.95
C ALA A 292 -3.74 10.91 3.63
N GLY A 293 -3.13 12.05 3.97
CA GLY A 293 -3.84 13.16 4.55
C GLY A 293 -4.13 13.06 6.03
N THR A 294 -3.73 11.97 6.68
CA THR A 294 -4.00 11.82 8.11
C THR A 294 -2.94 12.44 9.00
N GLY A 295 -1.77 12.81 8.44
CA GLY A 295 -0.64 13.22 9.23
C GLY A 295 0.34 12.11 9.56
N LEU A 296 -0.07 10.85 9.44
CA LEU A 296 0.84 9.73 9.58
C LEU A 296 1.61 9.58 8.28
N LYS A 297 2.94 9.46 8.36
CA LYS A 297 3.80 9.51 7.19
C LYS A 297 4.55 8.20 7.04
N VAL A 298 4.22 7.43 6.00
CA VAL A 298 4.94 6.21 5.70
C VAL A 298 6.40 6.53 5.38
N PHE A 299 7.32 5.86 6.07
CA PHE A 299 8.74 6.01 5.81
C PHE A 299 9.07 5.53 4.42
N ASP A 300 9.79 6.37 3.68
CA ASP A 300 10.12 6.04 2.30
C ASP A 300 11.30 6.89 1.85
N ASN A 301 12.06 6.35 0.90
CA ASN A 301 13.16 7.06 0.27
C ASN A 301 13.51 6.32 -1.01
N ASP A 302 14.50 6.86 -1.74
CA ASP A 302 14.85 6.30 -3.04
C ASP A 302 15.65 5.01 -2.93
N GLU A 303 16.36 4.79 -1.82
CA GLU A 303 17.32 3.68 -1.79
C GLU A 303 16.75 2.40 -1.20
N LYS A 304 15.67 2.46 -0.42
CA LYS A 304 15.20 1.30 0.33
C LYS A 304 14.53 0.26 -0.59
N CYS A 305 14.48 -0.98 -0.13
CA CYS A 305 13.62 -1.96 -0.77
C CYS A 305 12.28 -2.01 -0.02
N GLN A 306 11.31 -2.69 -0.62
CA GLN A 306 9.98 -2.82 -0.02
C GLN A 306 9.91 -4.13 0.77
N LEU A 307 9.99 -4.02 2.09
CA LEU A 307 9.80 -5.15 2.98
C LEU A 307 8.30 -5.46 3.11
N PRO A 308 7.94 -6.66 3.64
CA PRO A 308 6.54 -7.02 3.85
C PRO A 308 5.95 -6.31 5.08
N LEU A 309 6.30 -5.06 5.16
CA LEU A 309 5.88 -4.23 6.29
C LEU A 309 6.04 -2.76 5.94
N CYS A 310 5.27 -1.96 6.64
CA CYS A 310 5.32 -0.46 6.59
CA CYS A 310 5.33 -0.53 6.61
C CYS A 310 5.77 0.21 7.97
N TRP A 311 6.73 1.10 7.81
CA TRP A 311 7.35 1.84 8.94
C TRP A 311 6.72 3.24 8.89
N ILE A 312 6.00 3.61 9.93
CA ILE A 312 5.11 4.77 9.88
C ILE A 312 5.49 5.77 10.97
N ASP A 313 5.71 7.01 10.55
CA ASP A 313 6.01 8.11 11.45
C ASP A 313 4.70 8.70 11.97
N ILE A 314 4.43 8.56 13.27
CA ILE A 314 3.18 9.03 13.87
C ILE A 314 3.39 10.33 14.66
N SER A 315 4.54 11.00 14.46
CA SER A 315 4.87 12.17 15.26
C SER A 315 3.84 13.28 15.12
N ALA A 316 3.16 13.37 13.98
CA ALA A 316 2.17 14.42 13.81
C ALA A 316 1.01 14.28 14.80
N THR A 317 0.75 13.08 15.32
CA THR A 317 -0.40 12.87 16.20
C THR A 317 -0.18 13.36 17.62
N GLY A 318 1.07 13.61 18.02
CA GLY A 318 1.36 13.95 19.40
C GLY A 318 1.49 12.80 20.36
N TYR A 319 1.15 11.58 19.92
CA TYR A 319 1.33 10.36 20.70
C TYR A 319 2.72 9.79 20.44
N ASP A 320 3.26 9.07 21.43
CA ASP A 320 4.40 8.24 21.12
C ASP A 320 3.90 6.85 20.73
N ASP A 321 4.83 5.99 20.31
CA ASP A 321 4.44 4.73 19.67
C ASP A 321 3.66 3.83 20.60
N VAL A 322 4.13 3.70 21.83
CA VAL A 322 3.48 2.77 22.79
C VAL A 322 2.08 3.26 23.10
N SER A 323 1.90 4.57 23.28
CA SER A 323 0.54 5.14 23.54
CA SER A 323 0.58 5.23 23.47
C SER A 323 -0.61 5.06 22.45
N PHE A 324 -0.07 5.28 21.25
CA PHE A 324 -0.84 5.14 19.99
C PHE A 324 -1.19 3.66 19.78
N ALA A 325 -0.23 2.76 19.94
CA ALA A 325 -0.58 1.35 19.81
C ALA A 325 -1.60 0.94 20.87
N ALA A 326 -1.50 1.52 22.07
CA ALA A 326 -2.47 1.21 23.12
C ALA A 326 -3.87 1.66 22.74
N ARG A 327 -3.98 2.84 22.13
CA ARG A 327 -5.29 3.32 21.69
C ARG A 327 -5.86 2.45 20.58
N LEU A 328 -5.01 2.07 19.61
CA LEU A 328 -5.47 1.21 18.51
C LEU A 328 -5.96 -0.14 19.03
N LYS A 329 -5.31 -0.67 20.07
CA LYS A 329 -5.76 -1.93 20.64
C LYS A 329 -7.19 -1.84 21.17
N GLU A 330 -7.59 -0.69 21.70
CA GLU A 330 -8.98 -0.55 22.14
C GLU A 330 -9.95 -0.63 20.97
N HIS A 331 -9.45 -0.54 19.74
CA HIS A 331 -10.22 -0.71 18.52
C HIS A 331 -9.94 -2.03 17.83
N ASP A 332 -9.35 -2.99 18.58
CA ASP A 332 -9.10 -4.36 18.12
C ASP A 332 -8.01 -4.43 17.06
N ILE A 333 -7.09 -3.46 17.03
CA ILE A 333 -6.02 -3.44 16.05
C ILE A 333 -4.68 -3.47 16.79
N ALA A 334 -3.82 -4.41 16.42
CA ALA A 334 -2.50 -4.54 17.05
C ALA A 334 -1.41 -4.15 16.07
N VAL A 335 -0.60 -3.16 16.45
CA VAL A 335 0.57 -2.75 15.69
C VAL A 335 1.81 -2.86 16.60
N LEU A 336 2.99 -2.74 15.99
CA LEU A 336 4.26 -2.82 16.73
C LEU A 336 4.76 -1.43 17.05
N PRO A 337 4.91 -1.04 18.32
CA PRO A 337 5.63 0.20 18.60
C PRO A 337 7.08 0.05 18.15
N GLY A 338 7.61 1.12 17.55
CA GLY A 338 8.87 1.01 16.85
C GLY A 338 10.12 1.17 17.68
N ARG A 339 10.02 1.73 18.89
CA ARG A 339 11.23 2.10 19.63
C ARG A 339 12.15 0.91 19.90
N PHE A 340 11.58 -0.29 20.06
CA PHE A 340 12.41 -1.45 20.40
C PHE A 340 13.35 -1.85 19.29
N PHE A 341 13.06 -1.50 18.04
CA PHE A 341 14.03 -1.77 16.97
C PHE A 341 15.32 -1.01 17.18
N TYR A 342 15.25 0.18 17.80
CA TYR A 342 16.45 0.94 18.12
C TYR A 342 16.92 0.52 19.51
N TRP A 343 17.42 -0.73 19.56
CA TRP A 343 17.61 -1.44 20.81
C TRP A 343 18.65 -0.79 21.73
N ASN A 344 19.52 0.06 21.19
CA ASN A 344 20.51 0.78 21.99
C ASN A 344 20.14 2.23 22.25
N SER A 345 18.96 2.67 21.80
CA SER A 345 18.66 4.09 21.89
C SER A 345 17.16 4.32 21.79
N LYS A 346 16.39 3.50 22.51
CA LYS A 346 14.93 3.43 22.30
C LYS A 346 14.26 4.78 22.43
N SER A 347 14.61 5.53 23.48
CA SER A 347 13.92 6.78 23.78
C SER A 347 14.20 7.87 22.78
N GLN A 348 15.20 7.71 21.92
CA GLN A 348 15.39 8.66 20.83
C GLN A 348 14.61 8.28 19.59
N HIS A 349 13.87 7.17 19.63
CA HIS A 349 13.16 6.67 18.45
C HIS A 349 11.77 6.16 18.84
N THR A 350 10.92 7.05 19.39
CA THR A 350 9.59 6.68 19.85
C THR A 350 8.46 7.16 18.92
N GLN A 351 8.77 7.56 17.70
CA GLN A 351 7.74 8.19 16.88
C GLN A 351 7.23 7.30 15.75
N PHE A 352 7.55 6.00 15.78
CA PHE A 352 7.22 5.09 14.69
C PHE A 352 6.39 3.92 15.17
N ILE A 353 5.49 3.44 14.31
CA ILE A 353 4.89 2.12 14.47
C ILE A 353 5.22 1.31 13.22
N ARG A 354 5.21 -0.01 13.40
CA ARG A 354 5.40 -0.93 12.28
C ARG A 354 4.10 -1.70 12.06
N VAL A 355 3.67 -1.73 10.82
CA VAL A 355 2.46 -2.47 10.41
C VAL A 355 2.89 -3.53 9.40
N SER A 356 2.71 -4.79 9.75
CA SER A 356 3.01 -5.93 8.81
CA SER A 356 2.91 -5.99 8.87
C SER A 356 1.91 -6.24 7.70
N LEU A 357 2.42 -6.48 6.51
CA LEU A 357 1.55 -6.64 5.32
C LEU A 357 1.07 -8.06 5.03
N MET A 358 1.87 -9.07 5.34
CA MET A 358 1.55 -10.40 4.79
C MET A 358 0.69 -11.20 5.77
N LYS A 359 -0.51 -10.68 6.01
CA LYS A 359 -1.48 -11.28 6.91
C LYS A 359 -2.60 -11.90 6.10
N PRO A 360 -3.45 -12.73 6.73
CA PRO A 360 -4.58 -13.31 6.00
C PRO A 360 -5.39 -12.25 5.29
N ASP A 361 -5.68 -12.50 4.02
CA ASP A 361 -6.04 -11.42 3.10
C ASP A 361 -7.27 -10.65 3.58
N ALA A 362 -8.33 -11.36 3.95
CA ALA A 362 -9.56 -10.68 4.35
C ALA A 362 -9.34 -9.86 5.61
N GLU A 363 -8.73 -10.47 6.63
CA GLU A 363 -8.35 -9.73 7.83
C GLU A 363 -7.49 -8.51 7.49
N PHE A 364 -6.53 -8.67 6.58
CA PHE A 364 -5.65 -7.55 6.26
C PHE A 364 -6.44 -6.37 5.72
N TYR A 365 -7.24 -6.60 4.67
CA TYR A 365 -7.91 -5.49 3.99
C TYR A 365 -9.00 -4.89 4.87
N GLU A 366 -9.83 -5.74 5.48
CA GLU A 366 -10.81 -5.22 6.44
C GLU A 366 -10.10 -4.46 7.56
N GLY A 367 -8.96 -4.97 8.01
CA GLY A 367 -8.26 -4.37 9.13
C GLY A 367 -7.67 -3.01 8.81
N ILE A 368 -7.20 -2.82 7.58
CA ILE A 368 -6.66 -1.52 7.21
C ILE A 368 -7.79 -0.49 7.12
N GLY A 369 -8.97 -0.91 6.65
CA GLY A 369 -10.12 -0.02 6.68
C GLY A 369 -10.52 0.34 8.11
N LYS A 370 -10.44 -0.62 9.02
CA LYS A 370 -10.69 -0.30 10.42
C LYS A 370 -9.61 0.60 10.97
N LEU A 371 -8.36 0.41 10.54
CA LEU A 371 -7.26 1.25 10.99
C LEU A 371 -7.44 2.70 10.57
N LYS A 372 -7.85 2.91 9.31
CA LYS A 372 -8.13 4.26 8.82
C LYS A 372 -9.22 4.92 9.65
N GLU A 373 -10.28 4.18 9.96
CA GLU A 373 -11.39 4.72 10.74
C GLU A 373 -10.95 5.02 12.18
N ALA A 374 -10.16 4.12 12.78
CA ALA A 374 -9.67 4.35 14.13
C ALA A 374 -8.76 5.57 14.20
N VAL A 375 -7.83 5.72 13.25
CA VAL A 375 -6.99 6.90 13.20
C VAL A 375 -7.85 8.16 13.08
N THR A 376 -8.83 8.13 12.17
CA THR A 376 -9.74 9.26 12.03
C THR A 376 -10.42 9.56 13.35
N ARG A 377 -11.00 8.54 14.00
CA ARG A 377 -11.71 8.76 15.25
C ARG A 377 -10.78 9.19 16.38
N ILE A 378 -9.54 8.68 16.39
CA ILE A 378 -8.60 9.07 17.43
C ILE A 378 -8.21 10.54 17.28
N LEU A 379 -7.93 10.96 16.05
CA LEU A 379 -7.51 12.34 15.83
C LEU A 379 -8.66 13.32 16.04
N GLU A 380 -9.89 12.93 15.70
CA GLU A 380 -11.01 13.85 15.91
C GLU A 380 -11.37 13.95 17.40
N LYS A 381 -11.21 12.87 18.16
CA LYS A 381 -11.36 12.98 19.61
C LYS A 381 -10.29 13.88 20.19
N LEU A 382 -9.14 14.00 19.52
CA LEU A 382 -8.09 14.89 19.95
C LEU A 382 -8.36 16.35 19.62
N GLU A 383 -9.18 16.63 18.60
CA GLU A 383 -9.61 18.00 18.36
C GLU A 383 -10.58 18.48 19.44
N HIS A 384 -11.30 17.56 20.07
CA HIS A 384 -12.18 17.89 21.20
C HIS A 384 -11.43 17.88 22.53
N HIS A 385 -10.10 18.03 22.51
CA HIS A 385 -9.30 18.05 23.72
C HIS A 385 -8.30 19.20 23.71
N THR B 3 37.39 -34.84 13.05
CA THR B 3 38.32 -35.57 13.91
C THR B 3 38.11 -37.08 13.80
N ASP B 4 38.94 -37.83 14.53
CA ASP B 4 38.99 -39.28 14.38
C ASP B 4 37.99 -40.03 15.26
N ARG B 5 37.55 -39.45 16.35
CA ARG B 5 36.64 -40.13 17.27
C ARG B 5 35.32 -39.37 17.35
N TYR B 6 34.39 -39.91 18.13
CA TYR B 6 33.08 -39.31 18.28
C TYR B 6 33.06 -38.46 19.54
N ASP B 7 32.43 -37.30 19.43
CA ASP B 7 32.27 -36.39 20.54
C ASP B 7 30.85 -36.34 21.08
N SER B 8 29.88 -36.92 20.38
CA SER B 8 28.50 -36.87 20.83
C SER B 8 27.71 -38.00 20.20
N LEU B 9 26.61 -38.35 20.86
CA LEU B 9 25.67 -39.29 20.27
C LEU B 9 25.09 -38.72 18.97
N THR B 10 24.79 -37.42 18.93
CA THR B 10 24.21 -36.85 17.71
C THR B 10 25.16 -36.99 16.53
N GLU B 11 26.47 -36.86 16.77
CA GLU B 11 27.44 -37.02 15.69
C GLU B 11 27.37 -38.43 15.11
N VAL B 12 27.27 -39.45 15.97
CA VAL B 12 27.12 -40.81 15.49
C VAL B 12 25.81 -40.97 14.72
N GLU B 13 24.74 -40.35 15.23
CA GLU B 13 23.44 -40.44 14.58
C GLU B 13 23.45 -39.76 13.22
N VAL B 14 24.12 -38.61 13.10
CA VAL B 14 24.24 -37.93 11.81
C VAL B 14 24.93 -38.83 10.80
N GLU B 15 26.07 -39.42 11.21
CA GLU B 15 26.77 -40.37 10.36
C GLU B 15 25.88 -41.55 10.00
N GLY B 16 25.08 -42.04 10.94
CA GLY B 16 24.17 -43.14 10.66
C GLY B 16 23.13 -42.85 9.60
N LEU B 17 22.82 -41.58 9.35
CA LEU B 17 21.82 -41.23 8.34
C LEU B 17 22.21 -41.66 6.93
N SER B 18 23.48 -42.02 6.70
CA SER B 18 23.97 -42.43 5.39
C SER B 18 24.18 -43.93 5.26
N TYR B 19 23.71 -44.72 6.23
CA TYR B 19 23.93 -46.17 6.24
C TYR B 19 22.65 -46.91 5.87
N LEU B 20 22.85 -48.06 5.21
CA LEU B 20 21.71 -48.82 4.69
C LEU B 20 20.76 -49.24 5.81
N TYR B 21 21.30 -49.76 6.90
CA TYR B 21 20.51 -50.16 8.06
C TYR B 21 20.93 -49.26 9.23
N ASN B 22 20.16 -48.21 9.47
CA ASN B 22 20.48 -47.20 10.49
C ASN B 22 19.64 -47.43 11.74
N PHE B 23 20.26 -48.04 12.75
CA PHE B 23 19.64 -48.22 14.07
C PHE B 23 20.16 -47.22 15.10
N ALA B 24 20.65 -46.06 14.68
CA ALA B 24 21.33 -45.15 15.62
C ALA B 24 20.33 -44.24 16.35
N ASP B 25 19.73 -43.29 15.64
CA ASP B 25 18.90 -42.31 16.35
C ASP B 25 17.55 -42.91 16.73
N GLY B 26 16.93 -42.31 17.75
CA GLY B 26 15.69 -42.77 18.31
C GLY B 26 14.46 -42.00 17.87
N HIS B 27 14.57 -41.17 16.84
CA HIS B 27 13.40 -40.48 16.30
C HIS B 27 12.47 -41.49 15.63
N ALA B 28 11.16 -41.31 15.84
CA ALA B 28 10.17 -42.23 15.31
C ALA B 28 10.12 -42.11 13.79
N TYR B 29 10.50 -43.19 13.10
CA TYR B 29 10.45 -43.21 11.64
C TYR B 29 9.80 -44.47 11.10
N HIS B 30 8.97 -45.14 11.91
CA HIS B 30 8.30 -46.33 11.39
C HIS B 30 7.22 -45.93 10.41
N ASP B 31 6.69 -46.91 9.70
CA ASP B 31 5.67 -46.66 8.71
C ASP B 31 4.35 -46.26 9.38
N ILE B 32 3.56 -45.49 8.65
CA ILE B 32 2.21 -45.14 9.08
C ILE B 32 1.36 -46.40 9.09
N ASN B 33 0.80 -46.75 10.25
CA ASN B 33 0.01 -47.98 10.34
C ASN B 33 -1.44 -47.72 9.95
N GLU B 34 -2.25 -48.77 10.01
CA GLU B 34 -3.62 -48.66 9.55
C GLU B 34 -4.41 -47.63 10.35
N HIS B 35 -4.03 -47.39 11.60
CA HIS B 35 -4.79 -46.45 12.41
C HIS B 35 -4.50 -45.01 12.04
N TYR B 36 -3.33 -44.73 11.48
CA TYR B 36 -2.90 -43.38 11.17
C TYR B 36 -3.01 -43.03 9.68
N VAL B 37 -3.24 -44.02 8.81
CA VAL B 37 -3.19 -43.79 7.37
C VAL B 37 -4.19 -42.72 6.93
N ASP B 38 -5.36 -42.68 7.58
CA ASP B 38 -6.38 -41.70 7.20
C ASP B 38 -5.90 -40.27 7.43
N ILE B 39 -5.01 -40.06 8.39
CA ILE B 39 -4.46 -38.73 8.64
C ILE B 39 -3.64 -38.26 7.45
N ILE B 40 -2.73 -39.12 6.98
CA ILE B 40 -1.88 -38.78 5.85
C ILE B 40 -2.70 -38.67 4.58
N ASN B 41 -3.69 -39.55 4.41
CA ASN B 41 -4.57 -39.44 3.26
C ASN B 41 -5.32 -38.10 3.22
N ASN B 42 -5.43 -37.42 4.35
CA ASN B 42 -6.17 -36.16 4.42
C ASN B 42 -5.32 -35.06 5.06
N LEU B 43 -4.06 -34.92 4.63
CA LEU B 43 -3.21 -33.87 5.18
C LEU B 43 -3.84 -32.49 5.00
N GLN B 44 -4.58 -32.28 3.91
CA GLN B 44 -5.22 -31.00 3.65
C GLN B 44 -6.17 -30.58 4.77
N ARG B 45 -6.82 -31.52 5.44
CA ARG B 45 -7.71 -31.17 6.53
C ARG B 45 -6.97 -30.47 7.66
N TYR B 46 -5.74 -30.89 7.94
CA TYR B 46 -5.00 -30.33 9.06
C TYR B 46 -4.28 -29.06 8.65
N TRP B 47 -3.87 -28.95 7.39
CA TRP B 47 -3.48 -27.65 6.84
C TRP B 47 -4.61 -26.64 7.02
N GLN B 48 -5.83 -27.01 6.62
CA GLN B 48 -6.97 -26.10 6.72
C GLN B 48 -7.28 -25.75 8.18
N GLU B 49 -7.25 -26.74 9.07
CA GLU B 49 -7.51 -26.48 10.49
C GLU B 49 -6.50 -25.48 11.05
N GLY B 50 -5.23 -25.60 10.69
CA GLY B 50 -4.24 -24.63 11.15
C GLY B 50 -4.57 -23.21 10.69
N LYS B 51 -5.08 -23.07 9.47
CA LYS B 51 -5.46 -21.75 8.98
C LYS B 51 -6.68 -21.20 9.71
N ASP B 52 -7.60 -22.07 10.12
CA ASP B 52 -8.92 -21.65 10.61
C ASP B 52 -8.92 -21.21 12.06
N HIS B 53 -7.79 -21.32 12.75
CA HIS B 53 -7.70 -21.04 14.17
C HIS B 53 -6.48 -20.17 14.45
N SER B 54 -6.61 -19.31 15.46
CA SER B 54 -5.49 -18.51 15.91
C SER B 54 -4.40 -19.40 16.51
N ILE B 55 -3.19 -18.84 16.57
CA ILE B 55 -2.10 -19.58 17.22
C ILE B 55 -2.40 -19.91 18.67
N PRO B 56 -2.85 -18.98 19.52
CA PRO B 56 -3.13 -19.38 20.92
C PRO B 56 -4.19 -20.45 21.04
N ASP B 57 -5.24 -20.39 20.22
CA ASP B 57 -6.30 -21.38 20.37
C ASP B 57 -5.86 -22.76 19.87
N MET B 58 -5.00 -22.82 18.85
CA MET B 58 -4.47 -24.11 18.43
C MET B 58 -3.45 -24.67 19.42
N GLU B 59 -2.64 -23.78 20.03
CA GLU B 59 -1.79 -24.22 21.13
C GLU B 59 -2.61 -24.89 22.23
N LYS B 60 -3.70 -24.25 22.63
CA LYS B 60 -4.52 -24.81 23.70
C LYS B 60 -5.24 -26.08 23.26
N ALA B 61 -5.70 -26.11 22.00
CA ALA B 61 -6.42 -27.29 21.54
C ALA B 61 -5.51 -28.52 21.54
N PHE B 62 -4.25 -28.35 21.14
CA PHE B 62 -3.33 -29.49 21.21
C PHE B 62 -3.06 -29.89 22.65
N LYS B 63 -2.72 -28.91 23.49
CA LYS B 63 -2.48 -29.21 24.90
C LYS B 63 -3.66 -29.96 25.52
N ASN B 64 -4.89 -29.51 25.23
CA ASN B 64 -6.07 -30.14 25.81
C ASN B 64 -6.25 -31.56 25.26
N GLN B 65 -6.04 -31.76 23.96
CA GLN B 65 -6.15 -33.11 23.41
C GLN B 65 -5.13 -34.03 24.05
N PHE B 66 -3.91 -33.53 24.31
CA PHE B 66 -2.91 -34.34 24.97
C PHE B 66 -3.30 -34.65 26.41
N ALA B 67 -3.87 -33.65 27.11
CA ALA B 67 -4.38 -33.86 28.47
C ALA B 67 -5.41 -34.97 28.50
N GLU B 68 -6.27 -35.03 27.48
CA GLU B 68 -7.25 -36.11 27.38
C GLU B 68 -6.56 -37.45 27.24
N LEU B 69 -5.58 -37.54 26.34
CA LEU B 69 -4.89 -38.81 26.12
C LEU B 69 -4.27 -39.31 27.41
N ILE B 70 -3.60 -38.42 28.15
CA ILE B 70 -2.94 -38.83 29.40
C ILE B 70 -3.85 -38.69 30.61
N ASP B 71 -5.10 -38.27 30.41
CA ASP B 71 -6.10 -38.17 31.45
C ASP B 71 -5.59 -37.37 32.65
N SER B 72 -5.22 -36.11 32.38
CA SER B 72 -4.78 -35.22 33.44
C SER B 72 -5.67 -33.98 33.41
N SER B 73 -6.60 -33.89 34.36
CA SER B 73 -7.39 -32.67 34.44
C SER B 73 -6.52 -31.47 34.79
N THR B 74 -5.42 -31.68 35.51
CA THR B 74 -4.54 -30.57 35.85
C THR B 74 -3.92 -29.94 34.61
N LEU B 75 -3.34 -30.76 33.71
CA LEU B 75 -2.80 -30.20 32.48
C LEU B 75 -3.89 -29.51 31.68
N HIS B 76 -5.08 -30.10 31.70
CA HIS B 76 -6.22 -29.52 30.94
C HIS B 76 -6.50 -28.12 31.47
N SER B 77 -6.47 -27.96 32.78
CA SER B 77 -6.73 -26.66 33.44
CA SER B 77 -6.66 -26.68 33.51
C SER B 77 -5.77 -25.44 33.34
N THR B 78 -4.51 -25.85 33.21
CA THR B 78 -3.38 -24.89 33.19
C THR B 78 -3.18 -24.16 31.86
N ASN B 79 -2.89 -22.87 31.96
CA ASN B 79 -2.47 -22.08 30.82
C ASN B 79 -1.00 -21.70 30.90
N HIS B 80 -0.24 -22.23 31.86
CA HIS B 80 1.17 -21.88 32.00
C HIS B 80 2.02 -22.89 31.22
N PHE B 81 2.14 -22.64 29.91
CA PHE B 81 2.88 -23.52 29.03
C PHE B 81 3.26 -22.79 27.76
N SER B 82 4.31 -23.27 27.10
CA SER B 82 4.70 -22.82 25.76
C SER B 82 4.91 -24.03 24.87
N VAL B 83 4.96 -23.78 23.56
CA VAL B 83 5.00 -24.82 22.54
C VAL B 83 6.25 -24.62 21.70
N CYS B 84 7.19 -25.59 21.74
CA CYS B 84 8.44 -25.53 21.00
C CYS B 84 8.42 -26.52 19.83
N PRO B 85 9.16 -26.24 18.76
CA PRO B 85 9.24 -27.20 17.64
C PRO B 85 9.97 -28.49 17.98
N THR B 86 10.87 -28.49 18.96
CA THR B 86 11.55 -29.72 19.37
C THR B 86 11.72 -29.73 20.88
N ALA B 87 11.86 -30.93 21.43
CA ALA B 87 12.10 -31.14 22.88
C ALA B 87 13.46 -30.54 23.28
N SER B 88 14.45 -30.59 22.40
CA SER B 88 15.80 -30.01 22.66
C SER B 88 15.67 -28.50 22.88
N ASN B 89 14.80 -27.84 22.12
CA ASN B 89 14.55 -26.40 22.33
C ASN B 89 14.00 -26.17 23.74
N SER B 90 13.08 -27.02 24.18
CA SER B 90 12.48 -26.89 25.53
C SER B 90 13.58 -27.07 26.59
N ILE B 91 14.42 -28.07 26.40
CA ILE B 91 15.52 -28.31 27.37
C ILE B 91 16.46 -27.11 27.38
N ASP B 92 16.77 -26.58 26.21
CA ASP B 92 17.71 -25.44 26.11
C ASP B 92 17.12 -24.24 26.86
N ILE B 93 15.83 -23.97 26.71
CA ILE B 93 15.23 -22.85 27.43
C ILE B 93 15.28 -23.08 28.93
N VAL B 94 15.01 -24.32 29.35
CA VAL B 94 15.10 -24.67 30.77
C VAL B 94 16.52 -24.42 31.27
N ALA B 95 17.52 -24.84 30.47
CA ALA B 95 18.91 -24.62 30.89
C ALA B 95 19.23 -23.13 31.02
N ALA B 96 18.77 -22.32 30.06
CA ALA B 96 18.95 -20.88 30.17
C ALA B 96 18.31 -20.34 31.45
N TRP B 97 17.16 -20.90 31.83
CA TRP B 97 16.48 -20.45 33.06
C TRP B 97 17.29 -20.86 34.29
N LEU B 98 17.81 -22.09 34.30
CA LEU B 98 18.64 -22.53 35.42
C LEU B 98 19.84 -21.63 35.59
N HIS B 99 20.46 -21.22 34.48
CA HIS B 99 21.62 -20.35 34.58
C HIS B 99 21.22 -18.97 35.07
N LYS B 100 20.17 -18.39 34.49
CA LYS B 100 19.75 -17.05 34.88
C LYS B 100 19.41 -16.99 36.38
N GLU B 101 18.76 -18.03 36.90
CA GLU B 101 18.31 -18.10 38.28
C GLU B 101 19.34 -18.74 39.20
N ASN B 102 20.56 -18.97 38.72
CA ASN B 102 21.69 -19.41 39.54
C ASN B 102 21.39 -20.72 40.27
N LYS B 103 20.83 -21.69 39.53
CA LYS B 103 20.39 -22.96 40.11
C LYS B 103 21.46 -24.02 39.87
N ARG B 104 22.13 -24.44 40.95
CA ARG B 104 22.99 -25.62 40.92
C ARG B 104 22.11 -26.86 40.66
N THR B 105 22.44 -27.62 39.62
CA THR B 105 21.51 -28.58 39.02
C THR B 105 22.14 -29.97 39.00
N ALA B 106 21.47 -30.95 39.62
CA ALA B 106 21.86 -32.35 39.51
C ALA B 106 21.12 -32.96 38.33
N LEU B 107 21.87 -33.58 37.42
CA LEU B 107 21.32 -34.15 36.20
C LEU B 107 21.39 -35.67 36.26
N ILE B 108 20.29 -36.34 35.88
CA ILE B 108 20.26 -37.80 35.93
C ILE B 108 21.39 -38.39 35.09
N GLU B 109 21.97 -39.49 35.58
CA GLU B 109 22.95 -40.27 34.84
C GLU B 109 22.54 -41.74 34.92
N PRO B 110 22.44 -42.45 33.79
CA PRO B 110 22.72 -41.98 32.44
C PRO B 110 21.62 -41.08 31.87
N ALA B 111 21.92 -40.39 30.78
CA ALA B 111 20.95 -39.54 30.11
C ALA B 111 21.39 -39.40 28.66
N PHE B 112 20.44 -39.12 27.78
CA PHE B 112 20.84 -38.75 26.42
C PHE B 112 21.72 -37.50 26.51
N ASP B 113 22.86 -37.54 25.83
CA ASP B 113 23.96 -36.67 26.22
C ASP B 113 23.74 -35.20 25.88
N ASN B 114 22.86 -34.89 24.93
CA ASN B 114 22.67 -33.47 24.65
C ASN B 114 21.97 -32.73 25.78
N LEU B 115 21.32 -33.46 26.71
CA LEU B 115 20.83 -32.80 27.91
C LEU B 115 22.00 -32.23 28.69
N TYR B 116 23.04 -33.03 28.81
CA TYR B 116 24.25 -32.56 29.49
C TYR B 116 24.91 -31.43 28.69
N LEU B 117 25.01 -31.61 27.40
CA LEU B 117 25.73 -30.63 26.56
C LEU B 117 25.03 -29.27 26.62
N LEU B 118 23.70 -29.27 26.55
CA LEU B 118 22.92 -28.01 26.56
C LEU B 118 23.06 -27.29 27.90
N LEU B 119 22.96 -28.03 29.00
CA LEU B 119 23.12 -27.40 30.34
C LEU B 119 24.55 -26.87 30.43
N LYS B 120 25.53 -27.61 29.97
CA LYS B 120 26.93 -27.16 30.02
C LYS B 120 27.10 -25.92 29.15
N ARG B 121 26.52 -25.92 27.95
CA ARG B 121 26.64 -24.80 27.00
C ARG B 121 26.05 -23.52 27.60
N ARG B 122 24.96 -23.65 28.36
CA ARG B 122 24.27 -22.52 29.05
C ARG B 122 24.99 -22.07 30.33
N GLY B 123 26.04 -22.74 30.73
CA GLY B 123 26.80 -22.32 31.93
C GLY B 123 26.21 -22.83 33.23
N VAL B 124 25.35 -23.83 33.20
CA VAL B 124 24.78 -24.33 34.45
C VAL B 124 25.84 -25.09 35.23
N ASP B 125 25.79 -24.96 36.55
CA ASP B 125 26.69 -25.67 37.47
C ASP B 125 26.12 -27.07 37.71
N ILE B 126 26.72 -28.03 37.04
CA ILE B 126 26.19 -29.41 36.95
C ILE B 126 26.90 -30.44 37.82
N SER B 127 26.08 -31.18 38.51
CA SER B 127 26.46 -32.42 39.25
CA SER B 127 26.39 -32.43 39.26
C SER B 127 25.61 -33.68 38.78
N ALA B 128 26.25 -34.84 38.84
CA ALA B 128 25.54 -36.05 38.39
C ALA B 128 24.79 -36.72 39.55
N PHE B 129 23.65 -37.31 39.25
CA PHE B 129 23.05 -38.19 40.24
C PHE B 129 22.59 -39.48 39.56
N ASP B 130 22.77 -40.58 40.28
CA ASP B 130 22.46 -41.91 39.77
C ASP B 130 20.95 -42.07 39.54
N GLU B 131 20.58 -42.58 38.35
CA GLU B 131 19.17 -42.82 38.07
C GLU B 131 18.53 -43.70 39.13
N LEU B 132 19.30 -44.63 39.72
CA LEU B 132 18.77 -45.52 40.74
C LEU B 132 18.37 -44.79 42.03
N ALA B 133 18.80 -43.53 42.22
CA ALA B 133 18.32 -42.77 43.37
C ALA B 133 16.82 -42.57 43.31
N LEU B 134 16.23 -42.56 42.12
CA LEU B 134 14.79 -42.37 41.98
C LEU B 134 14.00 -43.54 42.54
N LYS B 135 14.65 -44.69 42.80
CA LYS B 135 13.95 -45.86 43.28
C LYS B 135 14.46 -46.29 44.65
N ASN B 136 15.31 -45.49 45.28
CA ASN B 136 15.80 -45.76 46.63
C ASN B 136 15.62 -44.50 47.46
N GLU B 137 14.77 -44.58 48.49
CA GLU B 137 14.34 -43.37 49.18
C GLU B 137 15.49 -42.69 49.93
N HIS B 138 16.36 -43.49 50.53
CA HIS B 138 17.43 -42.89 51.34
C HIS B 138 18.47 -42.19 50.47
N GLN B 139 18.76 -42.76 49.29
CA GLN B 139 19.75 -42.16 48.41
C GLN B 139 19.26 -40.80 47.89
N LEU B 140 18.00 -40.74 47.48
CA LEU B 140 17.44 -39.47 47.01
C LEU B 140 17.40 -38.43 48.12
N ALA B 141 17.07 -38.84 49.35
CA ALA B 141 16.99 -37.89 50.45
C ALA B 141 18.36 -37.31 50.78
N GLN B 142 19.42 -38.12 50.70
CA GLN B 142 20.77 -37.60 50.88
C GLN B 142 21.09 -36.54 49.83
N ILE B 143 20.66 -36.78 48.59
CA ILE B 143 20.98 -35.87 47.49
C ILE B 143 20.34 -34.50 47.71
N VAL B 144 19.04 -34.48 47.99
CA VAL B 144 18.33 -33.20 48.05
C VAL B 144 18.65 -32.45 49.32
N SER B 145 19.03 -33.15 50.39
CA SER B 145 19.29 -32.50 51.67
C SER B 145 20.76 -32.09 51.84
N SER B 146 21.61 -32.33 50.84
CA SER B 146 23.02 -32.01 50.98
C SER B 146 23.28 -30.51 51.04
N GLY B 147 22.39 -29.69 50.49
CA GLY B 147 22.66 -28.29 50.31
C GLY B 147 23.57 -27.98 49.15
N ASP B 148 23.94 -28.98 48.35
CA ASP B 148 24.81 -28.80 47.20
C ASP B 148 24.04 -28.55 45.90
N ILE B 149 22.72 -28.66 45.89
CA ILE B 149 21.97 -28.47 44.66
C ILE B 149 20.71 -27.65 44.91
N ASP B 150 20.20 -27.03 43.83
CA ASP B 150 18.97 -26.25 43.87
C ASP B 150 17.90 -26.77 42.94
N ALA B 151 18.22 -27.74 42.10
CA ALA B 151 17.37 -28.17 41.01
C ALA B 151 17.76 -29.59 40.66
N LEU B 152 16.78 -30.37 40.24
CA LEU B 152 17.00 -31.76 39.89
C LEU B 152 16.39 -32.00 38.52
N PHE B 153 17.23 -32.40 37.57
CA PHE B 153 16.83 -32.62 36.18
C PHE B 153 16.80 -34.12 35.95
N LEU B 154 15.60 -34.67 35.74
CA LEU B 154 15.44 -36.10 35.54
C LEU B 154 14.69 -36.38 34.25
N VAL B 155 14.82 -37.62 33.78
CA VAL B 155 14.15 -38.12 32.59
C VAL B 155 13.35 -39.33 33.02
N ASN B 156 12.04 -39.31 32.77
CA ASN B 156 11.18 -40.40 33.20
C ASN B 156 10.15 -40.72 32.11
N PRO B 157 10.08 -41.97 31.63
CA PRO B 157 11.05 -43.04 31.88
C PRO B 157 12.40 -42.68 31.29
N ASN B 158 13.49 -43.24 31.81
CA ASN B 158 14.83 -42.81 31.40
C ASN B 158 15.29 -43.53 30.13
N ASN B 159 15.98 -42.78 29.28
CA ASN B 159 16.63 -43.28 28.07
C ASN B 159 18.12 -43.44 28.36
N PRO B 160 18.73 -44.64 28.21
CA PRO B 160 18.29 -45.84 27.49
C PRO B 160 17.80 -46.99 28.33
N THR B 161 17.69 -46.83 29.65
CA THR B 161 17.47 -47.97 30.55
C THR B 161 16.00 -48.33 30.71
N GLY B 162 15.09 -47.41 30.36
CA GLY B 162 13.68 -47.63 30.62
C GLY B 162 13.26 -47.57 32.07
N LEU B 163 14.14 -47.10 32.97
CA LEU B 163 13.77 -46.94 34.37
C LEU B 163 12.58 -46.01 34.47
N GLU B 164 11.59 -46.38 35.28
CA GLU B 164 10.37 -45.59 35.37
C GLU B 164 9.90 -45.53 36.81
N MET B 165 9.54 -44.34 37.26
CA MET B 165 9.06 -44.17 38.63
C MET B 165 7.62 -44.66 38.78
N THR B 166 7.36 -45.38 39.88
CA THR B 166 6.00 -45.64 40.30
C THR B 166 5.38 -44.36 40.83
N GLU B 167 4.06 -44.41 41.06
CA GLU B 167 3.37 -43.25 41.63
C GLU B 167 3.94 -42.91 43.00
N SER B 168 4.08 -43.91 43.88
CA SER B 168 4.61 -43.64 45.21
C SER B 168 6.04 -43.12 45.13
N GLU B 169 6.84 -43.63 44.18
CA GLU B 169 8.19 -43.08 44.00
C GLU B 169 8.14 -41.64 43.50
N PHE B 170 7.22 -41.32 42.59
CA PHE B 170 7.13 -39.93 42.12
C PHE B 170 6.65 -39.01 43.24
N VAL B 171 5.65 -39.44 44.01
CA VAL B 171 5.14 -38.64 45.12
C VAL B 171 6.26 -38.37 46.11
N TYR B 172 7.08 -39.38 46.40
CA TYR B 172 8.19 -39.21 47.34
C TYR B 172 9.21 -38.20 46.81
N LEU B 173 9.52 -38.27 45.51
CA LEU B 173 10.47 -37.33 44.92
C LEU B 173 9.98 -35.88 45.09
N VAL B 174 8.72 -35.63 44.77
CA VAL B 174 8.16 -34.29 44.88
C VAL B 174 8.13 -33.83 46.33
N GLU B 175 7.74 -34.72 47.26
CA GLU B 175 7.77 -34.38 48.68
C GLU B 175 9.17 -33.95 49.11
N GLN B 176 10.18 -34.71 48.71
CA GLN B 176 11.55 -34.43 49.14
C GLN B 176 12.05 -33.12 48.53
N CYS B 177 11.78 -32.89 47.24
CA CYS B 177 12.19 -31.61 46.64
C CYS B 177 11.44 -30.44 47.24
N LYS B 178 10.16 -30.62 47.54
CA LYS B 178 9.40 -29.55 48.18
C LYS B 178 10.04 -29.17 49.50
N ALA B 179 10.37 -30.18 50.32
CA ALA B 179 10.92 -29.96 51.64
C ALA B 179 12.25 -29.18 51.58
N HIS B 180 12.98 -29.26 50.46
CA HIS B 180 14.26 -28.57 50.37
C HIS B 180 14.27 -27.51 49.26
N ASN B 181 13.09 -27.10 48.79
CA ASN B 181 12.96 -26.05 47.76
C ASN B 181 13.88 -26.33 46.57
N ILE B 182 13.81 -27.56 46.07
CA ILE B 182 14.51 -27.98 44.87
C ILE B 182 13.54 -27.88 43.71
N THR B 183 13.97 -27.24 42.62
CA THR B 183 13.16 -27.17 41.41
C THR B 183 13.29 -28.47 40.61
N ILE B 184 12.16 -28.97 40.11
CA ILE B 184 12.14 -30.21 39.35
C ILE B 184 12.02 -29.89 37.86
N LEU B 185 12.92 -30.44 37.07
CA LEU B 185 12.83 -30.40 35.62
C LEU B 185 12.58 -31.83 35.17
N LEU B 186 11.45 -32.07 34.51
CA LEU B 186 10.98 -33.43 34.25
C LEU B 186 10.83 -33.65 32.75
N ASP B 187 11.73 -34.44 32.18
CA ASP B 187 11.71 -34.75 30.75
C ASP B 187 10.87 -36.00 30.52
N ARG B 188 9.68 -35.82 29.95
CA ARG B 188 8.72 -36.89 29.74
C ARG B 188 8.65 -37.30 28.27
N THR B 189 9.77 -37.13 27.55
CA THR B 189 9.83 -37.44 26.13
C THR B 189 9.29 -38.85 25.84
N PHE B 190 9.60 -39.81 26.70
CA PHE B 190 9.19 -41.19 26.45
C PHE B 190 7.94 -41.58 27.27
N ARG B 191 7.13 -40.59 27.66
CA ARG B 191 5.97 -40.84 28.53
C ARG B 191 5.08 -41.95 28.00
N ILE B 192 4.75 -41.92 26.71
CA ILE B 192 3.72 -42.85 26.20
C ILE B 192 4.17 -44.31 26.30
N TYR B 193 5.48 -44.56 26.37
CA TYR B 193 5.99 -45.93 26.50
C TYR B 193 5.96 -46.45 27.94
N GLY B 194 5.82 -45.57 28.94
CA GLY B 194 5.80 -46.03 30.32
C GLY B 194 4.63 -46.94 30.60
N LYS B 195 4.76 -47.70 31.70
CA LYS B 195 3.70 -48.61 32.13
C LYS B 195 2.72 -47.96 33.10
N THR B 196 3.13 -46.93 33.82
CA THR B 196 2.29 -46.26 34.81
C THR B 196 1.28 -45.34 34.13
N ASN B 197 0.27 -44.92 34.89
CA ASN B 197 -0.79 -44.11 34.33
C ASN B 197 -1.22 -42.94 35.21
N PHE B 198 -0.49 -42.65 36.29
CA PHE B 198 -0.93 -41.65 37.25
C PHE B 198 -0.75 -40.24 36.68
N ASP B 199 -1.28 -39.26 37.41
CA ASP B 199 -1.33 -37.86 36.96
C ASP B 199 -0.18 -37.08 37.59
N ASP B 200 0.98 -37.09 36.92
CA ASP B 200 2.13 -36.39 37.49
C ASP B 200 1.90 -34.88 37.55
N TYR B 201 1.15 -34.33 36.60
CA TYR B 201 0.87 -32.88 36.59
C TYR B 201 0.11 -32.49 37.85
N GLN B 202 -0.83 -33.31 38.29
CA GLN B 202 -1.60 -33.06 39.57
CA GLN B 202 -1.60 -33.04 39.56
C GLN B 202 -0.84 -32.97 40.95
N ILE B 203 0.08 -33.92 40.94
CA ILE B 203 1.07 -34.09 42.04
C ILE B 203 2.00 -32.88 42.05
N LEU B 204 2.52 -32.49 40.90
CA LEU B 204 3.38 -31.31 40.87
C LEU B 204 2.61 -30.04 41.21
N GLU B 205 1.42 -29.88 40.62
CA GLU B 205 0.64 -28.68 40.88
C GLU B 205 0.20 -28.61 42.33
N GLN B 206 -0.28 -29.73 42.89
CA GLN B 206 -0.73 -29.73 44.28
C GLN B 206 0.41 -29.41 45.22
N SER B 207 1.62 -29.85 44.91
CA SER B 207 2.74 -29.71 45.83
C SER B 207 3.20 -28.28 45.97
N GLY B 208 2.91 -27.41 45.00
CA GLY B 208 3.37 -26.04 45.04
C GLY B 208 4.82 -25.82 44.62
N ILE B 209 5.56 -26.89 44.26
CA ILE B 209 6.97 -26.71 43.91
C ILE B 209 7.09 -26.02 42.55
N ASP B 210 8.29 -25.47 42.31
CA ASP B 210 8.64 -25.00 40.98
C ASP B 210 9.04 -26.18 40.12
N TYR B 211 8.54 -26.19 38.89
CA TYR B 211 8.79 -27.32 38.00
C TYR B 211 8.63 -26.87 36.56
N VAL B 212 9.30 -27.60 35.67
CA VAL B 212 9.02 -27.59 34.24
C VAL B 212 8.88 -29.04 33.79
N VAL B 213 7.84 -29.31 33.02
CA VAL B 213 7.66 -30.62 32.40
C VAL B 213 7.81 -30.43 30.89
N ILE B 214 8.53 -31.36 30.26
CA ILE B 214 8.79 -31.33 28.83
C ILE B 214 8.18 -32.56 28.20
N GLU B 215 7.30 -32.36 27.22
CA GLU B 215 6.71 -33.45 26.46
C GLU B 215 7.32 -33.46 25.06
N ASP B 216 7.05 -34.53 24.31
CA ASP B 216 7.59 -34.66 22.96
C ASP B 216 6.70 -35.59 22.14
N THR B 217 6.43 -35.20 20.89
CA THR B 217 5.82 -36.16 19.96
C THR B 217 6.85 -36.99 19.20
N GLY B 218 8.11 -36.54 19.13
CA GLY B 218 9.06 -37.04 18.16
C GLY B 218 9.52 -38.48 18.36
N LYS B 219 9.46 -38.99 19.59
CA LYS B 219 9.85 -40.38 19.80
C LYS B 219 8.69 -41.35 19.68
N THR B 220 7.49 -40.85 19.36
CA THR B 220 6.27 -41.63 19.50
C THR B 220 5.48 -41.71 18.20
N TRP B 221 5.21 -40.59 17.56
CA TRP B 221 4.41 -40.57 16.36
C TRP B 221 5.29 -40.23 15.17
N PRO B 222 5.22 -41.01 14.07
CA PRO B 222 6.17 -40.80 12.96
C PRO B 222 5.70 -39.73 12.00
N THR B 223 6.13 -38.50 12.23
CA THR B 223 5.72 -37.38 11.37
C THR B 223 6.93 -36.70 10.73
N GLN B 224 7.96 -37.49 10.38
CA GLN B 224 9.15 -37.03 9.69
C GLN B 224 9.77 -35.81 10.37
N ASP B 225 9.90 -35.90 11.70
CA ASP B 225 10.54 -34.88 12.52
C ASP B 225 9.83 -33.53 12.45
N LEU B 226 8.58 -33.53 12.02
CA LEU B 226 7.67 -32.40 12.23
C LEU B 226 7.06 -32.62 13.62
N LYS B 227 7.58 -31.93 14.63
CA LYS B 227 7.30 -32.32 16.02
C LYS B 227 6.69 -31.18 16.81
N ILE B 228 6.17 -31.52 18.00
CA ILE B 228 5.64 -30.57 18.96
C ILE B 228 6.15 -30.96 20.34
N SER B 229 6.72 -29.99 21.06
CA SER B 229 7.16 -30.20 22.44
C SER B 229 6.43 -29.22 23.35
N LEU B 230 5.53 -29.73 24.18
CA LEU B 230 4.94 -28.90 25.22
C LEU B 230 5.94 -28.68 26.34
N MET B 231 6.03 -27.44 26.80
CA MET B 231 6.85 -27.07 27.94
C MET B 231 5.90 -26.41 28.94
N VAL B 232 5.64 -27.09 30.06
CA VAL B 232 4.63 -26.70 31.03
C VAL B 232 5.35 -26.41 32.36
N TYR B 233 4.94 -25.35 33.05
CA TYR B 233 5.72 -24.90 34.20
C TYR B 233 4.81 -24.29 35.25
N SER B 234 5.34 -24.22 36.48
CA SER B 234 4.62 -23.68 37.62
C SER B 234 4.33 -22.20 37.43
N GLU B 235 3.25 -21.73 38.05
CA GLU B 235 2.87 -20.32 37.93
C GLU B 235 4.00 -19.41 38.37
N ALA B 236 4.72 -19.78 39.44
CA ALA B 236 5.67 -18.84 40.01
C ALA B 236 6.84 -18.55 39.08
N ILE B 237 7.15 -19.45 38.14
CA ILE B 237 8.26 -19.21 37.23
C ILE B 237 7.77 -18.96 35.80
N SER B 238 6.45 -18.81 35.61
CA SER B 238 5.91 -18.71 34.25
C SER B 238 6.38 -17.45 33.53
N SER B 239 6.41 -16.31 34.22
CA SER B 239 6.79 -15.06 33.57
C SER B 239 8.20 -15.14 33.01
N THR B 240 9.15 -15.61 33.80
CA THR B 240 10.52 -15.70 33.33
C THR B 240 10.71 -16.83 32.32
N MET B 241 10.03 -17.96 32.50
CA MET B 241 10.13 -19.01 31.48
C MET B 241 9.58 -18.53 30.14
N ARG B 242 8.47 -17.79 30.16
CA ARG B 242 7.91 -17.30 28.91
C ARG B 242 8.79 -16.22 28.29
N LEU B 243 9.44 -15.39 29.13
CA LEU B 243 10.37 -14.41 28.60
C LEU B 243 11.50 -15.08 27.81
N LEU B 244 12.10 -16.13 28.38
CA LEU B 244 13.20 -16.81 27.69
C LEU B 244 12.72 -17.51 26.43
N TYR B 245 11.54 -18.15 26.49
CA TYR B 245 10.95 -18.75 25.30
C TYR B 245 10.80 -17.71 24.19
N GLU B 246 10.30 -16.52 24.54
CA GLU B 246 10.02 -15.49 23.55
C GLU B 246 11.28 -14.83 23.00
N GLU B 247 12.44 -15.04 23.63
CA GLU B 247 13.67 -14.61 22.96
C GLU B 247 13.93 -15.43 21.69
N ILE B 248 13.44 -16.66 21.64
CA ILE B 248 13.75 -17.55 20.54
C ILE B 248 12.55 -17.75 19.61
N PHE B 249 11.34 -17.85 20.17
CA PHE B 249 10.15 -18.20 19.38
C PHE B 249 9.03 -17.19 19.59
N LEU B 250 8.33 -16.92 18.49
CA LEU B 250 6.97 -16.37 18.56
C LEU B 250 5.95 -17.48 18.80
N CYS B 251 6.15 -18.63 18.14
CA CYS B 251 5.22 -19.74 18.19
C CYS B 251 5.86 -20.90 17.43
N SER B 252 5.23 -22.07 17.49
CA SER B 252 5.52 -23.18 16.60
C SER B 252 4.50 -23.14 15.46
N SER B 253 4.38 -24.24 14.71
CA SER B 253 3.50 -24.28 13.53
C SER B 253 2.07 -24.71 13.87
N ASN B 254 1.08 -23.91 13.43
CA ASN B 254 -0.31 -24.32 13.59
C ASN B 254 -0.62 -25.56 12.76
N PHE B 255 0.09 -25.75 11.65
CA PHE B 255 -0.09 -26.97 10.85
C PHE B 255 0.40 -28.19 11.62
N ALA B 256 1.61 -28.09 12.18
CA ALA B 256 2.16 -29.11 13.07
C ALA B 256 1.22 -29.43 14.22
N LEU B 257 0.70 -28.41 14.89
CA LEU B 257 -0.20 -28.64 16.04
C LEU B 257 -1.47 -29.37 15.58
N ALA B 258 -2.04 -28.97 14.46
CA ALA B 258 -3.28 -29.62 13.97
C ALA B 258 -3.00 -31.07 13.59
N LEU B 259 -1.91 -31.29 12.87
CA LEU B 259 -1.56 -32.66 12.44
C LEU B 259 -1.31 -33.56 13.65
N LEU B 260 -0.50 -33.09 14.59
CA LEU B 260 -0.14 -33.88 15.79
C LEU B 260 -1.34 -34.09 16.71
N LYS B 261 -2.24 -33.12 16.78
CA LYS B 261 -3.48 -33.25 17.60
C LYS B 261 -4.26 -34.47 17.10
N GLN B 262 -4.36 -34.68 15.80
CA GLN B 262 -5.08 -35.87 15.26
C GLN B 262 -4.37 -37.16 15.68
N PHE B 263 -3.04 -37.19 15.58
CA PHE B 263 -2.28 -38.41 15.97
C PHE B 263 -2.60 -38.71 17.43
N VAL B 264 -2.54 -37.71 18.28
CA VAL B 264 -2.90 -37.88 19.69
C VAL B 264 -4.33 -38.40 19.81
N ALA B 265 -5.28 -37.74 19.12
CA ALA B 265 -6.68 -38.12 19.23
C ALA B 265 -6.91 -39.56 18.80
N VAL B 266 -6.26 -39.99 17.73
CA VAL B 266 -6.46 -41.36 17.26
C VAL B 266 -5.88 -42.36 18.25
N THR B 267 -4.71 -42.03 18.83
CA THR B 267 -4.11 -42.89 19.85
C THR B 267 -5.03 -43.03 21.05
N ALA B 268 -5.64 -41.93 21.48
CA ALA B 268 -6.59 -41.99 22.59
C ALA B 268 -7.82 -42.81 22.23
N LYS B 269 -8.31 -42.69 20.99
CA LYS B 269 -9.52 -43.40 20.60
C LYS B 269 -9.29 -44.91 20.56
N PHE B 270 -8.23 -45.35 19.86
CA PHE B 270 -8.00 -46.79 19.69
C PHE B 270 -7.12 -47.39 20.78
N GLY B 271 -6.45 -46.56 21.57
CA GLY B 271 -5.62 -47.05 22.66
C GLY B 271 -4.16 -47.10 22.28
N VAL B 272 -3.31 -46.88 23.28
CA VAL B 272 -1.87 -46.85 23.00
C VAL B 272 -1.35 -48.23 22.61
N ASP B 273 -1.98 -49.30 23.10
CA ASP B 273 -1.52 -50.64 22.72
C ASP B 273 -1.73 -50.89 21.23
N ALA B 274 -2.97 -50.69 20.75
CA ALA B 274 -3.25 -50.98 19.35
C ALA B 274 -2.41 -50.10 18.42
N THR B 275 -2.24 -48.83 18.76
CA THR B 275 -1.61 -47.88 17.83
C THR B 275 -0.09 -47.83 17.97
N ILE B 276 0.40 -48.01 19.18
CA ILE B 276 1.86 -47.92 19.46
CA ILE B 276 1.86 -47.95 19.45
C ILE B 276 2.71 -49.10 20.04
N LYS B 277 2.27 -49.47 21.23
CA LYS B 277 2.96 -50.51 22.04
C LYS B 277 2.96 -51.90 21.38
N ASN B 278 1.90 -52.29 20.70
CA ASN B 278 1.91 -53.63 20.14
C ASN B 278 3.09 -53.82 19.19
N GLU B 279 3.29 -52.88 18.26
CA GLU B 279 4.38 -52.96 17.31
C GLU B 279 5.73 -52.92 18.02
N VAL B 280 5.84 -52.06 19.04
CA VAL B 280 7.08 -52.00 19.82
C VAL B 280 7.38 -53.36 20.44
N ARG B 281 6.35 -54.03 20.95
CA ARG B 281 6.53 -55.36 21.51
C ARG B 281 7.07 -56.32 20.46
N ARG B 282 6.45 -56.32 19.27
CA ARG B 282 6.88 -57.21 18.20
C ARG B 282 8.34 -56.97 17.84
N ARG B 283 8.75 -55.70 17.78
CA ARG B 283 10.13 -55.41 17.38
C ARG B 283 11.12 -55.79 18.48
N SER B 284 10.74 -55.57 19.74
CA SER B 284 11.61 -55.96 20.84
C SER B 284 11.78 -57.49 20.90
N GLU B 285 10.68 -58.24 20.76
CA GLU B 285 10.80 -59.69 20.69
C GLU B 285 11.66 -60.11 19.50
N THR B 286 11.54 -59.41 18.38
CA THR B 286 12.31 -59.76 17.18
C THR B 286 13.81 -59.68 17.44
N ILE B 287 14.27 -58.55 18.00
CA ILE B 287 15.69 -58.38 18.25
C ILE B 287 16.13 -59.25 19.44
N ASN B 288 15.24 -59.51 20.39
CA ASN B 288 15.60 -60.41 21.49
C ASN B 288 15.84 -61.83 20.99
N ASP B 289 14.94 -62.33 20.14
CA ASP B 289 15.12 -63.67 19.58
C ASP B 289 16.37 -63.75 18.71
N ALA B 290 16.73 -62.65 18.05
CA ALA B 290 17.90 -62.68 17.18
C ALA B 290 19.19 -62.68 17.97
N LEU B 291 19.25 -61.94 19.08
CA LEU B 291 20.47 -61.89 19.86
C LEU B 291 20.60 -63.04 20.85
N ALA B 292 19.53 -63.78 21.12
CA ALA B 292 19.63 -64.92 22.04
C ALA B 292 20.71 -65.88 21.57
N GLY B 293 21.57 -66.30 22.50
CA GLY B 293 22.60 -67.25 22.17
C GLY B 293 23.79 -66.70 21.42
N THR B 294 23.97 -65.37 21.41
CA THR B 294 25.12 -64.74 20.79
C THR B 294 26.19 -64.33 21.79
N GLY B 295 25.85 -64.24 23.07
CA GLY B 295 26.72 -63.62 24.03
C GLY B 295 26.42 -62.16 24.26
N LEU B 296 25.59 -61.56 23.43
CA LEU B 296 25.08 -60.22 23.66
C LEU B 296 23.89 -60.32 24.61
N LYS B 297 23.92 -59.52 25.68
CA LYS B 297 22.88 -59.57 26.72
C LYS B 297 22.02 -58.31 26.63
N VAL B 298 20.78 -58.48 26.16
CA VAL B 298 19.81 -57.38 26.19
C VAL B 298 19.55 -56.98 27.64
N PHE B 299 19.69 -55.67 27.91
CA PHE B 299 19.42 -55.15 29.25
C PHE B 299 17.94 -55.29 29.57
N ASP B 300 17.64 -55.90 30.72
CA ASP B 300 16.25 -56.20 31.05
C ASP B 300 16.10 -56.41 32.55
N ASN B 301 14.95 -56.02 33.07
CA ASN B 301 14.55 -56.27 34.45
C ASN B 301 13.03 -56.17 34.50
N ASP B 302 12.45 -56.56 35.64
CA ASP B 302 11.00 -56.51 35.79
C ASP B 302 10.49 -55.16 36.32
N GLU B 303 11.29 -54.10 36.23
CA GLU B 303 10.84 -52.78 36.65
C GLU B 303 10.82 -51.76 35.52
N LYS B 304 11.54 -52.00 34.43
CA LYS B 304 11.62 -51.04 33.33
C LYS B 304 10.34 -51.08 32.48
N CYS B 305 10.16 -50.05 31.70
CA CYS B 305 9.19 -50.09 30.61
C CYS B 305 9.93 -50.42 29.32
N GLN B 306 9.18 -50.70 28.27
CA GLN B 306 9.77 -51.04 26.98
C GLN B 306 9.82 -49.77 26.12
N LEU B 307 10.98 -49.13 26.10
CA LEU B 307 11.25 -48.03 25.19
C LEU B 307 11.31 -48.55 23.75
N PRO B 308 11.20 -47.65 22.74
CA PRO B 308 11.39 -48.03 21.34
C PRO B 308 12.88 -48.20 21.00
N LEU B 309 13.61 -48.92 21.84
CA LEU B 309 15.03 -49.08 21.67
C LEU B 309 15.48 -50.24 22.53
N CYS B 310 16.65 -50.78 22.19
CA CYS B 310 17.20 -51.96 22.84
C CYS B 310 18.61 -51.62 23.31
N TRP B 311 18.86 -51.81 24.60
CA TRP B 311 20.11 -51.48 25.28
C TRP B 311 20.83 -52.79 25.56
N ILE B 312 22.05 -52.94 25.04
CA ILE B 312 22.66 -54.26 24.89
C ILE B 312 24.05 -54.28 25.50
N ASP B 313 24.29 -55.23 26.41
CA ASP B 313 25.61 -55.42 27.00
C ASP B 313 26.44 -56.29 26.08
N ILE B 314 27.54 -55.75 25.55
CA ILE B 314 28.41 -56.48 24.66
C ILE B 314 29.72 -56.89 25.37
N SER B 315 29.72 -56.91 26.71
CA SER B 315 30.90 -57.30 27.48
C SER B 315 31.55 -58.60 26.99
N ALA B 316 30.72 -59.60 26.68
CA ALA B 316 31.22 -60.93 26.35
C ALA B 316 31.96 -60.97 25.03
N THR B 317 31.89 -59.91 24.23
CA THR B 317 32.62 -59.83 22.97
C THR B 317 34.08 -59.50 23.15
N GLY B 318 34.47 -58.92 24.29
CA GLY B 318 35.80 -58.36 24.42
C GLY B 318 35.96 -57.01 23.75
N TYR B 319 35.00 -56.60 22.93
CA TYR B 319 35.03 -55.31 22.25
C TYR B 319 34.41 -54.23 23.12
N ASP B 320 34.97 -53.02 23.02
CA ASP B 320 34.28 -51.87 23.57
C ASP B 320 33.27 -51.36 22.53
N ASP B 321 32.39 -50.48 22.99
CA ASP B 321 31.21 -50.13 22.20
C ASP B 321 31.60 -49.45 20.88
N VAL B 322 32.55 -48.51 20.92
CA VAL B 322 32.91 -47.80 19.70
C VAL B 322 33.57 -48.76 18.71
N SER B 323 34.49 -49.62 19.19
CA SER B 323 35.12 -50.62 18.32
C SER B 323 34.10 -51.57 17.71
N PHE B 324 33.15 -52.04 18.51
CA PHE B 324 32.11 -52.92 17.99
C PHE B 324 31.24 -52.20 16.97
N ALA B 325 30.82 -50.96 17.28
CA ALA B 325 30.06 -50.20 16.31
C ALA B 325 30.84 -49.98 15.03
N ALA B 326 32.15 -49.86 15.13
CA ALA B 326 32.97 -49.66 13.91
C ALA B 326 32.87 -50.90 13.03
N ARG B 327 32.92 -52.08 13.63
CA ARG B 327 32.87 -53.35 12.89
C ARG B 327 31.53 -53.48 12.20
N LEU B 328 30.44 -53.15 12.89
CA LEU B 328 29.10 -53.27 12.30
C LEU B 328 28.96 -52.32 11.13
N LYS B 329 29.53 -51.12 11.24
CA LYS B 329 29.48 -50.14 10.13
C LYS B 329 30.09 -50.74 8.86
N GLU B 330 31.17 -51.50 8.99
CA GLU B 330 31.73 -52.15 7.81
C GLU B 330 30.71 -53.05 7.12
N HIS B 331 29.65 -53.46 7.82
CA HIS B 331 28.58 -54.25 7.24
C HIS B 331 27.32 -53.41 7.02
N ASP B 332 27.48 -52.08 6.92
CA ASP B 332 26.38 -51.15 6.61
C ASP B 332 25.33 -51.08 7.72
N ILE B 333 25.74 -51.33 8.96
CA ILE B 333 24.85 -51.28 10.13
C ILE B 333 25.37 -50.25 11.10
N ALA B 334 24.53 -49.27 11.44
CA ALA B 334 24.88 -48.19 12.35
C ALA B 334 24.15 -48.38 13.69
N VAL B 335 24.91 -48.51 14.77
CA VAL B 335 24.37 -48.54 16.13
C VAL B 335 25.03 -47.44 16.94
N LEU B 336 24.48 -47.20 18.14
CA LEU B 336 24.92 -46.12 19.02
C LEU B 336 25.84 -46.68 20.10
N PRO B 337 27.11 -46.29 20.16
CA PRO B 337 27.93 -46.65 21.34
C PRO B 337 27.33 -46.05 22.59
N GLY B 338 27.30 -46.84 23.66
CA GLY B 338 26.61 -46.42 24.87
C GLY B 338 27.34 -45.49 25.81
N ARG B 339 28.66 -45.31 25.65
CA ARG B 339 29.42 -44.63 26.71
C ARG B 339 28.95 -43.19 26.91
N PHE B 340 28.49 -42.52 25.85
CA PHE B 340 28.11 -41.12 25.96
C PHE B 340 26.87 -40.91 26.83
N PHE B 341 26.04 -41.93 27.01
CA PHE B 341 24.91 -41.79 27.92
C PHE B 341 25.38 -41.62 29.36
N TYR B 342 26.54 -42.17 29.69
CA TYR B 342 27.12 -41.97 31.02
C TYR B 342 28.06 -40.78 30.96
N TRP B 343 27.42 -39.60 30.87
CA TRP B 343 28.09 -38.38 30.45
C TRP B 343 29.10 -37.88 31.47
N ASN B 344 29.02 -38.38 32.71
CA ASN B 344 29.96 -38.00 33.77
C ASN B 344 31.03 -39.06 34.00
N SER B 345 30.93 -40.22 33.35
CA SER B 345 31.77 -41.37 33.67
C SER B 345 31.94 -42.26 32.45
N LYS B 346 32.12 -41.65 31.27
CA LYS B 346 32.17 -42.39 30.01
C LYS B 346 33.13 -43.58 30.07
N SER B 347 34.32 -43.33 30.60
CA SER B 347 35.39 -44.37 30.61
C SER B 347 34.97 -45.60 31.39
N GLN B 348 34.07 -45.46 32.36
CA GLN B 348 33.68 -46.61 33.18
C GLN B 348 32.47 -47.34 32.58
N HIS B 349 31.96 -46.90 31.44
CA HIS B 349 30.75 -47.54 30.84
C HIS B 349 30.93 -47.69 29.33
N THR B 350 31.85 -48.53 28.88
CA THR B 350 32.09 -48.70 27.45
C THR B 350 31.59 -50.04 26.91
N GLN B 351 30.68 -50.72 27.62
CA GLN B 351 30.32 -52.08 27.26
C GLN B 351 28.91 -52.22 26.68
N PHE B 352 28.23 -51.13 26.36
CA PHE B 352 26.86 -51.17 25.85
C PHE B 352 26.73 -50.57 24.46
N ILE B 353 25.77 -51.08 23.68
CA ILE B 353 25.30 -50.37 22.49
C ILE B 353 23.78 -50.21 22.58
N ARG B 354 23.26 -49.23 21.86
CA ARG B 354 21.82 -49.02 21.76
C ARG B 354 21.38 -49.19 20.31
N VAL B 355 20.31 -49.95 20.12
CA VAL B 355 19.72 -50.23 18.80
C VAL B 355 18.29 -49.72 18.83
N SER B 356 17.98 -48.77 17.97
CA SER B 356 16.63 -48.20 17.90
C SER B 356 15.68 -49.16 17.20
N LEU B 357 14.40 -49.10 17.60
CA LEU B 357 13.38 -50.01 17.09
C LEU B 357 12.44 -49.39 16.07
N MET B 358 12.13 -48.09 16.19
CA MET B 358 11.05 -47.50 15.37
C MET B 358 11.62 -46.86 14.09
N LYS B 359 12.23 -47.70 13.29
CA LYS B 359 12.76 -47.36 11.98
C LYS B 359 11.80 -47.85 10.90
N PRO B 360 11.94 -47.37 9.66
CA PRO B 360 11.05 -47.82 8.60
C PRO B 360 10.99 -49.35 8.56
N ASP B 361 9.76 -49.87 8.36
CA ASP B 361 9.46 -51.25 8.72
C ASP B 361 10.37 -52.24 8.01
N ALA B 362 10.49 -52.12 6.69
CA ALA B 362 11.28 -53.08 5.93
C ALA B 362 12.75 -52.99 6.30
N GLU B 363 13.26 -51.77 6.49
CA GLU B 363 14.65 -51.61 6.95
C GLU B 363 14.86 -52.29 8.30
N PHE B 364 13.86 -52.21 9.19
CA PHE B 364 14.05 -52.76 10.53
C PHE B 364 14.13 -54.28 10.51
N TYR B 365 13.09 -54.95 10.00
CA TYR B 365 13.06 -56.39 10.10
C TYR B 365 14.16 -57.02 9.25
N GLU B 366 14.44 -56.44 8.07
CA GLU B 366 15.58 -56.89 7.28
C GLU B 366 16.89 -56.63 8.00
N GLY B 367 17.04 -55.43 8.58
CA GLY B 367 18.29 -55.07 9.24
C GLY B 367 18.61 -55.88 10.47
N ILE B 368 17.60 -56.35 11.20
CA ILE B 368 17.83 -57.23 12.39
C ILE B 368 18.45 -58.54 11.89
N GLY B 369 17.98 -59.04 10.75
CA GLY B 369 18.56 -60.24 10.16
C GLY B 369 20.00 -59.96 9.75
N LYS B 370 20.24 -58.83 9.12
CA LYS B 370 21.62 -58.46 8.75
C LYS B 370 22.45 -58.29 10.02
N LEU B 371 21.88 -57.70 11.08
CA LEU B 371 22.61 -57.45 12.35
C LEU B 371 23.03 -58.78 12.98
N LYS B 372 22.12 -59.75 13.01
CA LYS B 372 22.41 -61.06 13.63
C LYS B 372 23.56 -61.73 12.86
N GLU B 373 23.50 -61.67 11.54
CA GLU B 373 24.52 -62.26 10.67
C GLU B 373 25.87 -61.55 10.87
N ALA B 374 25.88 -60.22 10.92
CA ALA B 374 27.14 -59.47 11.12
C ALA B 374 27.72 -59.81 12.47
N VAL B 375 26.86 -59.88 13.47
CA VAL B 375 27.34 -60.16 14.85
C VAL B 375 27.98 -61.54 14.88
N THR B 376 27.32 -62.51 14.26
CA THR B 376 27.82 -63.90 14.27
C THR B 376 29.16 -63.96 13.55
N ARG B 377 29.25 -63.34 12.39
CA ARG B 377 30.51 -63.34 11.62
C ARG B 377 31.64 -62.62 12.38
N ILE B 378 31.38 -61.47 12.99
CA ILE B 378 32.45 -60.74 13.73
C ILE B 378 32.94 -61.63 14.89
N LEU B 379 32.03 -62.29 15.58
CA LEU B 379 32.41 -63.10 16.75
C LEU B 379 33.17 -64.35 16.31
N GLU B 380 32.81 -64.96 15.19
CA GLU B 380 33.48 -66.20 14.73
C GLU B 380 34.93 -65.88 14.37
N LYS B 381 35.21 -64.70 13.82
CA LYS B 381 36.60 -64.31 13.47
C LYS B 381 37.44 -64.18 14.74
N LEU B 382 36.85 -63.78 15.86
CA LEU B 382 37.65 -63.69 17.12
C LEU B 382 38.13 -65.09 17.48
N GLU B 383 37.25 -66.09 17.42
CA GLU B 383 37.63 -67.48 17.66
C GLU B 383 38.42 -68.03 16.46
N ARG C 5 4.48 4.03 -10.34
CA ARG C 5 3.14 4.07 -9.78
C ARG C 5 2.33 5.25 -10.32
N TYR C 6 1.16 4.96 -10.88
CA TYR C 6 0.26 6.00 -11.35
C TYR C 6 -0.44 6.68 -10.18
N ASP C 7 -0.55 8.00 -10.26
CA ASP C 7 -1.27 8.78 -9.27
C ASP C 7 -2.78 8.67 -9.42
N SER C 8 -3.26 8.37 -10.63
CA SER C 8 -4.68 8.54 -10.93
C SER C 8 -4.99 7.93 -12.28
N LEU C 9 -6.27 7.70 -12.52
CA LEU C 9 -6.71 7.28 -13.84
C LEU C 9 -6.41 8.35 -14.88
N THR C 10 -6.52 9.64 -14.52
CA THR C 10 -6.26 10.66 -15.52
C THR C 10 -4.80 10.63 -15.98
N GLU C 11 -3.87 10.32 -15.08
CA GLU C 11 -2.47 10.18 -15.50
C GLU C 11 -2.31 9.07 -16.55
N VAL C 12 -3.01 7.95 -16.37
CA VAL C 12 -2.99 6.89 -17.38
C VAL C 12 -3.59 7.38 -18.68
N GLU C 13 -4.73 8.09 -18.59
CA GLU C 13 -5.39 8.61 -19.79
C GLU C 13 -4.52 9.61 -20.52
N VAL C 14 -3.84 10.50 -19.80
CA VAL C 14 -2.96 11.46 -20.44
C VAL C 14 -1.85 10.73 -21.19
N GLU C 15 -1.26 9.72 -20.55
CA GLU C 15 -0.25 8.91 -21.23
C GLU C 15 -0.83 8.26 -22.49
N GLY C 16 -2.07 7.75 -22.41
CA GLY C 16 -2.67 7.10 -23.57
C GLY C 16 -2.83 8.01 -24.77
N LEU C 17 -2.89 9.33 -24.55
CA LEU C 17 -3.08 10.28 -25.65
C LEU C 17 -1.97 10.21 -26.68
N SER C 18 -0.83 9.61 -26.33
CA SER C 18 0.30 9.48 -27.22
C SER C 18 0.38 8.12 -27.87
N TYR C 19 -0.58 7.23 -27.60
CA TYR C 19 -0.52 5.86 -28.09
C TYR C 19 -1.36 5.71 -29.36
N LEU C 20 -0.94 4.77 -30.21
CA LEU C 20 -1.57 4.58 -31.52
C LEU C 20 -3.03 4.17 -31.38
N TYR C 21 -3.30 3.20 -30.51
CA TYR C 21 -4.66 2.73 -30.25
C TYR C 21 -4.99 3.03 -28.79
N ASN C 22 -5.69 4.14 -28.56
CA ASN C 22 -5.94 4.64 -27.21
C ASN C 22 -7.37 4.33 -26.78
N PHE C 23 -7.53 3.30 -25.98
CA PHE C 23 -8.81 2.95 -25.38
C PHE C 23 -8.89 3.35 -23.90
N ALA C 24 -8.12 4.36 -23.48
CA ALA C 24 -8.09 4.72 -22.06
C ALA C 24 -9.27 5.62 -21.67
N ASP C 25 -9.22 6.91 -22.00
CA ASP C 25 -10.29 7.80 -21.56
C ASP C 25 -11.62 7.49 -22.25
N GLY C 26 -12.72 7.86 -21.58
CA GLY C 26 -14.06 7.65 -22.07
C GLY C 26 -14.70 8.91 -22.65
N HIS C 27 -13.88 9.87 -23.05
CA HIS C 27 -14.41 11.02 -23.80
C HIS C 27 -14.83 10.58 -25.20
N ALA C 28 -15.93 11.16 -25.68
CA ALA C 28 -16.50 10.80 -26.97
C ALA C 28 -15.66 11.39 -28.09
N TYR C 29 -15.01 10.52 -28.87
CA TYR C 29 -14.15 10.97 -29.96
C TYR C 29 -14.41 10.16 -31.22
N HIS C 30 -15.59 9.53 -31.32
CA HIS C 30 -15.94 8.82 -32.55
C HIS C 30 -16.25 9.80 -33.68
N ASP C 31 -16.26 9.27 -34.91
CA ASP C 31 -16.47 10.10 -36.07
C ASP C 31 -17.90 10.62 -36.12
N ILE C 32 -18.08 11.77 -36.76
CA ILE C 32 -19.40 12.36 -36.97
C ILE C 32 -20.19 11.47 -37.93
N ASN C 33 -21.37 11.01 -37.49
CA ASN C 33 -22.18 10.11 -38.32
C ASN C 33 -23.08 10.91 -39.26
N GLU C 34 -23.82 10.18 -40.11
CA GLU C 34 -24.67 10.81 -41.11
C GLU C 34 -25.66 11.78 -40.49
N HIS C 35 -26.10 11.52 -39.26
CA HIS C 35 -27.11 12.37 -38.65
C HIS C 35 -26.53 13.70 -38.16
N TYR C 36 -25.25 13.70 -37.80
CA TYR C 36 -24.62 14.93 -37.25
C TYR C 36 -23.79 15.68 -38.29
N VAL C 37 -23.57 15.15 -39.50
CA VAL C 37 -22.73 15.84 -40.54
CA VAL C 37 -22.76 15.83 -40.55
C VAL C 37 -23.06 17.29 -41.06
N ASP C 38 -24.39 17.44 -41.06
CA ASP C 38 -25.04 18.72 -41.41
C ASP C 38 -24.67 19.75 -40.35
N ILE C 39 -24.55 19.34 -39.10
CA ILE C 39 -24.16 20.30 -38.08
C ILE C 39 -22.77 20.85 -38.36
N ILE C 40 -21.80 19.95 -38.59
CA ILE C 40 -20.45 20.40 -38.89
C ILE C 40 -20.42 21.15 -40.22
N ASN C 41 -21.23 20.73 -41.19
CA ASN C 41 -21.34 21.46 -42.44
C ASN C 41 -21.84 22.88 -42.23
N ASN C 42 -22.53 23.15 -41.11
CA ASN C 42 -23.13 24.46 -40.86
C ASN C 42 -22.64 25.08 -39.56
N LEU C 43 -21.34 24.93 -39.23
CA LEU C 43 -20.82 25.54 -38.01
C LEU C 43 -21.10 27.04 -37.98
N GLN C 44 -21.08 27.69 -39.14
CA GLN C 44 -21.30 29.15 -39.25
C GLN C 44 -22.67 29.51 -38.70
N ARG C 45 -23.68 28.66 -38.92
CA ARG C 45 -25.04 28.86 -38.36
CA ARG C 45 -25.07 28.86 -38.36
C ARG C 45 -25.28 28.95 -36.80
N TYR C 46 -24.48 28.06 -36.20
CA TYR C 46 -24.30 27.93 -34.73
C TYR C 46 -23.47 29.09 -34.17
N TRP C 47 -22.37 29.42 -34.83
CA TRP C 47 -21.65 30.63 -34.47
C TRP C 47 -22.59 31.84 -34.47
N GLN C 48 -23.38 31.98 -35.53
CA GLN C 48 -24.31 33.10 -35.64
C GLN C 48 -25.38 33.03 -34.56
N GLU C 49 -25.94 31.85 -34.32
CA GLU C 49 -26.96 31.71 -33.28
C GLU C 49 -26.44 32.18 -31.93
N GLY C 50 -25.18 31.90 -31.62
CA GLY C 50 -24.64 32.36 -30.35
C GLY C 50 -24.49 33.86 -30.30
N LYS C 51 -24.09 34.46 -31.42
CA LYS C 51 -24.03 35.92 -31.53
C LYS C 51 -25.38 36.56 -31.29
N ASP C 52 -26.44 35.95 -31.83
CA ASP C 52 -27.75 36.59 -31.97
C ASP C 52 -28.58 36.55 -30.70
N HIS C 53 -28.16 35.82 -29.68
CA HIS C 53 -28.97 35.63 -28.49
C HIS C 53 -28.15 35.95 -27.26
N SER C 54 -28.84 36.47 -26.24
CA SER C 54 -28.19 36.75 -24.97
C SER C 54 -27.68 35.47 -24.33
N ILE C 55 -26.71 35.62 -23.43
CA ILE C 55 -26.21 34.47 -22.69
C ILE C 55 -27.31 33.78 -21.88
N PRO C 56 -28.12 34.49 -21.08
CA PRO C 56 -29.17 33.79 -20.34
C PRO C 56 -30.16 33.07 -21.23
N ASP C 57 -30.51 33.68 -22.37
CA ASP C 57 -31.42 33.03 -23.31
C ASP C 57 -30.84 31.72 -23.82
N MET C 58 -29.56 31.74 -24.23
CA MET C 58 -28.93 30.52 -24.75
C MET C 58 -28.81 29.44 -23.68
N GLU C 59 -28.48 29.82 -22.45
CA GLU C 59 -28.43 28.84 -21.36
C GLU C 59 -29.76 28.13 -21.21
N LYS C 60 -30.86 28.90 -21.17
CA LYS C 60 -32.18 28.30 -21.02
C LYS C 60 -32.56 27.49 -22.24
N ALA C 61 -32.19 27.97 -23.44
CA ALA C 61 -32.53 27.23 -24.67
C ALA C 61 -31.85 25.86 -24.70
N PHE C 62 -30.60 25.78 -24.25
CA PHE C 62 -29.97 24.46 -24.19
C PHE C 62 -30.62 23.61 -23.12
N LYS C 63 -30.81 24.17 -21.92
CA LYS C 63 -31.44 23.42 -20.84
C LYS C 63 -32.78 22.84 -21.28
N ASN C 64 -33.57 23.63 -22.00
CA ASN C 64 -34.91 23.22 -22.38
C ASN C 64 -34.87 22.21 -23.53
N GLN C 65 -33.94 22.35 -24.47
CA GLN C 65 -33.75 21.31 -25.47
C GLN C 65 -33.37 19.98 -24.82
N PHE C 66 -32.49 20.03 -23.83
CA PHE C 66 -32.11 18.79 -23.15
C PHE C 66 -33.29 18.23 -22.37
N ALA C 67 -34.05 19.10 -21.73
CA ALA C 67 -35.20 18.69 -20.91
C ALA C 67 -36.17 17.96 -21.83
N GLU C 68 -36.31 18.45 -23.07
CA GLU C 68 -37.14 17.77 -24.10
CA GLU C 68 -37.15 17.77 -24.12
C GLU C 68 -36.80 16.32 -24.60
N LEU C 69 -35.47 16.23 -24.75
CA LEU C 69 -34.83 14.93 -25.10
C LEU C 69 -35.03 13.93 -23.96
N ILE C 70 -34.83 14.35 -22.72
CA ILE C 70 -34.99 13.40 -21.61
C ILE C 70 -36.40 13.40 -21.02
N ASP C 71 -37.33 14.16 -21.60
CA ASP C 71 -38.72 14.24 -21.15
C ASP C 71 -38.82 14.53 -19.65
N SER C 72 -38.17 15.61 -19.29
CA SER C 72 -38.27 16.05 -17.90
C SER C 72 -38.99 17.38 -17.92
N SER C 73 -40.26 17.38 -17.50
CA SER C 73 -41.05 18.60 -17.21
CA SER C 73 -41.02 18.66 -17.28
C SER C 73 -40.54 19.70 -16.20
N THR C 74 -39.99 19.04 -15.18
CA THR C 74 -39.36 19.73 -14.04
C THR C 74 -38.09 20.45 -14.49
N LEU C 75 -37.22 19.78 -15.25
CA LEU C 75 -36.05 20.48 -15.76
C LEU C 75 -36.46 21.68 -16.60
N HIS C 76 -37.47 21.46 -17.46
CA HIS C 76 -37.93 22.54 -18.38
C HIS C 76 -38.37 23.73 -17.53
N SER C 77 -39.10 23.48 -16.47
CA SER C 77 -39.59 24.54 -15.57
CA SER C 77 -39.59 24.47 -15.49
C SER C 77 -38.69 25.39 -14.60
N THR C 78 -37.65 24.68 -14.17
CA THR C 78 -36.69 25.24 -13.19
C THR C 78 -35.71 26.26 -13.80
N ASN C 79 -35.47 27.30 -13.05
CA ASN C 79 -34.43 28.28 -13.37
C ASN C 79 -33.25 28.18 -12.40
N HIS C 80 -33.20 27.14 -11.57
CA HIS C 80 -32.14 26.97 -10.58
C HIS C 80 -31.06 26.08 -11.17
N PHE C 81 -30.21 26.67 -12.00
CA PHE C 81 -29.17 25.89 -12.67
C PHE C 81 -28.08 26.84 -13.14
N SER C 82 -26.89 26.27 -13.33
CA SER C 82 -25.76 26.97 -13.94
C SER C 82 -25.17 26.08 -15.02
N VAL C 83 -24.37 26.68 -15.90
CA VAL C 83 -23.78 25.97 -17.02
C VAL C 83 -22.27 26.00 -16.87
N CYS C 84 -21.65 24.82 -16.73
CA CYS C 84 -20.20 24.70 -16.65
C CYS C 84 -19.62 24.19 -17.97
N PRO C 85 -18.34 24.48 -18.26
CA PRO C 85 -17.75 23.92 -19.48
C PRO C 85 -17.37 22.46 -19.37
N THR C 86 -17.22 21.91 -18.16
CA THR C 86 -16.98 20.49 -17.98
C THR C 86 -17.76 20.00 -16.77
N ALA C 87 -18.05 18.70 -16.78
CA ALA C 87 -18.72 18.08 -15.65
C ALA C 87 -17.83 18.05 -14.42
N SER C 88 -16.50 17.90 -14.60
CA SER C 88 -15.63 17.96 -13.44
C SER C 88 -15.71 19.30 -12.72
N ASN C 89 -15.92 20.39 -13.47
CA ASN C 89 -16.10 21.69 -12.83
C ASN C 89 -17.36 21.71 -11.97
N SER C 90 -18.45 21.12 -12.49
CA SER C 90 -19.68 20.97 -11.71
C SER C 90 -19.43 20.14 -10.45
N ILE C 91 -18.68 19.04 -10.58
CA ILE C 91 -18.39 18.22 -9.41
C ILE C 91 -17.56 19.00 -8.40
N ASP C 92 -16.61 19.81 -8.89
CA ASP C 92 -15.72 20.53 -7.98
C ASP C 92 -16.49 21.58 -7.19
N ILE C 93 -17.46 22.23 -7.84
CA ILE C 93 -18.27 23.23 -7.15
C ILE C 93 -19.14 22.58 -6.10
N VAL C 94 -19.73 21.42 -6.45
CA VAL C 94 -20.50 20.65 -5.47
C VAL C 94 -19.62 20.28 -4.30
N ALA C 95 -18.37 19.92 -4.57
CA ALA C 95 -17.44 19.55 -3.51
C ALA C 95 -17.15 20.74 -2.60
N ALA C 96 -16.92 21.91 -3.18
CA ALA C 96 -16.76 23.12 -2.39
C ALA C 96 -18.01 23.41 -1.56
N TRP C 97 -19.19 23.14 -2.12
CA TRP C 97 -20.44 23.38 -1.38
C TRP C 97 -20.54 22.44 -0.18
N LEU C 98 -20.22 21.17 -0.39
CA LEU C 98 -20.30 20.18 0.70
C LEU C 98 -19.32 20.53 1.83
N HIS C 99 -18.11 20.97 1.48
CA HIS C 99 -17.17 21.42 2.50
C HIS C 99 -17.70 22.64 3.25
N LYS C 100 -18.15 23.66 2.50
CA LYS C 100 -18.71 24.87 3.11
C LYS C 100 -19.84 24.55 4.07
N GLU C 101 -20.70 23.62 3.70
CA GLU C 101 -21.91 23.31 4.50
C GLU C 101 -21.62 22.23 5.54
N ASN C 102 -20.36 21.76 5.63
CA ASN C 102 -19.93 20.70 6.59
CA ASN C 102 -19.92 20.69 6.58
C ASN C 102 -20.60 19.27 6.60
N LYS C 103 -20.87 18.94 5.33
CA LYS C 103 -21.62 17.73 4.99
C LYS C 103 -20.70 16.51 4.89
N ARG C 104 -20.89 15.59 5.83
CA ARG C 104 -20.26 14.28 5.74
C ARG C 104 -20.90 13.54 4.56
N THR C 105 -20.08 13.14 3.60
CA THR C 105 -20.53 12.66 2.30
C THR C 105 -20.14 11.21 2.09
N ALA C 106 -21.13 10.36 1.81
CA ALA C 106 -20.89 9.01 1.35
C ALA C 106 -20.85 9.00 -0.17
N LEU C 107 -19.77 8.45 -0.73
CA LEU C 107 -19.52 8.45 -2.15
C LEU C 107 -19.61 7.03 -2.71
N ILE C 108 -20.26 6.91 -3.87
CA ILE C 108 -20.44 5.60 -4.50
C ILE C 108 -19.08 4.98 -4.78
N GLU C 109 -18.97 3.67 -4.55
CA GLU C 109 -17.84 2.89 -5.00
C GLU C 109 -18.36 1.67 -5.74
N PRO C 110 -17.87 1.40 -6.97
CA PRO C 110 -16.77 2.12 -7.61
C PRO C 110 -17.25 3.45 -8.17
N ALA C 111 -16.30 4.29 -8.56
CA ALA C 111 -16.58 5.56 -9.22
C ALA C 111 -15.33 5.93 -9.99
N PHE C 112 -15.49 6.74 -11.05
CA PHE C 112 -14.30 7.34 -11.63
C PHE C 112 -13.55 8.11 -10.55
N ASP C 113 -12.22 7.96 -10.49
CA ASP C 113 -11.52 8.33 -9.25
C ASP C 113 -11.42 9.84 -9.02
N ASN C 114 -11.54 10.68 -10.07
CA ASN C 114 -11.43 12.11 -9.77
C ASN C 114 -12.65 12.66 -9.03
N LEU C 115 -13.78 11.94 -8.96
CA LEU C 115 -14.82 12.35 -8.03
C LEU C 115 -14.31 12.29 -6.59
N TYR C 116 -13.70 11.16 -6.22
CA TYR C 116 -13.08 11.06 -4.91
C TYR C 116 -12.00 12.13 -4.75
N LEU C 117 -11.14 12.29 -5.76
CA LEU C 117 -9.98 13.18 -5.61
C LEU C 117 -10.40 14.63 -5.46
N LEU C 118 -11.44 15.07 -6.18
CA LEU C 118 -11.93 16.44 -6.06
C LEU C 118 -12.61 16.67 -4.71
N LEU C 119 -13.40 15.72 -4.23
CA LEU C 119 -14.00 15.89 -2.89
C LEU C 119 -12.88 15.97 -1.85
N LYS C 120 -11.90 15.09 -1.95
CA LYS C 120 -10.77 15.07 -0.99
C LYS C 120 -10.02 16.40 -1.05
N ARG C 121 -9.77 16.91 -2.24
CA ARG C 121 -9.02 18.17 -2.39
C ARG C 121 -9.79 19.33 -1.73
N ARG C 122 -11.11 19.34 -1.85
CA ARG C 122 -11.96 20.38 -1.24
C ARG C 122 -12.10 20.15 0.27
N GLY C 123 -11.55 19.07 0.81
CA GLY C 123 -11.61 18.87 2.25
C GLY C 123 -12.91 18.25 2.74
N VAL C 124 -13.60 17.51 1.90
CA VAL C 124 -14.87 16.90 2.28
C VAL C 124 -14.59 15.66 3.12
N ASP C 125 -15.41 15.43 4.15
CA ASP C 125 -15.32 14.21 4.96
C ASP C 125 -16.00 13.07 4.20
N ILE C 126 -15.19 12.13 3.70
CA ILE C 126 -15.64 11.14 2.70
C ILE C 126 -15.69 9.76 3.32
N SER C 127 -16.79 9.04 3.07
CA SER C 127 -16.85 7.60 3.31
C SER C 127 -17.40 6.94 2.05
N ALA C 128 -17.16 5.62 1.93
CA ALA C 128 -17.54 4.88 0.74
C ALA C 128 -18.89 4.20 0.95
N PHE C 129 -19.66 4.05 -0.13
CA PHE C 129 -20.79 3.13 -0.04
C PHE C 129 -20.88 2.29 -1.31
N ASP C 130 -21.29 1.03 -1.10
CA ASP C 130 -21.40 0.05 -2.16
C ASP C 130 -22.49 0.44 -3.15
N GLU C 131 -22.14 0.51 -4.44
CA GLU C 131 -23.10 0.78 -5.50
C GLU C 131 -24.30 -0.16 -5.43
N LEU C 132 -24.08 -1.41 -5.00
CA LEU C 132 -25.17 -2.37 -4.94
C LEU C 132 -26.25 -1.98 -3.94
N ALA C 133 -25.93 -1.14 -2.96
CA ALA C 133 -26.95 -0.63 -2.02
C ALA C 133 -28.07 0.10 -2.74
N LEU C 134 -27.78 0.70 -3.91
CA LEU C 134 -28.83 1.37 -4.66
C LEU C 134 -29.91 0.42 -5.17
N LYS C 135 -29.64 -0.88 -5.15
CA LYS C 135 -30.57 -1.87 -5.65
C LYS C 135 -31.02 -2.83 -4.55
N ASN C 136 -30.80 -2.44 -3.28
CA ASN C 136 -31.20 -3.25 -2.12
C ASN C 136 -31.75 -2.35 -1.02
N GLU C 137 -33.04 -2.39 -0.74
CA GLU C 137 -33.63 -1.45 0.24
C GLU C 137 -33.03 -1.64 1.64
N HIS C 138 -32.84 -2.87 2.07
CA HIS C 138 -32.29 -3.09 3.42
C HIS C 138 -30.89 -2.49 3.48
N GLN C 139 -30.08 -2.71 2.45
CA GLN C 139 -28.71 -2.19 2.48
C GLN C 139 -28.74 -0.67 2.50
N LEU C 140 -29.57 -0.05 1.68
CA LEU C 140 -29.57 1.42 1.64
C LEU C 140 -30.06 2.00 2.97
N ALA C 141 -31.06 1.35 3.56
CA ALA C 141 -31.65 1.84 4.82
C ALA C 141 -30.58 1.88 5.92
N GLN C 142 -29.69 0.90 5.98
CA GLN C 142 -28.63 0.89 7.02
C GLN C 142 -27.71 2.11 6.82
N ILE C 143 -27.37 2.45 5.58
CA ILE C 143 -26.45 3.54 5.30
C ILE C 143 -27.03 4.88 5.72
N VAL C 144 -28.26 5.16 5.27
CA VAL C 144 -28.86 6.46 5.57
C VAL C 144 -29.24 6.55 7.04
N SER C 145 -29.42 5.41 7.71
CA SER C 145 -29.84 5.38 9.10
C SER C 145 -28.69 5.50 10.09
N SER C 146 -27.45 5.31 9.62
CA SER C 146 -26.32 5.20 10.54
C SER C 146 -26.12 6.45 11.38
N GLY C 147 -26.63 7.59 10.93
CA GLY C 147 -26.28 8.85 11.54
C GLY C 147 -24.90 9.36 11.19
N ASP C 148 -24.20 8.67 10.27
CA ASP C 148 -22.83 8.99 9.95
C ASP C 148 -22.68 9.91 8.75
N ILE C 149 -23.75 10.19 8.01
CA ILE C 149 -23.60 10.95 6.78
C ILE C 149 -24.70 11.99 6.67
N ASP C 150 -24.39 13.09 5.97
CA ASP C 150 -25.34 14.14 5.68
C ASP C 150 -25.63 14.27 4.20
N ALA C 151 -24.89 13.55 3.36
CA ALA C 151 -25.01 13.70 1.93
C ALA C 151 -24.58 12.39 1.28
N LEU C 152 -25.15 12.14 0.12
CA LEU C 152 -24.91 10.90 -0.59
C LEU C 152 -24.62 11.26 -2.02
N PHE C 153 -23.43 10.89 -2.51
CA PHE C 153 -22.94 11.30 -3.82
C PHE C 153 -22.92 10.04 -4.68
N LEU C 154 -23.78 10.00 -5.70
CA LEU C 154 -23.89 8.80 -6.50
C LEU C 154 -23.73 9.14 -7.97
N VAL C 155 -23.51 8.08 -8.76
CA VAL C 155 -23.35 8.18 -10.21
C VAL C 155 -24.35 7.22 -10.81
N ASN C 156 -25.25 7.74 -11.64
CA ASN C 156 -26.33 6.94 -12.22
C ASN C 156 -26.50 7.26 -13.70
N PRO C 157 -26.35 6.27 -14.60
CA PRO C 157 -25.83 4.92 -14.33
C PRO C 157 -24.37 5.01 -13.93
N ASN C 158 -23.83 3.99 -13.25
CA ASN C 158 -22.49 4.08 -12.71
C ASN C 158 -21.42 3.60 -13.69
N ASN C 159 -20.28 4.28 -13.63
CA ASN C 159 -19.11 3.99 -14.45
C ASN C 159 -18.09 3.28 -13.56
N PRO C 160 -17.62 2.07 -13.89
CA PRO C 160 -17.64 1.37 -15.19
C PRO C 160 -18.60 0.19 -15.29
N THR C 161 -19.45 -0.03 -14.28
CA THR C 161 -20.27 -1.23 -14.19
C THR C 161 -21.60 -1.14 -14.93
N GLY C 162 -22.02 0.04 -15.36
CA GLY C 162 -23.35 0.17 -15.95
C GLY C 162 -24.52 -0.02 -15.01
N LEU C 163 -24.29 -0.10 -13.69
CA LEU C 163 -25.40 -0.23 -12.76
C LEU C 163 -26.33 0.97 -12.92
N GLU C 164 -27.60 0.66 -12.94
CA GLU C 164 -28.56 1.74 -13.19
C GLU C 164 -29.76 1.52 -12.30
N MET C 165 -30.18 2.59 -11.63
CA MET C 165 -31.42 2.56 -10.81
CA MET C 165 -31.42 2.55 -10.80
C MET C 165 -32.80 2.62 -11.57
N THR C 166 -33.64 1.72 -11.09
CA THR C 166 -35.03 1.68 -11.59
C THR C 166 -35.80 2.84 -10.97
N GLU C 167 -36.90 3.19 -11.61
CA GLU C 167 -37.75 4.23 -11.05
C GLU C 167 -38.06 3.96 -9.58
N SER C 168 -38.51 2.74 -9.26
CA SER C 168 -38.86 2.44 -7.86
C SER C 168 -37.63 2.48 -6.96
N GLU C 169 -36.47 2.04 -7.46
CA GLU C 169 -35.25 2.18 -6.67
C GLU C 169 -34.93 3.64 -6.40
N PHE C 170 -35.13 4.51 -7.38
CA PHE C 170 -34.82 5.92 -7.18
C PHE C 170 -35.81 6.58 -6.23
N VAL C 171 -37.10 6.23 -6.34
CA VAL C 171 -38.10 6.78 -5.41
C VAL C 171 -37.75 6.40 -3.98
N TYR C 172 -37.41 5.13 -3.76
CA TYR C 172 -36.99 4.68 -2.43
C TYR C 172 -35.77 5.46 -1.94
N LEU C 173 -34.77 5.64 -2.80
CA LEU C 173 -33.60 6.41 -2.43
C LEU C 173 -33.97 7.80 -1.94
N VAL C 174 -34.81 8.51 -2.73
CA VAL C 174 -35.17 9.88 -2.39
C VAL C 174 -36.00 9.93 -1.11
N GLU C 175 -36.96 9.01 -0.96
CA GLU C 175 -37.75 8.96 0.26
C GLU C 175 -36.88 8.69 1.49
N GLN C 176 -35.89 7.81 1.35
CA GLN C 176 -35.06 7.48 2.51
C GLN C 176 -34.13 8.64 2.89
N CYS C 177 -33.59 9.35 1.89
CA CYS C 177 -32.77 10.52 2.17
C CYS C 177 -33.57 11.64 2.80
N LYS C 178 -34.77 11.87 2.26
CA LYS C 178 -35.69 12.83 2.84
C LYS C 178 -35.94 12.53 4.31
N ALA C 179 -36.23 11.27 4.63
CA ALA C 179 -36.52 10.90 6.01
C ALA C 179 -35.33 11.09 6.93
N HIS C 180 -34.11 11.18 6.41
CA HIS C 180 -32.93 11.29 7.27
C HIS C 180 -32.12 12.56 7.03
N ASN C 181 -32.69 13.54 6.34
CA ASN C 181 -32.03 14.84 6.12
C ASN C 181 -30.73 14.68 5.34
N ILE C 182 -30.75 13.85 4.30
CA ILE C 182 -29.59 13.59 3.45
C ILE C 182 -29.74 14.37 2.15
N THR C 183 -28.72 15.16 1.82
CA THR C 183 -28.62 15.78 0.51
C THR C 183 -28.15 14.77 -0.52
N ILE C 184 -28.70 14.86 -1.73
CA ILE C 184 -28.36 13.94 -2.82
C ILE C 184 -27.60 14.71 -3.90
N LEU C 185 -26.40 14.23 -4.21
CA LEU C 185 -25.61 14.70 -5.35
C LEU C 185 -25.66 13.59 -6.40
N LEU C 186 -26.15 13.93 -7.58
CA LEU C 186 -26.53 12.93 -8.58
C LEU C 186 -25.78 13.19 -9.88
N ASP C 187 -24.81 12.35 -10.18
CA ASP C 187 -23.97 12.52 -11.37
C ASP C 187 -24.61 11.72 -12.50
N ARG C 188 -25.21 12.43 -13.43
CA ARG C 188 -25.94 11.82 -14.56
C ARG C 188 -25.14 11.93 -15.87
N THR C 189 -23.81 11.91 -15.77
CA THR C 189 -22.93 12.01 -16.95
C THR C 189 -23.30 10.97 -18.02
N PHE C 190 -23.64 9.75 -17.65
CA PHE C 190 -23.98 8.73 -18.66
C PHE C 190 -25.49 8.54 -18.80
N ARG C 191 -26.29 9.54 -18.48
CA ARG C 191 -27.74 9.37 -18.53
C ARG C 191 -28.24 8.80 -19.84
N ILE C 192 -27.74 9.32 -20.97
CA ILE C 192 -28.31 8.93 -22.28
C ILE C 192 -28.12 7.44 -22.55
N TYR C 193 -27.12 6.81 -21.94
CA TYR C 193 -26.89 5.39 -22.15
C TYR C 193 -27.82 4.52 -21.31
N GLY C 194 -28.55 5.09 -20.36
CA GLY C 194 -29.45 4.31 -19.54
C GLY C 194 -30.58 3.67 -20.31
N LYS C 195 -31.13 2.59 -19.73
CA LYS C 195 -32.29 1.91 -20.30
C LYS C 195 -33.60 2.41 -19.72
N THR C 196 -33.56 3.11 -18.60
CA THR C 196 -34.76 3.64 -17.96
C THR C 196 -35.13 5.00 -18.53
N ASN C 197 -36.38 5.40 -18.27
CA ASN C 197 -36.84 6.74 -18.64
C ASN C 197 -37.93 7.13 -17.64
N PHE C 198 -37.55 7.96 -16.67
CA PHE C 198 -38.50 8.56 -15.75
C PHE C 198 -37.95 9.93 -15.40
N ASP C 199 -38.81 10.81 -14.87
CA ASP C 199 -38.41 12.18 -14.59
C ASP C 199 -37.78 12.22 -13.19
N ASP C 200 -36.46 12.01 -13.12
CA ASP C 200 -35.84 12.01 -11.79
C ASP C 200 -35.81 13.41 -11.17
N TYR C 201 -35.74 14.46 -11.98
CA TYR C 201 -35.89 15.82 -11.48
C TYR C 201 -37.21 16.02 -10.74
N GLN C 202 -38.31 15.50 -11.31
CA GLN C 202 -39.61 15.64 -10.66
C GLN C 202 -39.66 14.94 -9.32
N ILE C 203 -39.09 13.73 -9.25
CA ILE C 203 -39.05 13.00 -7.99
C ILE C 203 -38.26 13.78 -6.95
N LEU C 204 -37.11 14.31 -7.34
CA LEU C 204 -36.30 15.10 -6.40
C LEU C 204 -37.04 16.36 -5.96
N GLU C 205 -37.58 17.11 -6.91
CA GLU C 205 -38.19 18.39 -6.55
C GLU C 205 -39.43 18.20 -5.69
N GLN C 206 -40.26 17.20 -5.99
CA GLN C 206 -41.48 17.03 -5.22
C GLN C 206 -41.22 16.57 -3.80
N SER C 207 -40.06 15.92 -3.55
CA SER C 207 -39.71 15.47 -2.21
C SER C 207 -39.29 16.62 -1.30
N GLY C 208 -38.89 17.76 -1.86
CA GLY C 208 -38.40 18.86 -1.06
C GLY C 208 -36.96 18.73 -0.58
N ILE C 209 -36.26 17.63 -0.88
CA ILE C 209 -34.89 17.50 -0.37
C ILE C 209 -33.95 18.42 -1.13
N ASP C 210 -32.79 18.68 -0.51
CA ASP C 210 -31.75 19.39 -1.22
C ASP C 210 -31.02 18.41 -2.14
N TYR C 211 -30.65 18.90 -3.32
CA TYR C 211 -30.04 18.05 -4.32
C TYR C 211 -29.24 18.91 -5.29
N VAL C 212 -28.25 18.27 -5.94
CA VAL C 212 -27.61 18.78 -7.15
C VAL C 212 -27.54 17.65 -8.16
N VAL C 213 -27.94 17.92 -9.41
CA VAL C 213 -27.77 16.99 -10.52
C VAL C 213 -26.73 17.56 -11.47
N ILE C 214 -25.83 16.70 -11.96
CA ILE C 214 -24.82 17.09 -12.95
C ILE C 214 -25.10 16.36 -14.26
N GLU C 215 -25.24 17.11 -15.36
CA GLU C 215 -25.34 16.54 -16.70
C GLU C 215 -24.04 16.78 -17.45
N ASP C 216 -23.89 16.12 -18.62
CA ASP C 216 -22.65 16.25 -19.39
C ASP C 216 -22.93 15.87 -20.85
N THR C 217 -22.32 16.61 -21.78
CA THR C 217 -22.34 16.20 -23.18
C THR C 217 -21.14 15.34 -23.56
N GLY C 218 -20.08 15.36 -22.75
CA GLY C 218 -18.75 14.95 -23.24
C GLY C 218 -18.57 13.46 -23.47
N LYS C 219 -19.30 12.61 -22.75
CA LYS C 219 -19.24 11.17 -22.99
C LYS C 219 -20.21 10.70 -24.06
N THR C 220 -20.97 11.63 -24.64
CA THR C 220 -22.10 11.25 -25.48
C THR C 220 -22.02 11.84 -26.89
N TRP C 221 -21.77 13.13 -27.00
CA TRP C 221 -21.72 13.75 -28.32
C TRP C 221 -20.29 14.15 -28.65
N PRO C 222 -19.77 13.75 -29.81
CA PRO C 222 -18.34 13.93 -30.08
C PRO C 222 -18.03 15.33 -30.58
N THR C 223 -17.73 16.25 -29.66
CA THR C 223 -17.49 17.65 -30.05
C THR C 223 -16.10 18.10 -29.64
N GLN C 224 -15.14 17.16 -29.61
CA GLN C 224 -13.73 17.48 -29.39
C GLN C 224 -13.50 18.18 -28.06
N ASP C 225 -14.21 17.71 -27.03
CA ASP C 225 -14.16 18.26 -25.68
C ASP C 225 -14.59 19.72 -25.59
N LEU C 226 -15.31 20.20 -26.59
CA LEU C 226 -16.12 21.41 -26.44
C LEU C 226 -17.43 20.97 -25.81
N LYS C 227 -17.57 21.14 -24.49
CA LYS C 227 -18.64 20.47 -23.76
C LYS C 227 -19.55 21.46 -23.01
N ILE C 228 -20.68 20.94 -22.56
CA ILE C 228 -21.61 21.66 -21.69
C ILE C 228 -22.00 20.72 -20.55
N SER C 229 -21.87 21.20 -19.30
CA SER C 229 -22.35 20.50 -18.11
C SER C 229 -23.42 21.35 -17.41
N LEU C 230 -24.67 20.91 -17.47
CA LEU C 230 -25.70 21.53 -16.63
C LEU C 230 -25.52 21.11 -15.18
N MET C 231 -25.51 22.10 -14.27
CA MET C 231 -25.49 21.87 -12.83
C MET C 231 -26.79 22.45 -12.29
N VAL C 232 -27.71 21.58 -11.84
CA VAL C 232 -29.08 21.93 -11.51
C VAL C 232 -29.30 21.60 -10.03
N TYR C 233 -30.00 22.48 -9.31
CA TYR C 233 -30.04 22.30 -7.85
C TYR C 233 -31.36 22.77 -7.28
N SER C 234 -31.64 22.35 -6.05
CA SER C 234 -32.92 22.69 -5.42
C SER C 234 -32.96 24.17 -5.08
N GLU C 235 -34.15 24.71 -4.94
CA GLU C 235 -34.32 26.15 -4.68
C GLU C 235 -33.64 26.56 -3.37
N ALA C 236 -33.74 25.74 -2.35
CA ALA C 236 -33.19 26.11 -1.03
C ALA C 236 -31.68 26.38 -1.06
N ILE C 237 -30.95 25.64 -1.89
CA ILE C 237 -29.47 25.80 -1.90
C ILE C 237 -29.03 26.60 -3.12
N SER C 238 -29.97 27.15 -3.89
CA SER C 238 -29.73 27.88 -5.12
CA SER C 238 -29.67 27.87 -5.16
C SER C 238 -28.75 29.13 -5.22
N SER C 239 -29.01 29.90 -4.17
CA SER C 239 -28.20 31.12 -3.89
CA SER C 239 -28.19 31.08 -3.81
C SER C 239 -26.66 30.93 -3.57
N THR C 240 -26.48 29.90 -2.75
CA THR C 240 -25.13 29.35 -2.38
CA THR C 240 -25.11 29.32 -2.38
C THR C 240 -24.25 28.62 -3.48
N MET C 241 -25.04 27.81 -4.19
CA MET C 241 -24.50 27.08 -5.37
C MET C 241 -24.16 28.09 -6.46
N ARG C 242 -25.03 29.04 -6.72
CA ARG C 242 -24.75 30.08 -7.72
C ARG C 242 -23.55 30.94 -7.30
N LEU C 243 -23.45 31.29 -6.02
CA LEU C 243 -22.32 32.08 -5.51
C LEU C 243 -20.99 31.33 -5.77
N LEU C 244 -20.95 30.05 -5.46
CA LEU C 244 -19.72 29.30 -5.70
C LEU C 244 -19.41 29.21 -7.20
N TYR C 245 -20.44 29.02 -8.03
CA TYR C 245 -20.23 28.97 -9.46
C TYR C 245 -19.60 30.28 -9.95
N GLU C 246 -20.13 31.42 -9.48
CA GLU C 246 -19.68 32.72 -9.97
C GLU C 246 -18.28 33.10 -9.47
N GLU C 247 -17.75 32.41 -8.46
CA GLU C 247 -16.34 32.64 -8.14
C GLU C 247 -15.44 32.16 -9.26
N ILE C 248 -15.87 31.17 -10.03
CA ILE C 248 -15.07 30.62 -11.12
C ILE C 248 -15.53 31.14 -12.48
N PHE C 249 -16.84 31.18 -12.72
CA PHE C 249 -17.38 31.40 -14.06
C PHE C 249 -18.33 32.60 -14.09
N LEU C 250 -18.21 33.39 -15.16
CA LEU C 250 -19.30 34.27 -15.55
C LEU C 250 -20.37 33.52 -16.35
N CYS C 251 -19.95 32.58 -17.19
CA CYS C 251 -20.80 31.89 -18.16
C CYS C 251 -19.93 30.87 -18.86
N SER C 252 -20.56 29.98 -19.64
CA SER C 252 -19.88 29.20 -20.66
C SER C 252 -20.07 29.87 -22.03
N SER C 253 -19.68 29.17 -23.09
CA SER C 253 -19.68 29.71 -24.44
C SER C 253 -21.05 29.59 -25.10
N ASN C 254 -21.58 30.72 -25.59
CA ASN C 254 -22.82 30.71 -26.36
C ASN C 254 -22.67 29.89 -27.63
N PHE C 255 -21.47 29.89 -28.22
CA PHE C 255 -21.19 29.08 -29.41
C PHE C 255 -21.29 27.59 -29.09
N ALA C 256 -20.69 27.16 -27.97
CA ALA C 256 -20.81 25.76 -27.57
C ALA C 256 -22.24 25.39 -27.24
N LEU C 257 -22.98 26.30 -26.60
CA LEU C 257 -24.39 26.07 -26.29
C LEU C 257 -25.21 25.86 -27.54
N ALA C 258 -25.05 26.75 -28.53
CA ALA C 258 -25.78 26.58 -29.77
C ALA C 258 -25.35 25.30 -30.48
N LEU C 259 -24.05 24.99 -30.48
CA LEU C 259 -23.59 23.79 -31.17
C LEU C 259 -24.18 22.55 -30.53
N LEU C 260 -24.05 22.40 -29.21
CA LEU C 260 -24.53 21.19 -28.54
C LEU C 260 -26.05 21.13 -28.49
N LYS C 261 -26.72 22.28 -28.42
CA LYS C 261 -28.18 22.27 -28.52
C LYS C 261 -28.64 21.57 -29.79
N GLN C 262 -27.91 21.77 -30.89
CA GLN C 262 -28.29 21.12 -32.14
C GLN C 262 -27.98 19.62 -32.12
N PHE C 263 -26.84 19.21 -31.53
CA PHE C 263 -26.57 17.79 -31.32
C PHE C 263 -27.69 17.15 -30.51
N VAL C 264 -28.10 17.78 -29.41
CA VAL C 264 -29.21 17.28 -28.60
C VAL C 264 -30.48 17.17 -29.44
N ALA C 265 -30.80 18.23 -30.21
CA ALA C 265 -32.04 18.23 -30.98
C ALA C 265 -32.04 17.19 -32.09
N VAL C 266 -30.87 16.95 -32.72
CA VAL C 266 -30.82 15.91 -33.76
C VAL C 266 -31.04 14.55 -33.13
N THR C 267 -30.49 14.34 -31.93
CA THR C 267 -30.67 13.09 -31.20
C THR C 267 -32.14 12.86 -30.87
N ALA C 268 -32.85 13.91 -30.47
CA ALA C 268 -34.28 13.76 -30.17
C ALA C 268 -35.10 13.50 -31.43
N LYS C 269 -34.70 14.09 -32.56
CA LYS C 269 -35.47 13.93 -33.78
C LYS C 269 -35.38 12.50 -34.29
N PHE C 270 -34.17 11.93 -34.35
CA PHE C 270 -33.97 10.60 -34.91
C PHE C 270 -33.90 9.50 -33.86
N GLY C 271 -33.84 9.84 -32.58
CA GLY C 271 -33.81 8.88 -31.48
C GLY C 271 -32.41 8.55 -31.02
N VAL C 272 -32.30 8.15 -29.75
CA VAL C 272 -30.97 7.84 -29.20
C VAL C 272 -30.42 6.53 -29.76
N ASP C 273 -31.29 5.60 -30.15
CA ASP C 273 -30.80 4.36 -30.76
C ASP C 273 -30.07 4.63 -32.06
N ALA C 274 -30.72 5.34 -32.99
CA ALA C 274 -30.11 5.58 -34.30
C ALA C 274 -28.88 6.47 -34.18
N THR C 275 -28.90 7.44 -33.25
CA THR C 275 -27.80 8.37 -33.17
C THR C 275 -26.68 7.94 -32.23
N ILE C 276 -26.95 7.09 -31.24
CA ILE C 276 -25.95 6.80 -30.21
C ILE C 276 -25.87 5.32 -29.86
N LYS C 277 -27.00 4.71 -29.48
CA LYS C 277 -26.92 3.41 -28.82
C LYS C 277 -26.59 2.29 -29.79
N ASN C 278 -27.02 2.39 -31.04
CA ASN C 278 -26.75 1.30 -31.98
C ASN C 278 -25.25 1.14 -32.20
N GLU C 279 -24.53 2.25 -32.30
CA GLU C 279 -23.09 2.22 -32.46
C GLU C 279 -22.40 1.64 -31.23
N VAL C 280 -22.86 2.03 -30.04
CA VAL C 280 -22.35 1.43 -28.81
C VAL C 280 -22.53 -0.07 -28.82
N ARG C 281 -23.69 -0.54 -29.31
CA ARG C 281 -23.97 -1.97 -29.36
C ARG C 281 -23.01 -2.70 -30.32
N ARG C 282 -22.82 -2.13 -31.51
CA ARG C 282 -21.88 -2.74 -32.46
C ARG C 282 -20.49 -2.86 -31.86
N ARG C 283 -20.05 -1.77 -31.23
CA ARG C 283 -18.70 -1.67 -30.62
C ARG C 283 -18.56 -2.65 -29.47
N SER C 284 -19.60 -2.85 -28.67
CA SER C 284 -19.62 -3.88 -27.58
CA SER C 284 -19.62 -3.80 -27.63
C SER C 284 -19.46 -5.41 -27.93
N GLU C 285 -20.17 -5.63 -29.04
CA GLU C 285 -20.16 -6.95 -29.74
C GLU C 285 -18.77 -7.17 -30.35
N THR C 286 -18.16 -6.12 -30.91
CA THR C 286 -16.83 -6.34 -31.47
C THR C 286 -15.87 -6.81 -30.40
N ILE C 287 -15.82 -6.12 -29.27
CA ILE C 287 -14.90 -6.55 -28.19
C ILE C 287 -15.32 -7.93 -27.67
N ASN C 288 -16.62 -8.16 -27.52
CA ASN C 288 -17.11 -9.44 -26.98
C ASN C 288 -16.64 -10.56 -27.93
N ASP C 289 -16.79 -10.34 -29.22
CA ASP C 289 -16.40 -11.33 -30.25
C ASP C 289 -14.89 -11.51 -30.29
N ALA C 290 -14.15 -10.43 -30.18
CA ALA C 290 -12.69 -10.49 -30.21
C ALA C 290 -12.12 -11.29 -29.03
N LEU C 291 -12.71 -11.12 -27.84
CA LEU C 291 -12.15 -11.71 -26.63
C LEU C 291 -12.71 -13.10 -26.33
N ALA C 292 -13.72 -13.55 -27.07
CA ALA C 292 -14.31 -14.86 -26.81
C ALA C 292 -13.28 -15.96 -26.99
N GLY C 293 -13.19 -16.85 -26.01
CA GLY C 293 -12.24 -17.94 -26.04
C GLY C 293 -10.85 -17.61 -25.53
N THR C 294 -10.56 -16.36 -25.20
CA THR C 294 -9.22 -15.99 -24.75
C THR C 294 -9.02 -16.15 -23.25
N GLY C 295 -10.10 -16.32 -22.48
CA GLY C 295 -10.05 -16.28 -21.03
C GLY C 295 -10.49 -14.96 -20.43
N LEU C 296 -10.39 -13.88 -21.19
CA LEU C 296 -10.89 -12.59 -20.76
C LEU C 296 -12.40 -12.57 -20.86
N LYS C 297 -13.06 -12.03 -19.84
CA LYS C 297 -14.51 -12.13 -19.70
C LYS C 297 -15.08 -10.72 -19.57
N VAL C 298 -15.85 -10.30 -20.58
CA VAL C 298 -16.54 -9.03 -20.48
C VAL C 298 -17.58 -9.06 -19.36
N PHE C 299 -17.51 -8.09 -18.46
CA PHE C 299 -18.50 -7.95 -17.40
C PHE C 299 -19.88 -7.70 -18.00
N ASP C 300 -20.83 -8.56 -17.61
CA ASP C 300 -22.19 -8.48 -18.13
C ASP C 300 -23.14 -9.07 -17.11
N ASN C 301 -24.35 -8.49 -17.05
CA ASN C 301 -25.43 -9.02 -16.22
C ASN C 301 -26.74 -8.50 -16.79
N ASP C 302 -27.85 -8.99 -16.24
CA ASP C 302 -29.15 -8.69 -16.82
C ASP C 302 -29.64 -7.29 -16.52
N GLU C 303 -29.06 -6.61 -15.54
CA GLU C 303 -29.63 -5.36 -15.05
C GLU C 303 -28.89 -4.11 -15.50
N LYS C 304 -27.66 -4.24 -15.98
CA LYS C 304 -26.83 -3.07 -16.29
C LYS C 304 -27.29 -2.42 -17.59
N CYS C 305 -26.94 -1.15 -17.78
CA CYS C 305 -27.09 -0.64 -19.14
C CYS C 305 -25.73 -0.74 -19.85
N GLN C 306 -25.72 -0.43 -21.15
CA GLN C 306 -24.49 -0.50 -21.93
C GLN C 306 -23.86 0.88 -22.03
N LEU C 307 -22.81 1.07 -21.23
CA LEU C 307 -22.02 2.28 -21.26
C LEU C 307 -21.15 2.26 -22.52
N PRO C 308 -20.56 3.43 -22.90
CA PRO C 308 -19.64 3.48 -24.05
C PRO C 308 -18.26 2.95 -23.66
N LEU C 309 -18.29 1.86 -22.94
CA LEU C 309 -17.06 1.22 -22.46
C LEU C 309 -17.33 -0.22 -22.09
N CYS C 310 -16.28 -1.01 -22.15
CA CYS C 310 -16.27 -2.42 -21.68
CA CYS C 310 -16.25 -2.39 -21.70
C CYS C 310 -15.31 -2.68 -20.44
N TRP C 311 -15.94 -3.29 -19.45
CA TRP C 311 -15.30 -3.67 -18.18
C TRP C 311 -14.95 -5.16 -18.33
N ILE C 312 -13.67 -5.47 -18.28
CA ILE C 312 -13.19 -6.79 -18.69
C ILE C 312 -12.41 -7.45 -17.56
N ASP C 313 -12.88 -8.63 -17.15
CA ASP C 313 -12.23 -9.46 -16.14
C ASP C 313 -11.07 -10.22 -16.78
N ILE C 314 -9.84 -9.91 -16.37
CA ILE C 314 -8.65 -10.57 -16.91
C ILE C 314 -8.07 -11.59 -15.93
N SER C 315 -8.83 -11.98 -14.91
CA SER C 315 -8.28 -12.84 -13.87
C SER C 315 -7.77 -14.17 -14.41
N ALA C 316 -8.33 -14.64 -15.54
CA ALA C 316 -7.88 -15.92 -16.06
C ALA C 316 -6.45 -15.88 -16.58
N THR C 317 -5.90 -14.70 -16.82
CA THR C 317 -4.53 -14.62 -17.34
C THR C 317 -3.47 -14.66 -16.26
N GLY C 318 -3.85 -14.52 -14.99
CA GLY C 318 -2.87 -14.44 -13.93
C GLY C 318 -2.15 -13.11 -13.81
N TYR C 319 -2.39 -12.18 -14.73
CA TYR C 319 -1.87 -10.83 -14.65
C TYR C 319 -2.79 -9.95 -13.82
N ASP C 320 -2.20 -9.07 -13.02
CA ASP C 320 -2.95 -7.93 -12.49
C ASP C 320 -3.16 -6.89 -13.58
N ASP C 321 -4.11 -5.98 -13.32
CA ASP C 321 -4.51 -5.00 -14.34
C ASP C 321 -3.38 -4.09 -14.78
N VAL C 322 -2.54 -3.65 -13.83
CA VAL C 322 -1.47 -2.73 -14.21
C VAL C 322 -0.43 -3.44 -15.06
N SER C 323 -0.07 -4.67 -14.69
CA SER C 323 0.91 -5.42 -15.48
C SER C 323 0.39 -5.73 -16.87
N PHE C 324 -0.89 -6.09 -16.97
CA PHE C 324 -1.48 -6.40 -18.26
C PHE C 324 -1.50 -5.16 -19.15
N ALA C 325 -1.91 -4.01 -18.59
CA ALA C 325 -1.88 -2.75 -19.35
C ALA C 325 -0.46 -2.39 -19.79
N ALA C 326 0.53 -2.66 -18.93
CA ALA C 326 1.92 -2.46 -19.31
C ALA C 326 2.28 -3.28 -20.55
N ARG C 327 1.93 -4.56 -20.55
CA ARG C 327 2.21 -5.40 -21.71
C ARG C 327 1.51 -4.88 -22.97
N LEU C 328 0.26 -4.46 -22.83
CA LEU C 328 -0.50 -4.00 -24.00
C LEU C 328 0.12 -2.73 -24.59
N LYS C 329 0.66 -1.89 -23.70
CA LYS C 329 1.32 -0.61 -24.09
C LYS C 329 2.51 -0.92 -24.97
N GLU C 330 3.17 -2.06 -24.80
CA GLU C 330 4.28 -2.47 -25.75
CA GLU C 330 4.27 -2.54 -25.72
C GLU C 330 3.99 -2.76 -27.27
N HIS C 331 2.68 -3.02 -27.37
CA HIS C 331 1.86 -3.27 -28.59
C HIS C 331 1.08 -2.01 -29.00
N ASP C 332 1.40 -0.86 -28.43
CA ASP C 332 0.80 0.42 -28.82
C ASP C 332 -0.67 0.51 -28.48
N ILE C 333 -1.14 -0.24 -27.47
CA ILE C 333 -2.54 -0.25 -27.05
C ILE C 333 -2.61 0.24 -25.61
N ALA C 334 -3.42 1.28 -25.35
CA ALA C 334 -3.58 1.84 -24.01
C ALA C 334 -4.98 1.49 -23.49
N VAL C 335 -5.03 0.79 -22.36
CA VAL C 335 -6.26 0.52 -21.64
C VAL C 335 -6.12 1.08 -20.23
N LEU C 336 -7.24 1.12 -19.49
CA LEU C 336 -7.26 1.61 -18.12
C LEU C 336 -7.17 0.45 -17.15
N PRO C 337 -6.21 0.42 -16.24
CA PRO C 337 -6.28 -0.55 -15.14
C PRO C 337 -7.47 -0.20 -14.26
N GLY C 338 -8.24 -1.21 -13.88
CA GLY C 338 -9.51 -0.94 -13.23
C GLY C 338 -9.46 -0.68 -11.74
N ARG C 339 -8.32 -0.95 -11.08
CA ARG C 339 -8.29 -0.87 -9.63
C ARG C 339 -8.66 0.51 -9.10
N PHE C 340 -8.31 1.59 -9.83
CA PHE C 340 -8.56 2.93 -9.33
C PHE C 340 -10.05 3.24 -9.18
N PHE C 341 -10.92 2.58 -9.96
CA PHE C 341 -12.35 2.80 -9.79
C PHE C 341 -12.84 2.35 -8.43
N TYR C 342 -12.21 1.31 -7.85
CA TYR C 342 -12.54 0.89 -6.49
C TYR C 342 -11.66 1.69 -5.52
N TRP C 343 -12.00 2.99 -5.43
CA TRP C 343 -11.07 3.97 -4.88
C TRP C 343 -10.83 3.77 -3.39
N ASN C 344 -11.69 3.04 -2.71
CA ASN C 344 -11.51 2.76 -1.28
C ASN C 344 -10.98 1.36 -1.02
N SER C 345 -10.81 0.59 -2.08
CA SER C 345 -10.38 -0.82 -1.91
C SER C 345 -9.63 -1.28 -3.15
N LYS C 346 -8.67 -0.52 -3.63
CA LYS C 346 -8.00 -0.81 -4.93
CA LYS C 346 -7.98 -0.78 -4.94
C LYS C 346 -7.27 -2.16 -5.26
N SER C 347 -6.59 -2.53 -4.17
CA SER C 347 -5.81 -3.78 -4.11
C SER C 347 -6.73 -5.00 -4.10
N GLN C 348 -7.99 -4.84 -3.72
CA GLN C 348 -8.90 -5.99 -3.79
C GLN C 348 -9.62 -6.09 -5.13
N HIS C 349 -9.34 -5.18 -6.05
CA HIS C 349 -10.05 -5.12 -7.33
C HIS C 349 -9.06 -4.89 -8.47
N THR C 350 -8.05 -5.76 -8.57
CA THR C 350 -6.97 -5.61 -9.55
C THR C 350 -7.12 -6.52 -10.77
N GLN C 351 -8.29 -7.12 -10.97
CA GLN C 351 -8.46 -8.13 -12.00
C GLN C 351 -9.24 -7.61 -13.21
N PHE C 352 -9.48 -6.30 -13.29
CA PHE C 352 -10.29 -5.72 -14.36
C PHE C 352 -9.50 -4.70 -15.17
N ILE C 353 -9.81 -4.61 -16.45
CA ILE C 353 -9.39 -3.46 -17.26
C ILE C 353 -10.63 -2.84 -17.89
N ARG C 354 -10.49 -1.58 -18.28
CA ARG C 354 -11.56 -0.87 -18.95
C ARG C 354 -11.10 -0.46 -20.34
N VAL C 355 -11.91 -0.77 -21.34
CA VAL C 355 -11.62 -0.40 -22.72
C VAL C 355 -12.74 0.50 -23.19
N SER C 356 -12.41 1.74 -23.56
CA SER C 356 -13.46 2.66 -23.98
C SER C 356 -13.83 2.43 -25.44
N LEU C 357 -15.08 2.74 -25.79
CA LEU C 357 -15.59 2.37 -27.11
C LEU C 357 -15.65 3.50 -28.11
N MET C 358 -15.90 4.73 -27.68
CA MET C 358 -16.26 5.79 -28.62
C MET C 358 -15.04 6.59 -29.07
N LYS C 359 -14.14 5.88 -29.73
CA LYS C 359 -12.91 6.41 -30.26
C LYS C 359 -13.00 6.55 -31.77
N PRO C 360 -12.06 7.26 -32.41
CA PRO C 360 -12.10 7.40 -33.87
C PRO C 360 -12.27 6.05 -34.54
N ASP C 361 -13.19 5.99 -35.52
CA ASP C 361 -13.76 4.72 -35.95
C ASP C 361 -12.70 3.73 -36.43
N ALA C 362 -11.87 4.15 -37.38
CA ALA C 362 -10.82 3.26 -37.90
C ALA C 362 -9.87 2.84 -36.80
N GLU C 363 -9.42 3.79 -35.99
CA GLU C 363 -8.57 3.47 -34.85
C GLU C 363 -9.23 2.43 -33.95
N PHE C 364 -10.54 2.58 -33.69
CA PHE C 364 -11.21 1.63 -32.80
C PHE C 364 -11.22 0.23 -33.42
N TYR C 365 -11.72 0.10 -34.65
CA TYR C 365 -11.90 -1.24 -35.19
C TYR C 365 -10.56 -1.89 -35.50
N GLU C 366 -9.58 -1.12 -35.97
CA GLU C 366 -8.26 -1.69 -36.20
C GLU C 366 -7.60 -2.02 -34.87
N GLY C 367 -7.79 -1.16 -33.86
CA GLY C 367 -7.13 -1.36 -32.58
C GLY C 367 -7.65 -2.57 -31.83
N ILE C 368 -8.93 -2.89 -32.01
CA ILE C 368 -9.46 -4.09 -31.35
C ILE C 368 -8.92 -5.34 -32.03
N GLY C 369 -8.75 -5.31 -33.34
CA GLY C 369 -8.04 -6.40 -34.01
C GLY C 369 -6.63 -6.57 -33.48
N LYS C 370 -5.94 -5.45 -33.28
CA LYS C 370 -4.59 -5.51 -32.71
C LYS C 370 -4.62 -6.00 -31.28
N LEU C 371 -5.64 -5.59 -30.53
CA LEU C 371 -5.82 -6.07 -29.16
C LEU C 371 -5.96 -7.58 -29.11
N LYS C 372 -6.77 -8.15 -30.01
CA LYS C 372 -6.91 -9.59 -30.05
C LYS C 372 -5.58 -10.27 -30.35
N GLU C 373 -4.83 -9.74 -31.33
CA GLU C 373 -3.53 -10.32 -31.65
C GLU C 373 -2.59 -10.22 -30.45
N ALA C 374 -2.59 -9.06 -29.77
CA ALA C 374 -1.69 -8.87 -28.63
C ALA C 374 -2.05 -9.81 -27.49
N VAL C 375 -3.35 -9.93 -27.18
CA VAL C 375 -3.78 -10.83 -26.12
C VAL C 375 -3.36 -12.27 -26.44
N THR C 376 -3.48 -12.69 -27.70
CA THR C 376 -3.10 -14.04 -28.07
C THR C 376 -1.61 -14.27 -27.86
N ARG C 377 -0.78 -13.34 -28.31
CA ARG C 377 0.66 -13.43 -28.09
C ARG C 377 0.98 -13.53 -26.61
N ILE C 378 0.42 -12.62 -25.81
CA ILE C 378 0.75 -12.52 -24.39
C ILE C 378 0.46 -13.83 -23.66
N LEU C 379 -0.65 -14.47 -24.02
CA LEU C 379 -1.09 -15.69 -23.35
C LEU C 379 -0.43 -16.95 -23.90
N GLU C 380 0.71 -16.82 -24.57
CA GLU C 380 1.44 -17.98 -25.08
C GLU C 380 2.90 -17.98 -24.63
N TYR D 6 -24.84 43.39 -3.50
CA TYR D 6 -23.98 42.70 -4.46
C TYR D 6 -22.85 41.90 -3.78
N ASP D 7 -22.77 40.61 -4.11
CA ASP D 7 -21.75 39.73 -3.53
C ASP D 7 -20.40 39.83 -4.22
N SER D 8 -20.35 40.35 -5.45
CA SER D 8 -19.16 40.22 -6.26
C SER D 8 -19.31 41.05 -7.52
N LEU D 9 -18.19 41.30 -8.18
CA LEU D 9 -18.25 41.87 -9.53
C LEU D 9 -18.96 40.94 -10.49
N THR D 10 -18.73 39.62 -10.36
CA THR D 10 -19.37 38.70 -11.29
C THR D 10 -20.88 38.74 -11.15
N GLU D 11 -21.39 38.91 -9.93
CA GLU D 11 -22.84 39.06 -9.78
C GLU D 11 -23.35 40.29 -10.55
N VAL D 12 -22.63 41.40 -10.48
CA VAL D 12 -23.01 42.58 -11.26
C VAL D 12 -22.93 42.27 -12.75
N GLU D 13 -21.91 41.49 -13.16
CA GLU D 13 -21.74 41.17 -14.58
C GLU D 13 -22.85 40.25 -15.07
N VAL D 14 -23.28 39.29 -14.24
CA VAL D 14 -24.36 38.40 -14.65
C VAL D 14 -25.63 39.20 -14.87
N GLU D 15 -25.97 40.09 -13.93
CA GLU D 15 -27.11 40.98 -14.10
C GLU D 15 -26.98 41.82 -15.36
N GLY D 16 -25.77 42.29 -15.66
CA GLY D 16 -25.54 43.08 -16.85
C GLY D 16 -25.86 42.35 -18.15
N LEU D 17 -25.82 41.02 -18.13
CA LEU D 17 -26.06 40.25 -19.35
C LEU D 17 -27.47 40.46 -19.88
N SER D 18 -28.39 40.98 -19.06
CA SER D 18 -29.78 41.14 -19.44
C SER D 18 -30.11 42.60 -19.76
N TYR D 19 -29.11 43.47 -19.83
CA TYR D 19 -29.35 44.87 -20.09
C TYR D 19 -29.02 45.21 -21.54
N LEU D 20 -29.72 46.21 -22.07
CA LEU D 20 -29.61 46.55 -23.49
C LEU D 20 -28.21 47.05 -23.82
N TYR D 21 -27.62 47.86 -22.95
CA TYR D 21 -26.30 48.42 -23.14
C TYR D 21 -25.42 47.95 -21.99
N ASN D 22 -24.74 46.83 -22.20
CA ASN D 22 -23.99 46.16 -21.14
C ASN D 22 -22.50 46.48 -21.27
N PHE D 23 -22.01 47.35 -20.39
CA PHE D 23 -20.60 47.69 -20.30
C PHE D 23 -19.96 47.09 -19.04
N ALA D 24 -20.49 45.98 -18.52
CA ALA D 24 -20.03 45.45 -17.22
C ALA D 24 -18.82 44.53 -17.38
N ASP D 25 -19.00 43.34 -17.95
CA ASP D 25 -17.89 42.40 -17.99
C ASP D 25 -16.84 42.81 -19.04
N GLY D 26 -15.62 42.34 -18.82
CA GLY D 26 -14.50 42.63 -19.70
C GLY D 26 -14.18 41.57 -20.73
N HIS D 27 -15.05 40.57 -20.90
CA HIS D 27 -14.83 39.53 -21.90
C HIS D 27 -14.96 40.12 -23.30
N ALA D 28 -14.06 39.71 -24.19
CA ALA D 28 -14.03 40.24 -25.54
C ALA D 28 -15.25 39.78 -26.34
N TYR D 29 -16.09 40.75 -26.75
CA TYR D 29 -17.29 40.42 -27.52
C TYR D 29 -17.49 41.37 -28.71
N HIS D 30 -16.46 42.11 -29.10
CA HIS D 30 -16.56 42.95 -30.28
C HIS D 30 -16.72 42.09 -31.53
N ASP D 31 -17.18 42.73 -32.60
CA ASP D 31 -17.43 42.05 -33.86
C ASP D 31 -16.13 41.53 -34.45
N ILE D 32 -16.26 40.52 -35.32
CA ILE D 32 -15.13 39.96 -36.04
C ILE D 32 -14.70 40.94 -37.13
N ASN D 33 -13.47 41.45 -37.02
CA ASN D 33 -13.00 42.43 -37.98
C ASN D 33 -12.50 41.75 -39.27
N GLU D 34 -12.05 42.58 -40.22
CA GLU D 34 -11.66 42.09 -41.53
C GLU D 34 -10.47 41.13 -41.48
N HIS D 35 -9.66 41.18 -40.42
CA HIS D 35 -8.51 40.29 -40.31
C HIS D 35 -8.91 38.89 -39.86
N TYR D 36 -10.01 38.77 -39.13
CA TYR D 36 -10.44 37.52 -38.52
C TYR D 36 -11.62 36.87 -39.25
N VAL D 37 -12.27 37.57 -40.18
CA VAL D 37 -13.47 37.01 -40.80
C VAL D 37 -13.15 35.72 -41.57
N ASP D 38 -11.94 35.63 -42.15
CA ASP D 38 -11.56 34.41 -42.85
C ASP D 38 -11.56 33.19 -41.93
N ILE D 39 -11.29 33.40 -40.63
CA ILE D 39 -11.30 32.29 -39.69
C ILE D 39 -12.71 31.78 -39.49
N ILE D 40 -13.68 32.69 -39.31
CA ILE D 40 -15.07 32.30 -39.11
C ILE D 40 -15.65 31.69 -40.38
N ASN D 41 -15.34 32.27 -41.54
CA ASN D 41 -15.76 31.65 -42.79
C ASN D 41 -15.23 30.23 -42.94
N ASN D 42 -14.19 29.86 -42.20
CA ASN D 42 -13.52 28.57 -42.37
C ASN D 42 -13.49 27.75 -41.09
N LEU D 43 -14.55 27.86 -40.28
CA LEU D 43 -14.60 27.12 -39.02
C LEU D 43 -14.31 25.65 -39.22
N GLN D 44 -14.80 25.07 -40.33
CA GLN D 44 -14.60 23.65 -40.61
C GLN D 44 -13.13 23.31 -40.70
N ARG D 45 -12.31 24.21 -41.23
CA ARG D 45 -10.88 23.94 -41.31
C ARG D 45 -10.29 23.67 -39.93
N TYR D 46 -10.72 24.42 -38.92
CA TYR D 46 -10.14 24.27 -37.58
C TYR D 46 -10.78 23.11 -36.82
N TRP D 47 -12.06 22.82 -37.06
CA TRP D 47 -12.64 21.56 -36.64
C TRP D 47 -11.80 20.38 -37.15
N GLN D 48 -11.47 20.40 -38.45
CA GLN D 48 -10.67 19.34 -39.05
C GLN D 48 -9.28 19.26 -38.44
N GLU D 49 -8.61 20.41 -38.30
CA GLU D 49 -7.27 20.41 -37.71
C GLU D 49 -7.28 19.79 -36.32
N GLY D 50 -8.28 20.13 -35.50
CA GLY D 50 -8.33 19.57 -34.17
C GLY D 50 -8.56 18.08 -34.20
N LYS D 51 -9.32 17.61 -35.19
CA LYS D 51 -9.62 16.19 -35.32
C LYS D 51 -8.41 15.40 -35.79
N ASP D 52 -7.56 16.00 -36.62
CA ASP D 52 -6.45 15.33 -37.27
C ASP D 52 -5.18 15.34 -36.45
N HIS D 53 -5.19 15.88 -35.24
CA HIS D 53 -3.98 15.93 -34.43
C HIS D 53 -4.24 15.44 -33.02
N SER D 54 -3.19 14.88 -32.41
CA SER D 54 -3.27 14.42 -31.04
C SER D 54 -3.44 15.62 -30.13
N ILE D 55 -4.03 15.39 -28.97
CA ILE D 55 -4.15 16.46 -27.99
C ILE D 55 -2.79 17.03 -27.59
N PRO D 56 -1.78 16.22 -27.26
CA PRO D 56 -0.48 16.83 -26.91
C PRO D 56 0.13 17.68 -28.03
N ASP D 57 -0.02 17.26 -29.29
CA ASP D 57 0.52 18.04 -30.40
C ASP D 57 -0.20 19.38 -30.53
N MET D 58 -1.52 19.39 -30.38
CA MET D 58 -2.26 20.66 -30.46
C MET D 58 -1.93 21.58 -29.27
N GLU D 59 -1.82 21.03 -28.06
CA GLU D 59 -1.40 21.84 -26.92
C GLU D 59 -0.06 22.53 -27.18
N LYS D 60 0.94 21.76 -27.64
CA LYS D 60 2.25 22.33 -27.90
C LYS D 60 2.19 23.32 -29.06
N ALA D 61 1.37 23.03 -30.10
CA ALA D 61 1.30 23.91 -31.25
C ALA D 61 0.74 25.28 -30.87
N PHE D 62 -0.31 25.30 -30.05
CA PHE D 62 -0.85 26.58 -29.62
C PHE D 62 0.16 27.33 -28.77
N LYS D 63 0.77 26.64 -27.82
CA LYS D 63 1.78 27.27 -26.97
C LYS D 63 2.89 27.89 -27.79
N ASN D 64 3.38 27.17 -28.80
CA ASN D 64 4.48 27.68 -29.62
C ASN D 64 4.03 28.84 -30.48
N GLN D 65 2.80 28.79 -30.98
CA GLN D 65 2.27 29.90 -31.75
C GLN D 65 2.22 31.17 -30.90
N PHE D 66 1.73 31.03 -29.66
CA PHE D 66 1.73 32.15 -28.74
C PHE D 66 3.13 32.64 -28.42
N ALA D 67 4.08 31.71 -28.21
CA ALA D 67 5.45 32.11 -27.95
C ALA D 67 6.02 32.92 -29.10
N GLU D 68 5.63 32.59 -30.34
CA GLU D 68 6.04 33.39 -31.48
C GLU D 68 5.43 34.80 -31.43
N LEU D 69 4.12 34.89 -31.16
CA LEU D 69 3.49 36.21 -31.07
C LEU D 69 4.18 37.11 -30.05
N ILE D 70 4.49 36.56 -28.87
CA ILE D 70 5.05 37.37 -27.79
C ILE D 70 6.57 37.34 -27.81
N ASP D 71 7.16 36.71 -28.82
CA ASP D 71 8.61 36.61 -29.00
C ASP D 71 9.29 36.10 -27.72
N SER D 72 8.86 34.92 -27.26
CA SER D 72 9.44 34.35 -26.04
C SER D 72 10.09 33.03 -26.42
N SER D 73 11.39 33.05 -26.70
CA SER D 73 12.12 31.79 -26.91
C SER D 73 11.99 30.88 -25.70
N THR D 74 11.85 31.44 -24.50
CA THR D 74 11.74 30.62 -23.30
C THR D 74 10.42 29.86 -23.24
N LEU D 75 9.30 30.53 -23.52
CA LEU D 75 8.04 29.80 -23.61
C LEU D 75 8.10 28.73 -24.69
N HIS D 76 8.74 29.05 -25.81
CA HIS D 76 8.86 28.05 -26.88
C HIS D 76 9.59 26.80 -26.39
N SER D 77 10.62 26.96 -25.56
CA SER D 77 11.44 25.81 -25.16
C SER D 77 10.79 24.97 -24.06
N THR D 78 9.92 25.53 -23.24
CA THR D 78 9.46 24.80 -22.07
C THR D 78 8.33 23.84 -22.40
N ASN D 79 8.34 22.68 -21.75
CA ASN D 79 7.24 21.73 -21.79
C ASN D 79 6.55 21.58 -20.45
N HIS D 80 6.75 22.52 -19.53
CA HIS D 80 6.07 22.50 -18.23
C HIS D 80 4.88 23.46 -18.28
N PHE D 81 3.76 22.96 -18.80
CA PHE D 81 2.55 23.77 -18.87
C PHE D 81 1.34 22.86 -19.03
N SER D 82 0.17 23.44 -18.74
CA SER D 82 -1.12 22.79 -18.92
C SER D 82 -2.06 23.79 -19.58
N VAL D 83 -3.15 23.28 -20.13
CA VAL D 83 -4.06 24.07 -20.97
C VAL D 83 -5.45 23.98 -20.32
N CYS D 84 -5.95 25.14 -19.75
CA CYS D 84 -7.27 25.20 -19.13
C CYS D 84 -8.27 25.91 -20.05
N PRO D 85 -9.55 25.58 -19.91
CA PRO D 85 -10.59 26.27 -20.69
C PRO D 85 -10.78 27.74 -20.33
N THR D 86 -10.43 28.16 -19.10
CA THR D 86 -10.56 29.55 -18.68
C THR D 86 -9.40 29.91 -17.76
N ALA D 87 -9.08 31.21 -17.72
CA ALA D 87 -8.02 31.69 -16.84
C ALA D 87 -8.41 31.53 -15.38
N SER D 88 -9.71 31.62 -15.06
CA SER D 88 -10.14 31.40 -13.68
C SER D 88 -9.85 29.98 -13.23
N ASN D 89 -10.00 29.00 -14.13
CA ASN D 89 -9.59 27.64 -13.82
C ASN D 89 -8.10 27.56 -13.47
N SER D 90 -7.26 28.24 -14.25
CA SER D 90 -5.83 28.27 -13.97
C SER D 90 -5.56 28.89 -12.59
N ILE D 91 -6.22 30.02 -12.29
CA ILE D 91 -6.05 30.69 -10.99
C ILE D 91 -6.47 29.75 -9.86
N ASP D 92 -7.57 29.03 -10.04
CA ASP D 92 -8.07 28.12 -9.01
C ASP D 92 -7.05 27.01 -8.72
N ILE D 93 -6.42 26.47 -9.76
CA ILE D 93 -5.42 25.42 -9.56
C ILE D 93 -4.21 25.99 -8.82
N VAL D 94 -3.76 27.19 -9.20
CA VAL D 94 -2.70 27.87 -8.46
C VAL D 94 -3.10 28.06 -6.99
N ALA D 95 -4.35 28.44 -6.75
CA ALA D 95 -4.80 28.64 -5.38
C ALA D 95 -4.75 27.32 -4.59
N ALA D 96 -5.18 26.22 -5.22
CA ALA D 96 -5.09 24.91 -4.58
C ALA D 96 -3.63 24.55 -4.28
N TRP D 97 -2.73 24.91 -5.20
CA TRP D 97 -1.31 24.62 -4.98
C TRP D 97 -0.75 25.42 -3.81
N LEU D 98 -1.12 26.69 -3.71
CA LEU D 98 -0.62 27.53 -2.62
C LEU D 98 -1.11 27.03 -1.28
N HIS D 99 -2.38 26.63 -1.21
CA HIS D 99 -2.98 26.08 0.03
C HIS D 99 -2.30 24.77 0.37
N LYS D 100 -2.06 23.90 -0.61
CA LYS D 100 -1.34 22.61 -0.40
CA LYS D 100 -1.35 22.61 -0.39
C LYS D 100 0.14 22.56 0.15
N GLU D 101 0.79 23.59 -0.37
CA GLU D 101 2.20 23.92 -0.09
C GLU D 101 2.28 24.90 1.10
N ASN D 102 1.16 25.35 1.64
CA ASN D 102 1.16 26.18 2.86
C ASN D 102 1.89 27.49 2.62
N LYS D 103 1.55 28.16 1.51
CA LYS D 103 2.19 29.40 1.11
C LYS D 103 1.31 30.57 1.52
N ARG D 104 1.76 31.36 2.50
CA ARG D 104 1.14 32.64 2.80
C ARG D 104 1.34 33.58 1.61
N THR D 105 0.25 34.12 1.07
CA THR D 105 0.31 34.77 -0.23
C THR D 105 -0.13 36.23 -0.13
N ALA D 106 0.72 37.14 -0.61
CA ALA D 106 0.32 38.53 -0.78
C ALA D 106 -0.30 38.69 -2.16
N LEU D 107 -1.50 39.28 -2.21
CA LEU D 107 -2.23 39.49 -3.44
C LEU D 107 -2.29 40.98 -3.79
N ILE D 108 -2.05 41.30 -5.06
CA ILE D 108 -2.10 42.69 -5.51
C ILE D 108 -3.46 43.31 -5.22
N GLU D 109 -3.47 44.60 -4.87
CA GLU D 109 -4.70 45.37 -4.74
C GLU D 109 -4.50 46.69 -5.48
N PRO D 110 -5.45 47.12 -6.34
CA PRO D 110 -6.70 46.42 -6.67
C PRO D 110 -6.45 45.18 -7.53
N ALA D 111 -7.48 44.36 -7.66
CA ALA D 111 -7.43 43.20 -8.54
C ALA D 111 -8.87 42.82 -8.85
N PHE D 112 -9.09 42.20 -10.01
CA PHE D 112 -10.42 41.66 -10.25
C PHE D 112 -10.77 40.71 -9.11
N ASP D 113 -11.97 40.86 -8.55
CA ASP D 113 -12.19 40.32 -7.22
C ASP D 113 -12.23 38.80 -7.18
N ASN D 114 -12.54 38.10 -8.28
CA ASN D 114 -12.58 36.66 -8.12
C ASN D 114 -11.20 36.04 -7.94
N LEU D 115 -10.12 36.77 -8.22
CA LEU D 115 -8.80 36.29 -7.82
C LEU D 115 -8.73 36.14 -6.30
N TYR D 116 -9.16 37.17 -5.58
CA TYR D 116 -9.20 37.11 -4.13
C TYR D 116 -10.14 36.02 -3.65
N LEU D 117 -11.34 35.94 -4.25
CA LEU D 117 -12.35 34.99 -3.79
C LEU D 117 -11.91 33.55 -4.02
N LEU D 118 -11.23 33.25 -5.14
CA LEU D 118 -10.77 31.88 -5.36
C LEU D 118 -9.66 31.50 -4.39
N LEU D 119 -8.70 32.41 -4.15
CA LEU D 119 -7.68 32.15 -3.15
C LEU D 119 -8.31 31.91 -1.78
N LYS D 120 -9.28 32.73 -1.40
CA LYS D 120 -9.92 32.58 -0.10
C LYS D 120 -10.68 31.27 -0.01
N ARG D 121 -11.35 30.88 -1.11
CA ARG D 121 -12.14 29.64 -1.11
C ARG D 121 -11.27 28.41 -0.95
N ARG D 122 -10.06 28.44 -1.49
CA ARG D 122 -9.10 27.34 -1.33
C ARG D 122 -8.36 27.41 0.00
N GLY D 123 -8.68 28.38 0.86
CA GLY D 123 -8.09 28.44 2.18
C GLY D 123 -6.71 29.05 2.25
N VAL D 124 -6.32 29.84 1.26
CA VAL D 124 -5.00 30.47 1.26
C VAL D 124 -4.99 31.61 2.27
N ASP D 125 -3.87 31.73 3.01
CA ASP D 125 -3.68 32.83 3.95
C ASP D 125 -3.25 34.07 3.15
N ILE D 126 -4.15 35.04 3.02
CA ILE D 126 -3.98 36.14 2.06
C ILE D 126 -3.71 37.44 2.79
N SER D 127 -2.80 38.25 2.24
CA SER D 127 -2.60 39.63 2.64
C SER D 127 -2.59 40.51 1.39
N ALA D 128 -2.89 41.81 1.56
CA ALA D 128 -2.90 42.73 0.42
C ALA D 128 -1.55 43.42 0.24
N PHE D 129 -1.23 43.67 -1.00
CA PHE D 129 -0.08 44.56 -1.22
C PHE D 129 -0.49 45.54 -2.28
N ASP D 130 -0.14 46.81 -2.10
CA ASP D 130 -0.42 47.89 -3.11
CA ASP D 130 -0.44 47.90 -3.11
C ASP D 130 0.30 47.78 -4.52
N GLU D 131 -0.52 47.95 -5.55
CA GLU D 131 -0.02 47.74 -6.91
C GLU D 131 1.16 48.68 -7.16
N LEU D 132 1.17 49.83 -6.49
CA LEU D 132 2.28 50.75 -6.69
C LEU D 132 3.60 50.21 -6.14
N ALA D 133 3.55 49.19 -5.28
CA ALA D 133 4.78 48.57 -4.79
C ALA D 133 5.58 47.95 -5.94
N LEU D 134 4.95 47.64 -7.05
CA LEU D 134 5.66 47.14 -8.23
C LEU D 134 6.51 48.22 -8.90
N LYS D 135 6.28 49.49 -8.57
CA LYS D 135 7.01 50.61 -9.12
C LYS D 135 7.80 51.38 -8.06
N ASN D 136 7.91 50.83 -6.85
CA ASN D 136 8.71 51.44 -5.81
C ASN D 136 9.61 50.38 -5.19
N GLU D 137 10.92 50.55 -5.37
CA GLU D 137 11.83 49.49 -4.97
C GLU D 137 11.84 49.26 -3.47
N HIS D 138 11.81 50.33 -2.67
CA HIS D 138 11.85 50.16 -1.22
C HIS D 138 10.61 49.47 -0.70
N GLN D 139 9.43 49.82 -1.23
CA GLN D 139 8.19 49.23 -0.74
C GLN D 139 8.13 47.75 -1.06
N LEU D 140 8.53 47.36 -2.27
CA LEU D 140 8.56 45.94 -2.64
C LEU D 140 9.58 45.17 -1.80
N ALA D 141 10.77 45.75 -1.60
CA ALA D 141 11.76 45.07 -0.76
C ALA D 141 11.22 44.85 0.65
N GLN D 142 10.51 45.83 1.22
CA GLN D 142 9.96 45.62 2.56
C GLN D 142 8.96 44.48 2.58
N ILE D 143 8.15 44.37 1.52
CA ILE D 143 7.13 43.33 1.47
C ILE D 143 7.75 41.94 1.43
N VAL D 144 8.71 41.76 0.54
CA VAL D 144 9.36 40.43 0.35
C VAL D 144 10.24 40.02 1.53
N SER D 145 10.90 40.99 2.12
CA SER D 145 11.78 40.70 3.27
CA SER D 145 11.77 40.91 3.32
C SER D 145 11.25 40.64 4.75
N SER D 146 9.94 40.85 4.79
CA SER D 146 9.18 40.90 6.07
C SER D 146 9.18 39.56 6.80
N GLY D 147 9.35 38.45 6.08
CA GLY D 147 9.10 37.17 6.72
C GLY D 147 7.64 36.85 6.90
N ASP D 148 6.74 37.68 6.37
CA ASP D 148 5.30 37.47 6.56
C ASP D 148 4.67 36.72 5.40
N ILE D 149 5.33 36.60 4.25
CA ILE D 149 4.74 35.94 3.09
C ILE D 149 5.69 34.92 2.50
N ASP D 150 5.11 33.98 1.76
CA ASP D 150 5.87 32.98 1.04
C ASP D 150 5.67 33.07 -0.46
N ALA D 151 4.68 33.82 -0.89
CA ALA D 151 4.35 33.89 -2.30
C ALA D 151 3.76 35.25 -2.59
N LEU D 152 3.86 35.67 -3.84
CA LEU D 152 3.36 36.97 -4.27
C LEU D 152 2.56 36.77 -5.55
N PHE D 153 1.29 37.15 -5.52
CA PHE D 153 0.36 36.96 -6.63
C PHE D 153 0.07 38.33 -7.24
N LEU D 154 0.51 38.55 -8.49
CA LEU D 154 0.34 39.84 -9.14
C LEU D 154 -0.35 39.69 -10.49
N VAL D 155 -0.84 40.82 -10.98
CA VAL D 155 -1.48 40.93 -12.29
C VAL D 155 -0.75 42.02 -13.06
N ASN D 156 -0.28 41.69 -14.27
CA ASN D 156 0.53 42.60 -15.11
C ASN D 156 0.10 42.45 -16.57
N PRO D 157 -0.38 43.51 -17.23
CA PRO D 157 -0.75 44.81 -16.65
C PRO D 157 -1.94 44.63 -15.73
N ASN D 158 -2.17 45.53 -14.77
CA ASN D 158 -3.21 45.31 -13.77
C ASN D 158 -4.56 45.83 -14.24
N ASN D 159 -5.59 45.12 -13.83
CA ASN D 159 -6.99 45.46 -14.19
C ASN D 159 -7.60 46.03 -12.92
N PRO D 160 -8.13 47.25 -12.85
CA PRO D 160 -8.56 48.12 -13.98
C PRO D 160 -7.68 49.31 -14.26
N THR D 161 -6.55 49.41 -13.56
CA THR D 161 -5.74 50.62 -13.60
C THR D 161 -4.80 50.67 -14.80
N GLY D 162 -4.58 49.55 -15.47
CA GLY D 162 -3.60 49.51 -16.54
C GLY D 162 -2.17 49.69 -16.10
N LEU D 163 -1.88 49.59 -14.79
CA LEU D 163 -0.50 49.66 -14.33
C LEU D 163 0.30 48.52 -14.95
N GLU D 164 1.49 48.84 -15.46
CA GLU D 164 2.32 47.87 -16.18
C GLU D 164 3.77 48.02 -15.76
N MET D 165 4.42 46.90 -15.43
CA MET D 165 5.83 46.94 -15.04
C MET D 165 6.71 47.13 -16.26
N THR D 166 7.71 48.00 -16.14
CA THR D 166 8.78 48.04 -17.12
C THR D 166 9.64 46.78 -16.99
N GLU D 167 10.51 46.58 -17.98
CA GLU D 167 11.41 45.41 -17.97
C GLU D 167 12.29 45.50 -16.72
N SER D 168 12.75 46.71 -16.40
CA SER D 168 13.57 46.96 -15.18
CA SER D 168 13.58 46.95 -15.11
C SER D 168 12.99 46.67 -13.73
N GLU D 169 11.71 47.04 -13.70
CA GLU D 169 10.82 46.75 -12.56
C GLU D 169 10.57 45.24 -12.47
N PHE D 170 10.36 44.57 -13.60
CA PHE D 170 10.10 43.13 -13.50
C PHE D 170 11.36 42.37 -13.13
N VAL D 171 12.51 42.78 -13.69
CA VAL D 171 13.78 42.18 -13.30
C VAL D 171 13.99 42.32 -11.80
N TYR D 172 13.74 43.53 -11.27
CA TYR D 172 13.90 43.79 -9.84
C TYR D 172 12.99 42.90 -9.02
N LEU D 173 11.71 42.82 -9.42
CA LEU D 173 10.75 41.96 -8.73
C LEU D 173 11.26 40.53 -8.62
N VAL D 174 11.68 39.95 -9.74
CA VAL D 174 12.16 38.57 -9.74
C VAL D 174 13.41 38.45 -8.88
N GLU D 175 14.35 39.38 -9.02
CA GLU D 175 15.55 39.34 -8.21
C GLU D 175 15.20 39.28 -6.73
N GLN D 176 14.27 40.14 -6.31
CA GLN D 176 13.94 40.25 -4.89
C GLN D 176 13.22 39.00 -4.39
N CYS D 177 12.30 38.47 -5.19
CA CYS D 177 11.57 37.26 -4.78
C CYS D 177 12.47 36.04 -4.73
N LYS D 178 13.39 35.90 -5.69
CA LYS D 178 14.33 34.78 -5.61
C LYS D 178 15.22 34.88 -4.38
N ALA D 179 15.72 36.08 -4.08
CA ALA D 179 16.60 36.23 -2.92
C ALA D 179 15.89 35.90 -1.61
N HIS D 180 14.58 36.11 -1.55
CA HIS D 180 13.81 35.86 -0.33
C HIS D 180 12.93 34.62 -0.44
N ASN D 181 13.16 33.80 -1.47
CA ASN D 181 12.47 32.53 -1.67
C ASN D 181 10.95 32.70 -1.69
N ILE D 182 10.50 33.64 -2.52
CA ILE D 182 9.08 33.96 -2.68
C ILE D 182 8.62 33.40 -4.02
N THR D 183 7.62 32.53 -4.00
CA THR D 183 7.00 32.07 -5.24
C THR D 183 6.24 33.21 -5.91
N ILE D 184 6.36 33.30 -7.24
CA ILE D 184 5.72 34.34 -8.04
C ILE D 184 4.56 33.71 -8.82
N LEU D 185 3.36 34.26 -8.65
CA LEU D 185 2.19 33.91 -9.46
C LEU D 185 1.90 35.13 -10.32
N LEU D 186 1.92 34.97 -11.63
CA LEU D 186 1.89 36.10 -12.55
C LEU D 186 0.71 35.95 -13.51
N ASP D 187 -0.34 36.76 -13.30
CA ASP D 187 -1.52 36.74 -14.16
C ASP D 187 -1.27 37.69 -15.32
N ARG D 188 -1.11 37.14 -16.52
CA ARG D 188 -0.80 37.92 -17.71
C ARG D 188 -2.01 38.01 -18.65
N THR D 189 -3.20 37.88 -18.06
CA THR D 189 -4.45 37.88 -18.81
C THR D 189 -4.54 39.04 -19.80
N PHE D 190 -4.03 40.21 -19.45
CA PHE D 190 -4.10 41.38 -20.33
C PHE D 190 -2.78 41.69 -21.03
N ARG D 191 -1.93 40.69 -21.22
CA ARG D 191 -0.56 40.89 -21.72
C ARG D 191 -0.53 41.63 -23.05
N ILE D 192 -1.42 41.28 -23.99
CA ILE D 192 -1.32 41.82 -25.34
C ILE D 192 -1.53 43.34 -25.36
N TYR D 193 -2.23 43.88 -24.37
CA TYR D 193 -2.50 45.31 -24.29
C TYR D 193 -1.31 46.11 -23.75
N GLY D 194 -0.32 45.45 -23.17
CA GLY D 194 0.83 46.18 -22.65
C GLY D 194 1.59 46.92 -23.73
N LYS D 195 2.40 47.89 -23.31
CA LYS D 195 3.26 48.64 -24.24
C LYS D 195 4.67 48.04 -24.20
N THR D 196 4.96 47.18 -23.23
CA THR D 196 6.33 46.64 -23.09
C THR D 196 6.58 45.45 -24.03
N ASN D 197 7.86 45.20 -24.31
CA ASN D 197 8.33 44.06 -25.14
C ASN D 197 9.61 43.49 -24.52
N PHE D 198 9.46 42.44 -23.75
CA PHE D 198 10.61 41.73 -23.13
C PHE D 198 10.14 40.31 -22.85
N ASP D 199 11.11 39.40 -22.69
CA ASP D 199 10.78 37.98 -22.44
C ASP D 199 10.65 37.73 -20.93
N ASP D 200 9.46 37.89 -20.36
CA ASP D 200 9.36 37.73 -18.91
C ASP D 200 9.58 36.27 -18.49
N TYR D 201 9.17 35.32 -19.33
CA TYR D 201 9.50 33.92 -19.07
C TYR D 201 10.99 33.73 -18.91
N GLN D 202 11.76 34.41 -19.75
CA GLN D 202 13.24 34.27 -19.71
C GLN D 202 13.79 34.75 -18.36
N ILE D 203 13.31 35.89 -17.87
CA ILE D 203 13.77 36.45 -16.57
C ILE D 203 13.41 35.46 -15.47
N LEU D 204 12.22 34.91 -15.53
CA LEU D 204 11.80 33.93 -14.52
C LEU D 204 12.70 32.69 -14.59
N GLU D 205 12.95 32.17 -15.77
CA GLU D 205 13.78 30.97 -15.87
C GLU D 205 15.20 31.25 -15.39
N GLN D 206 15.76 32.42 -15.75
CA GLN D 206 17.11 32.77 -15.33
C GLN D 206 17.29 32.63 -13.82
N SER D 207 16.30 33.12 -13.05
CA SER D 207 16.42 33.15 -11.59
C SER D 207 16.36 31.77 -10.96
N GLY D 208 15.72 30.80 -11.64
CA GLY D 208 15.44 29.54 -10.99
C GLY D 208 14.31 29.60 -9.97
N ILE D 209 13.60 30.71 -9.91
CA ILE D 209 12.50 30.85 -8.96
C ILE D 209 11.36 29.91 -9.31
N ASP D 210 10.58 29.51 -8.30
CA ASP D 210 9.30 28.86 -8.57
C ASP D 210 8.29 29.89 -9.06
N TYR D 211 7.53 29.54 -10.08
CA TYR D 211 6.57 30.49 -10.59
C TYR D 211 5.44 29.74 -11.28
N VAL D 212 4.31 30.43 -11.41
CA VAL D 212 3.28 30.07 -12.38
C VAL D 212 2.89 31.33 -13.15
N VAL D 213 2.76 31.21 -14.46
CA VAL D 213 2.28 32.30 -15.31
C VAL D 213 0.96 31.87 -15.93
N ILE D 214 -0.02 32.76 -15.94
CA ILE D 214 -1.34 32.47 -16.49
C ILE D 214 -1.58 33.36 -17.70
N GLU D 215 -1.91 32.75 -18.83
CA GLU D 215 -2.26 33.48 -20.04
C GLU D 215 -3.76 33.34 -20.27
N ASP D 216 -4.29 34.17 -21.19
CA ASP D 216 -5.71 34.13 -21.51
C ASP D 216 -5.96 34.63 -22.93
N THR D 217 -6.96 34.03 -23.60
CA THR D 217 -7.46 34.61 -24.86
C THR D 217 -8.72 35.43 -24.67
N GLY D 218 -9.43 35.23 -23.56
CA GLY D 218 -10.80 35.73 -23.44
C GLY D 218 -10.94 37.25 -23.44
N LYS D 219 -9.91 37.96 -23.06
CA LYS D 219 -10.00 39.45 -23.02
C LYS D 219 -9.42 40.05 -24.30
N THR D 220 -9.01 39.23 -25.24
CA THR D 220 -8.31 39.74 -26.41
C THR D 220 -8.97 39.34 -27.72
N TRP D 221 -9.24 38.07 -27.92
CA TRP D 221 -9.83 37.61 -29.18
C TRP D 221 -11.27 37.24 -28.96
N PRO D 222 -12.16 37.76 -29.78
CA PRO D 222 -13.59 37.58 -29.51
C PRO D 222 -14.13 36.26 -30.08
N THR D 223 -14.12 35.21 -29.27
CA THR D 223 -14.51 33.88 -29.70
C THR D 223 -15.66 33.34 -28.86
N GLN D 224 -16.58 34.21 -28.42
CA GLN D 224 -17.80 33.83 -27.70
C GLN D 224 -17.50 32.96 -26.48
N ASP D 225 -16.53 33.41 -25.69
CA ASP D 225 -16.09 32.75 -24.46
C ASP D 225 -15.65 31.30 -24.69
N LEU D 226 -15.29 30.96 -25.92
CA LEU D 226 -14.54 29.73 -26.20
C LEU D 226 -13.06 30.08 -26.07
N LYS D 227 -12.48 29.75 -24.92
CA LYS D 227 -11.19 30.32 -24.56
C LYS D 227 -10.13 29.25 -24.33
N ILE D 228 -8.88 29.72 -24.27
CA ILE D 228 -7.73 28.90 -23.90
C ILE D 228 -6.92 29.68 -22.89
N SER D 229 -6.58 29.05 -21.75
CA SER D 229 -5.67 29.64 -20.78
C SER D 229 -4.47 28.73 -20.58
N LEU D 230 -3.28 29.19 -21.05
CA LEU D 230 -2.03 28.51 -20.75
C LEU D 230 -1.65 28.75 -19.30
N MET D 231 -1.28 27.68 -18.60
CA MET D 231 -0.78 27.76 -17.23
C MET D 231 0.61 27.16 -17.27
N VAL D 232 1.62 27.99 -17.08
CA VAL D 232 3.02 27.65 -17.32
C VAL D 232 3.79 27.80 -16.01
N TYR D 233 4.62 26.81 -15.67
CA TYR D 233 5.23 26.77 -14.35
C TYR D 233 6.66 26.24 -14.43
N SER D 234 7.41 26.51 -13.36
CA SER D 234 8.80 26.09 -13.31
C SER D 234 8.89 24.57 -13.11
N GLU D 235 10.06 24.03 -13.50
CA GLU D 235 10.27 22.59 -13.45
C GLU D 235 10.04 22.02 -12.06
N ALA D 236 10.58 22.67 -11.02
CA ALA D 236 10.54 22.08 -9.68
C ALA D 236 9.12 21.90 -9.14
N ILE D 237 8.13 22.66 -9.60
CA ILE D 237 6.78 22.50 -9.08
C ILE D 237 5.85 21.83 -10.09
N SER D 238 6.41 21.45 -11.24
CA SER D 238 5.67 20.93 -12.41
C SER D 238 4.91 19.67 -12.07
N SER D 239 5.46 18.75 -11.29
CA SER D 239 4.72 17.50 -10.89
CA SER D 239 4.78 17.54 -10.92
C SER D 239 3.37 17.58 -10.08
N THR D 240 3.52 18.46 -9.11
CA THR D 240 2.38 18.83 -8.27
C THR D 240 1.41 19.70 -9.07
N MET D 241 1.90 20.70 -9.81
CA MET D 241 0.96 21.54 -10.55
C MET D 241 0.16 20.70 -11.54
N ARG D 242 0.83 19.75 -12.20
CA ARG D 242 0.15 18.89 -13.17
C ARG D 242 -0.80 17.92 -12.49
N LEU D 243 -0.40 17.38 -11.33
CA LEU D 243 -1.30 16.52 -10.56
C LEU D 243 -2.59 17.25 -10.21
N LEU D 244 -2.48 18.51 -9.78
CA LEU D 244 -3.66 19.27 -9.41
C LEU D 244 -4.53 19.56 -10.62
N TYR D 245 -3.90 19.94 -11.74
CA TYR D 245 -4.62 20.08 -13.00
C TYR D 245 -5.39 18.81 -13.37
N GLU D 246 -4.72 17.66 -13.27
CA GLU D 246 -5.34 16.41 -13.72
C GLU D 246 -6.46 15.95 -12.81
N GLU D 247 -6.59 16.51 -11.61
CA GLU D 247 -7.75 16.18 -10.75
C GLU D 247 -9.01 16.73 -11.43
N ILE D 248 -8.86 17.87 -12.08
CA ILE D 248 -9.99 18.53 -12.78
CA ILE D 248 -9.99 18.57 -12.80
C ILE D 248 -10.28 18.32 -14.31
N PHE D 249 -9.15 18.25 -15.02
CA PHE D 249 -9.12 18.14 -16.50
C PHE D 249 -8.21 17.04 -17.06
N LEU D 250 -8.72 16.38 -18.08
CA LEU D 250 -7.87 15.61 -18.98
C LEU D 250 -7.17 16.52 -19.99
N CYS D 251 -7.89 17.51 -20.52
CA CYS D 251 -7.39 18.39 -21.58
C CYS D 251 -8.45 19.46 -21.76
N SER D 252 -8.14 20.47 -22.59
CA SER D 252 -9.10 21.40 -23.14
C SER D 252 -9.52 20.91 -24.53
N SER D 253 -10.19 21.75 -25.32
CA SER D 253 -10.72 21.32 -26.63
C SER D 253 -9.68 21.49 -27.73
N ASN D 254 -9.40 20.42 -28.49
CA ASN D 254 -8.56 20.54 -29.67
C ASN D 254 -9.18 21.50 -30.69
N PHE D 255 -10.51 21.53 -30.77
CA PHE D 255 -11.17 22.49 -31.65
C PHE D 255 -10.87 23.92 -31.22
N ALA D 256 -11.03 24.22 -29.92
CA ALA D 256 -10.71 25.56 -29.43
C ALA D 256 -9.24 25.90 -29.65
N LEU D 257 -8.33 24.95 -29.38
CA LEU D 257 -6.92 25.21 -29.61
C LEU D 257 -6.65 25.56 -31.07
N ALA D 258 -7.23 24.82 -32.02
CA ALA D 258 -6.97 25.11 -33.43
C ALA D 258 -7.50 26.48 -33.82
N LEU D 259 -8.71 26.82 -33.35
CA LEU D 259 -9.30 28.11 -33.68
C LEU D 259 -8.46 29.25 -33.12
N LEU D 260 -8.17 29.21 -31.82
CA LEU D 260 -7.44 30.32 -31.20
C LEU D 260 -6.01 30.41 -31.70
N LYS D 261 -5.38 29.27 -32.01
CA LYS D 261 -4.05 29.32 -32.63
C LYS D 261 -4.06 30.15 -33.89
N GLN D 262 -5.14 30.08 -34.68
CA GLN D 262 -5.20 30.86 -35.92
C GLN D 262 -5.41 32.35 -35.62
N PHE D 263 -6.28 32.67 -34.66
CA PHE D 263 -6.42 34.05 -34.21
C PHE D 263 -5.05 34.60 -33.80
N VAL D 264 -4.30 33.82 -33.03
CA VAL D 264 -2.96 34.25 -32.60
C VAL D 264 -2.04 34.41 -33.80
N ALA D 265 -2.05 33.44 -34.74
CA ALA D 265 -1.16 33.54 -35.89
C ALA D 265 -1.49 34.76 -36.74
N VAL D 266 -2.77 35.09 -36.88
CA VAL D 266 -3.17 36.25 -37.67
C VAL D 266 -2.71 37.54 -36.99
N THR D 267 -2.90 37.65 -35.67
CA THR D 267 -2.37 38.79 -34.92
C THR D 267 -0.86 38.92 -35.12
N ALA D 268 -0.12 37.79 -35.11
CA ALA D 268 1.32 37.86 -35.29
C ALA D 268 1.69 38.36 -36.68
N LYS D 269 0.98 37.87 -37.70
CA LYS D 269 1.28 38.28 -39.09
C LYS D 269 0.96 39.76 -39.38
N PHE D 270 -0.20 40.24 -39.00
CA PHE D 270 -0.61 41.63 -39.32
C PHE D 270 -0.28 42.63 -38.22
N GLY D 271 0.13 42.13 -37.08
CA GLY D 271 0.50 43.01 -35.97
C GLY D 271 -0.62 43.26 -34.99
N VAL D 272 -0.23 43.51 -33.76
CA VAL D 272 -1.19 43.82 -32.67
C VAL D 272 -1.93 45.13 -32.96
N ASP D 273 -1.26 46.14 -33.51
CA ASP D 273 -1.95 47.44 -33.75
C ASP D 273 -3.12 47.32 -34.73
N ALA D 274 -2.90 46.68 -35.86
CA ALA D 274 -3.93 46.53 -36.90
C ALA D 274 -5.07 45.63 -36.44
N THR D 275 -4.73 44.58 -35.71
CA THR D 275 -5.72 43.58 -35.38
C THR D 275 -6.41 43.81 -34.05
N ILE D 276 -5.80 44.55 -33.12
CA ILE D 276 -6.32 44.68 -31.77
C ILE D 276 -6.32 46.14 -31.29
N LYS D 277 -5.14 46.75 -31.22
CA LYS D 277 -5.00 47.99 -30.46
C LYS D 277 -5.65 49.18 -31.14
N ASN D 278 -5.70 49.20 -32.48
CA ASN D 278 -6.31 50.32 -33.19
C ASN D 278 -7.77 50.49 -32.81
N GLU D 279 -8.54 49.39 -32.78
CA GLU D 279 -9.95 49.50 -32.40
C GLU D 279 -10.10 49.89 -30.94
N VAL D 280 -9.26 49.35 -30.06
CA VAL D 280 -9.30 49.72 -28.65
C VAL D 280 -9.08 51.22 -28.50
N ARG D 281 -8.08 51.77 -29.20
CA ARG D 281 -7.78 53.18 -29.08
C ARG D 281 -8.94 54.03 -29.61
N ARG D 282 -9.55 53.61 -30.73
CA ARG D 282 -10.69 54.36 -31.26
C ARG D 282 -11.84 54.40 -30.25
N ARG D 283 -12.11 53.27 -29.58
CA ARG D 283 -13.19 53.22 -28.60
C ARG D 283 -12.83 53.99 -27.34
N SER D 284 -11.57 53.92 -26.90
CA SER D 284 -11.16 54.73 -25.77
C SER D 284 -11.35 56.21 -26.07
N GLU D 285 -10.97 56.64 -27.28
CA GLU D 285 -11.12 58.05 -27.64
C GLU D 285 -12.58 58.44 -27.76
N THR D 286 -13.44 57.52 -28.23
CA THR D 286 -14.86 57.81 -28.32
C THR D 286 -15.45 58.10 -26.95
N ILE D 287 -15.20 57.23 -25.97
CA ILE D 287 -15.80 57.46 -24.66
C ILE D 287 -15.17 58.66 -23.96
N ASN D 288 -13.87 58.91 -24.17
CA ASN D 288 -13.26 60.12 -23.62
C ASN D 288 -13.97 61.37 -24.13
N ASP D 289 -14.23 61.42 -25.45
CA ASP D 289 -14.96 62.56 -26.01
C ASP D 289 -16.38 62.64 -25.47
N ALA D 290 -17.05 61.49 -25.31
CA ALA D 290 -18.44 61.51 -24.86
C ALA D 290 -18.58 62.08 -23.46
N LEU D 291 -17.60 61.80 -22.59
CA LEU D 291 -17.66 62.19 -21.19
C LEU D 291 -17.06 63.56 -20.91
N ALA D 292 -16.44 64.18 -21.92
CA ALA D 292 -15.86 65.51 -21.74
C ALA D 292 -16.91 66.50 -21.25
N GLY D 293 -16.57 67.23 -20.19
CA GLY D 293 -17.42 68.26 -19.63
C GLY D 293 -18.57 67.76 -18.77
N THR D 294 -18.70 66.46 -18.57
CA THR D 294 -19.76 65.94 -17.71
C THR D 294 -19.40 66.02 -16.24
N GLY D 295 -18.12 66.19 -15.91
CA GLY D 295 -17.65 66.06 -14.56
C GLY D 295 -17.08 64.70 -14.23
N LEU D 296 -17.31 63.71 -15.08
CA LEU D 296 -16.68 62.41 -14.92
C LEU D 296 -15.25 62.48 -15.43
N LYS D 297 -14.32 61.86 -14.69
CA LYS D 297 -12.90 61.98 -15.00
C LYS D 297 -12.34 60.60 -15.31
N VAL D 298 -12.05 60.35 -16.60
CA VAL D 298 -11.41 59.11 -16.98
C VAL D 298 -10.04 59.02 -16.33
N PHE D 299 -9.75 57.89 -15.69
CA PHE D 299 -8.46 57.65 -15.06
C PHE D 299 -7.37 57.54 -16.13
N ASP D 300 -6.30 58.31 -15.99
CA ASP D 300 -5.25 58.29 -16.99
C ASP D 300 -3.95 58.82 -16.40
N ASN D 301 -2.83 58.37 -16.95
CA ASN D 301 -1.53 58.88 -16.56
C ASN D 301 -0.52 58.46 -17.63
N ASP D 302 0.71 58.94 -17.47
CA ASP D 302 1.72 58.76 -18.51
C ASP D 302 2.43 57.40 -18.45
N GLU D 303 2.01 56.51 -17.54
CA GLU D 303 2.68 55.22 -17.38
C GLU D 303 1.79 54.02 -17.68
N LYS D 304 0.48 54.14 -17.58
CA LYS D 304 -0.39 52.99 -17.79
C LYS D 304 -0.42 52.57 -19.25
N CYS D 305 -0.86 51.35 -19.50
CA CYS D 305 -1.20 50.92 -20.84
C CYS D 305 -2.71 51.06 -21.02
N GLN D 306 -3.17 50.99 -22.27
CA GLN D 306 -4.59 51.12 -22.55
C GLN D 306 -5.22 49.73 -22.56
N LEU D 307 -5.92 49.41 -21.47
CA LEU D 307 -6.74 48.21 -21.41
C LEU D 307 -8.00 48.41 -22.23
N PRO D 308 -8.70 47.32 -22.61
CA PRO D 308 -9.99 47.42 -23.28
C PRO D 308 -11.12 47.80 -22.31
N LEU D 309 -10.81 48.79 -21.50
CA LEU D 309 -11.79 49.22 -20.51
C LEU D 309 -11.41 50.62 -20.04
N CYS D 310 -12.39 51.26 -19.50
CA CYS D 310 -12.33 52.64 -18.93
CA CYS D 310 -12.25 52.67 -18.90
C CYS D 310 -12.70 52.76 -17.41
N TRP D 311 -11.68 53.20 -16.68
CA TRP D 311 -11.75 53.39 -15.22
C TRP D 311 -12.09 54.87 -15.03
N ILE D 312 -13.25 55.13 -14.44
CA ILE D 312 -13.81 56.48 -14.40
C ILE D 312 -14.05 56.91 -12.95
N ASP D 313 -13.45 58.05 -12.57
CA ASP D 313 -13.67 58.68 -11.27
C ASP D 313 -14.94 59.54 -11.32
N ILE D 314 -15.96 59.15 -10.55
CA ILE D 314 -17.22 59.87 -10.51
C ILE D 314 -17.32 60.76 -9.28
N SER D 315 -16.19 61.07 -8.62
CA SER D 315 -16.20 61.85 -7.39
C SER D 315 -17.04 63.11 -7.49
N ALA D 316 -16.98 63.80 -8.64
CA ALA D 316 -17.64 65.09 -8.77
C ALA D 316 -19.15 64.97 -8.88
N THR D 317 -19.70 63.77 -9.04
CA THR D 317 -21.15 63.63 -9.06
C THR D 317 -21.75 63.65 -7.66
N GLY D 318 -20.97 63.34 -6.63
CA GLY D 318 -21.51 63.16 -5.31
C GLY D 318 -22.12 61.80 -5.05
N TYR D 319 -22.15 60.93 -6.07
CA TYR D 319 -22.67 59.58 -5.94
C TYR D 319 -21.56 58.60 -5.64
N ASP D 320 -21.87 57.61 -4.80
CA ASP D 320 -21.01 56.44 -4.73
C ASP D 320 -21.26 55.55 -5.94
N ASP D 321 -20.33 54.62 -6.17
CA ASP D 321 -20.34 53.85 -7.41
C ASP D 321 -21.60 53.02 -7.58
N VAL D 322 -22.02 52.34 -6.52
CA VAL D 322 -23.18 51.43 -6.59
C VAL D 322 -24.46 52.20 -6.89
N SER D 323 -24.59 53.38 -6.29
CA SER D 323 -25.74 54.32 -6.52
CA SER D 323 -25.82 54.22 -6.55
C SER D 323 -26.00 54.93 -7.96
N PHE D 324 -24.80 55.26 -8.43
CA PHE D 324 -24.60 55.76 -9.80
C PHE D 324 -24.87 54.63 -10.81
N ALA D 325 -24.36 53.42 -10.56
CA ALA D 325 -24.69 52.33 -11.47
C ALA D 325 -26.17 51.98 -11.39
N ALA D 326 -26.77 52.10 -10.22
CA ALA D 326 -28.20 51.85 -10.09
C ALA D 326 -29.01 52.83 -10.93
N ARG D 327 -28.60 54.10 -10.94
CA ARG D 327 -29.30 55.08 -11.76
C ARG D 327 -29.13 54.80 -13.24
N LEU D 328 -27.91 54.46 -13.64
CA LEU D 328 -27.66 54.12 -15.04
C LEU D 328 -28.50 52.91 -15.46
N LYS D 329 -28.68 51.95 -14.55
CA LYS D 329 -29.48 50.78 -14.88
C LYS D 329 -30.94 51.14 -15.13
N GLU D 330 -31.45 52.19 -14.49
CA GLU D 330 -32.80 52.65 -14.81
C GLU D 330 -32.93 53.06 -16.27
N HIS D 331 -31.81 53.35 -16.93
CA HIS D 331 -31.78 53.73 -18.34
C HIS D 331 -31.14 52.65 -19.21
N ASP D 332 -31.19 51.41 -18.75
CA ASP D 332 -30.76 50.21 -19.50
C ASP D 332 -29.26 50.22 -19.82
N ILE D 333 -28.46 50.81 -18.94
CA ILE D 333 -27.00 50.82 -19.06
C ILE D 333 -26.39 50.16 -17.83
N ALA D 334 -25.59 49.13 -18.05
CA ALA D 334 -24.92 48.41 -16.97
C ALA D 334 -23.44 48.72 -16.95
N VAL D 335 -22.95 49.25 -15.84
CA VAL D 335 -21.53 49.50 -15.60
C VAL D 335 -21.14 48.79 -14.31
N LEU D 336 -19.83 48.69 -14.09
CA LEU D 336 -19.27 47.98 -12.94
C LEU D 336 -18.93 48.96 -11.84
N PRO D 337 -19.54 48.84 -10.65
CA PRO D 337 -19.04 49.62 -9.51
C PRO D 337 -17.64 49.16 -9.15
N GLY D 338 -16.76 50.12 -8.92
CA GLY D 338 -15.35 49.78 -8.77
C GLY D 338 -14.89 49.35 -7.39
N ARG D 339 -15.71 49.57 -6.35
CA ARG D 339 -15.26 49.30 -4.98
C ARG D 339 -14.75 47.86 -4.80
N PHE D 340 -15.34 46.90 -5.51
CA PHE D 340 -14.98 45.50 -5.30
C PHE D 340 -13.59 45.16 -5.79
N PHE D 341 -13.04 45.97 -6.70
CA PHE D 341 -11.64 45.78 -7.10
C PHE D 341 -10.69 46.04 -5.94
N TYR D 342 -11.07 46.93 -5.03
CA TYR D 342 -10.29 47.16 -3.81
C TYR D 342 -10.78 46.20 -2.72
N TRP D 343 -10.43 44.92 -2.95
CA TRP D 343 -11.01 43.81 -2.21
C TRP D 343 -10.60 43.79 -0.73
N ASN D 344 -9.59 44.57 -0.35
CA ASN D 344 -9.20 44.67 1.05
C ASN D 344 -9.58 46.01 1.66
N SER D 345 -10.27 46.86 0.92
CA SER D 345 -10.58 48.22 1.39
C SER D 345 -11.75 48.79 0.58
N LYS D 346 -12.86 48.06 0.52
CA LYS D 346 -13.95 48.41 -0.39
C LYS D 346 -14.54 49.79 -0.07
N SER D 347 -14.84 50.05 1.21
CA SER D 347 -15.58 51.28 1.51
C SER D 347 -14.74 52.52 1.29
N GLN D 348 -13.42 52.37 1.25
CA GLN D 348 -12.51 53.49 1.05
C GLN D 348 -12.31 53.84 -0.41
N HIS D 349 -12.95 53.12 -1.33
CA HIS D 349 -12.73 53.29 -2.76
C HIS D 349 -14.06 53.13 -3.51
N THR D 350 -15.04 53.97 -3.19
CA THR D 350 -16.37 53.89 -3.80
C THR D 350 -16.59 54.94 -4.89
N GLN D 351 -15.54 55.54 -5.43
CA GLN D 351 -15.70 56.66 -6.35
C GLN D 351 -15.41 56.32 -7.80
N PHE D 352 -15.29 55.04 -8.18
CA PHE D 352 -14.98 54.66 -9.54
C PHE D 352 -16.07 53.76 -10.13
N ILE D 353 -16.25 53.87 -11.44
CA ILE D 353 -16.94 52.84 -12.20
C ILE D 353 -16.02 52.37 -13.31
N ARG D 354 -16.26 51.15 -13.78
CA ARG D 354 -15.55 50.60 -14.92
C ARG D 354 -16.52 50.39 -16.07
N VAL D 355 -16.10 50.85 -17.23
CA VAL D 355 -16.89 50.63 -18.46
C VAL D 355 -15.99 49.87 -19.42
N SER D 356 -16.41 48.67 -19.81
CA SER D 356 -15.68 47.87 -20.86
CA SER D 356 -15.78 47.81 -20.88
C SER D 356 -15.90 48.28 -22.38
N LEU D 357 -14.82 48.20 -23.12
CA LEU D 357 -14.87 48.70 -24.51
C LEU D 357 -15.11 47.62 -25.56
N MET D 358 -14.78 46.37 -25.28
CA MET D 358 -14.83 45.38 -26.36
C MET D 358 -16.16 44.63 -26.37
N LYS D 359 -17.23 45.38 -26.60
CA LYS D 359 -18.58 44.89 -26.69
C LYS D 359 -19.05 44.94 -28.15
N PRO D 360 -20.15 44.25 -28.50
CA PRO D 360 -20.62 44.27 -29.88
C PRO D 360 -20.70 45.68 -30.43
N ASP D 361 -20.23 45.86 -31.68
CA ASP D 361 -19.85 47.18 -32.18
C ASP D 361 -21.01 48.17 -32.10
N ALA D 362 -22.16 47.84 -32.70
CA ALA D 362 -23.26 48.81 -32.71
C ALA D 362 -23.76 49.06 -31.29
N GLU D 363 -23.83 48.02 -30.46
CA GLU D 363 -24.16 48.22 -29.06
C GLU D 363 -23.21 49.20 -28.39
N PHE D 364 -21.91 49.09 -28.67
CA PHE D 364 -20.95 49.97 -28.02
C PHE D 364 -21.12 51.41 -28.48
N TYR D 365 -21.10 51.64 -29.81
CA TYR D 365 -21.13 53.01 -30.29
C TYR D 365 -22.46 53.68 -30.00
N GLU D 366 -23.57 52.97 -30.23
CA GLU D 366 -24.86 53.52 -29.81
C GLU D 366 -24.92 53.65 -28.30
N GLY D 367 -24.32 52.69 -27.59
CA GLY D 367 -24.40 52.72 -26.14
C GLY D 367 -23.66 53.89 -25.53
N ILE D 368 -22.52 54.26 -26.11
CA ILE D 368 -21.77 55.39 -25.56
C ILE D 368 -22.57 56.68 -25.69
N GLY D 369 -23.37 56.81 -26.76
CA GLY D 369 -24.25 57.97 -26.88
C GLY D 369 -25.32 57.99 -25.79
N LYS D 370 -25.96 56.84 -25.57
CA LYS D 370 -26.96 56.74 -24.51
C LYS D 370 -26.36 56.99 -23.13
N LEU D 371 -25.10 56.59 -22.93
CA LEU D 371 -24.44 56.84 -21.65
C LEU D 371 -24.27 58.34 -21.43
N LYS D 372 -23.78 59.05 -22.44
CA LYS D 372 -23.65 60.50 -22.36
C LYS D 372 -24.99 61.14 -21.98
N GLU D 373 -26.06 60.72 -22.65
CA GLU D 373 -27.37 61.30 -22.38
C GLU D 373 -27.85 60.94 -20.98
N ALA D 374 -27.64 59.69 -20.56
CA ALA D 374 -28.10 59.26 -19.25
C ALA D 374 -27.37 60.01 -18.14
N VAL D 375 -26.05 60.15 -18.28
CA VAL D 375 -25.24 60.86 -17.28
C VAL D 375 -25.72 62.29 -17.13
N THR D 376 -25.98 62.96 -18.25
CA THR D 376 -26.46 64.33 -18.20
C THR D 376 -27.80 64.40 -17.47
N ARG D 377 -28.73 63.50 -17.81
CA ARG D 377 -30.03 63.52 -17.16
C ARG D 377 -29.92 63.28 -15.66
N ILE D 378 -28.94 62.46 -15.25
CA ILE D 378 -28.77 62.15 -13.83
C ILE D 378 -28.20 63.37 -13.10
N LEU D 379 -27.19 64.01 -13.68
CA LEU D 379 -26.59 65.16 -13.00
C LEU D 379 -27.55 66.36 -13.02
N GLU D 380 -28.22 66.61 -14.14
CA GLU D 380 -29.15 67.73 -14.24
C GLU D 380 -30.53 67.29 -14.74
C1 BTB E . 15.93 -30.99 -6.43
O1 BTB E . 14.94 -31.86 -5.93
C2 BTB E . 16.02 -31.13 -7.96
C3 BTB E . 14.62 -30.91 -8.57
O3 BTB E . 14.42 -31.80 -9.63
C4 BTB E . 16.52 -32.54 -8.26
O4 BTB E . 17.77 -32.70 -7.62
N BTB E . 16.98 -30.16 -8.51
C5 BTB E . 17.01 -30.23 -9.97
C6 BTB E . 18.45 -30.26 -10.50
O6 BTB E . 19.18 -31.27 -9.84
C7 BTB E . 16.75 -28.79 -8.08
C8 BTB E . 17.92 -28.28 -7.21
O8 BTB E . 19.04 -29.11 -7.33
C ACT F . 32.27 -3.43 -7.10
O ACT F . 32.65 -4.61 -7.30
OXT ACT F . 31.16 -2.90 -7.40
CH3 ACT F . 33.32 -2.50 -6.38
C2 EJ1 G . 15.34 -11.04 11.39
C3 EJ1 G . 14.04 -11.02 11.89
C4 EJ1 G . 13.52 -12.17 12.47
C5 EJ1 G . 14.31 -13.31 12.53
C6 EJ1 G . 15.61 -13.25 12.03
CB EJ1 G . 9.37 -12.06 14.16
O3 EJ1 G . 13.32 -9.84 11.78
O1P EJ1 G . 10.85 -15.49 14.11
O2P EJ1 G . 12.72 -17.09 14.11
O3P EJ1 G . 11.02 -17.13 12.26
O4P EJ1 G . 12.74 -15.17 12.42
N EJ1 G . 11.30 -11.15 12.80
P EJ1 G . 11.80 -16.26 13.23
C2A EJ1 G . 15.88 -9.75 10.78
C4A EJ1 G . 12.28 -12.22 13.00
C5A EJ1 G . 13.78 -14.59 13.18
N1 EJ1 G . 16.08 -12.13 11.47
CA EJ1 G . 10.11 -11.05 13.25
C EJ1 G . 9.32 -9.83 12.80
O EJ1 G . 8.15 -9.66 13.26
CG EJ1 G . 10.14 -12.51 15.41
CD EJ1 G . 9.22 -13.19 16.43
NE EJ1 G . 9.94 -13.41 17.68
CZ EJ1 G . 11.01 -14.38 17.81
NH1 EJ1 G . 11.60 -14.49 19.13
NH2 EJ1 G . 11.40 -15.10 16.83
OXT EJ1 G . 9.82 -9.05 11.93
C1 BTB H . 24.80 -32.65 5.15
O1 BTB H . 23.59 -32.39 4.49
C2 BTB H . 25.38 -31.30 5.59
C3 BTB H . 24.22 -30.50 6.14
O3 BTB H . 23.60 -31.20 7.18
C4 BTB H . 25.93 -30.63 4.33
O4 BTB H . 26.41 -31.59 3.42
N BTB H . 26.42 -31.44 6.61
C5 BTB H . 27.22 -32.66 6.39
C6 BTB H . 27.19 -33.54 7.64
O6 BTB H . 25.86 -33.94 7.86
C7 BTB H . 27.32 -30.29 6.60
C8 BTB H . 27.67 -29.79 8.01
O8 BTB H . 28.47 -28.64 7.95
C1 GOL I . 13.83 6.16 11.43
O1 GOL I . 13.68 4.79 11.32
C2 GOL I . 14.48 6.67 10.12
O2 GOL I . 14.33 8.04 10.00
C3 GOL I . 15.98 6.26 10.21
O3 GOL I . 16.69 6.95 9.23
C ACT J . 7.26 -11.96 28.98
O ACT J . 8.09 -11.30 28.30
OXT ACT J . 7.15 -12.08 30.24
CH3 ACT J . 6.22 -12.77 28.18
C1 EDO K . -1.15 -19.93 5.08
O1 EDO K . -0.94 -18.52 5.19
C2 EDO K . -2.33 -20.21 4.17
O2 EDO K . -3.51 -19.57 4.70
C1 EDO L . 6.07 -42.56 7.70
O1 EDO L . 6.95 -42.96 6.64
C2 EDO L . 6.77 -41.49 8.53
O2 EDO L . 7.88 -42.10 9.21
C1 EDO M . 16.17 -35.29 -4.13
O1 EDO M . 16.41 -34.20 -5.04
C2 EDO M . 14.81 -35.05 -3.51
O2 EDO M . 13.88 -34.72 -4.55
C1 EDO N . 29.95 -10.62 -8.52
O1 EDO N . 30.01 -11.85 -9.25
C2 EDO N . 28.88 -10.77 -7.45
O2 EDO N . 27.61 -10.95 -8.11
C1 EDO O . 33.14 -30.77 10.22
O1 EDO O . 33.09 -31.81 11.21
C2 EDO O . 31.73 -30.24 9.95
O2 EDO O . 30.87 -31.33 9.56
C1 EDO P . 38.03 -18.73 15.04
O1 EDO P . 38.27 -17.76 16.00
C2 EDO P . 38.02 -18.06 13.75
O2 EDO P . 37.16 -16.98 13.74
C1 BTB Q . -0.26 -19.79 27.32
O1 BTB Q . -1.59 -19.87 27.64
C2 BTB Q . -0.23 -19.48 25.85
C3 BTB Q . -1.22 -20.47 25.12
O3 BTB Q . -1.78 -20.10 23.94
C4 BTB Q . 1.18 -19.73 25.39
O4 BTB Q . 1.33 -21.05 25.09
N BTB Q . -0.44 -18.03 25.74
C5 BTB Q . 0.73 -17.19 25.95
C6 BTB Q . 0.45 -15.89 26.67
O6 BTB Q . 1.64 -15.30 27.14
C7 BTB Q . -1.62 -17.50 26.37
C8 BTB Q . -2.82 -18.03 25.60
O8 BTB Q . -3.71 -17.00 25.34
C ACT R . -9.19 -34.44 30.99
O ACT R . -9.10 -35.67 31.26
OXT ACT R . -8.83 -33.82 29.95
CH3 ACT R . -9.85 -33.55 32.08
C2 EJ1 S . 15.25 -37.08 25.63
C3 EJ1 S . 15.84 -37.53 24.46
C4 EJ1 S . 15.92 -36.64 23.39
C5 EJ1 S . 15.37 -35.37 23.52
C6 EJ1 S . 14.79 -35.01 24.73
CB EJ1 S . 17.71 -38.01 19.57
O3 EJ1 S . 16.36 -38.84 24.43
O1P EJ1 S . 13.59 -34.38 19.01
O2P EJ1 S . 15.06 -32.66 20.08
O3P EJ1 S . 16.03 -34.82 19.27
O4P EJ1 S . 14.54 -34.77 21.37
N EJ1 S . 16.88 -38.36 21.94
P EJ1 S . 14.80 -34.13 19.88
C2A EJ1 S . 15.20 -38.06 26.80
C4A EJ1 S . 16.49 -36.98 22.22
C5A EJ1 S . 15.43 -34.38 22.38
N1 EJ1 S . 14.75 -35.85 25.74
CA EJ1 S . 17.39 -38.82 20.85
C EJ1 S . 17.65 -40.32 20.82
O EJ1 S . 18.25 -40.82 19.82
CG EJ1 S . 18.52 -36.71 19.76
CD EJ1 S . 19.25 -36.31 18.50
NE EJ1 S . 20.14 -35.15 18.69
CZ EJ1 S . 19.74 -33.80 19.11
NH1 EJ1 S . 20.80 -32.81 19.21
NH2 EJ1 S . 18.54 -33.48 19.38
OXT EJ1 S . 17.22 -41.01 21.78
C1 EDO T . -14.56 -23.09 7.07
O1 EDO T . -14.80 -22.94 5.66
C2 EDO T . -13.81 -24.38 7.33
O2 EDO T . -12.57 -24.36 6.61
C1 EDO U . 24.38 -20.75 37.43
O1 EDO U . 24.79 -21.09 36.10
C2 EDO U . 24.50 -21.98 38.33
O2 EDO U . 23.89 -23.10 37.67
C1 EDO V . -3.10 -16.91 11.60
O1 EDO V . -4.38 -16.50 11.09
C2 EDO V . -3.29 -18.16 12.47
O2 EDO V . -3.92 -19.19 11.70
C2 EJ1 W . -18.26 10.90 -14.34
C3 EJ1 W . -17.13 10.67 -15.11
C4 EJ1 W . -16.36 11.75 -15.55
C5 EJ1 W . -16.78 13.03 -15.19
C6 EJ1 W . -17.92 13.16 -14.42
CB EJ1 W . -12.78 11.12 -18.07
O3 EJ1 W . -16.84 9.35 -15.41
O1P EJ1 W . -15.40 15.80 -19.13
O2P EJ1 W . -13.65 14.65 -17.75
O3P EJ1 W . -14.72 16.65 -16.89
O4P EJ1 W . -16.13 14.46 -16.99
N EJ1 W . -14.84 10.34 -16.87
P EJ1 W . -14.97 15.41 -17.72
C2A EJ1 W . -19.09 9.70 -13.87
C4A EJ1 W . -15.23 11.61 -16.28
C5A EJ1 W . -16.00 14.26 -15.61
N1 EJ1 W . -18.63 12.12 -14.02
CA EJ1 W . -13.84 10.08 -17.62
C EJ1 W . -13.71 8.64 -18.12
O EJ1 W . -14.70 7.86 -17.93
CG EJ1 W . -11.98 11.79 -16.96
CD EJ1 W . -10.80 12.62 -17.45
NE EJ1 W . -10.06 13.20 -16.30
CZ EJ1 W . -10.55 14.36 -15.57
NH1 EJ1 W . -9.74 14.84 -14.47
NH2 EJ1 W . -11.64 14.92 -15.87
OXT EJ1 W . -12.68 8.28 -18.76
C1 BTB X . -30.35 31.35 -16.62
O1 BTB X . -29.32 31.67 -17.50
C2 BTB X . -29.98 31.41 -15.13
C3 BTB X . -28.71 30.60 -14.83
O3 BTB X . -27.75 30.71 -15.83
C4 BTB X . -31.16 30.68 -14.50
O4 BTB X . -32.35 31.28 -14.97
N BTB X . -29.94 32.77 -14.56
C5 BTB X . -30.35 32.85 -13.15
C6 BTB X . -29.20 32.63 -12.14
O6 BTB X . -29.18 31.27 -11.75
C7 BTB X . -28.66 33.46 -14.74
C8 BTB X . -28.87 34.98 -14.66
O8 BTB X . -29.82 35.42 -15.59
C1 AE3 Y . -38.37 4.40 -35.20
C2 AE3 Y . -37.61 5.68 -34.81
O2 AE3 Y . -37.43 5.70 -33.42
C3 AE3 Y . -38.57 6.06 -32.67
C4 AE3 Y . -38.19 7.06 -31.59
O3 AE3 Y . -36.92 6.75 -31.08
C5 AE3 Y . -36.87 5.61 -30.26
C6 AE3 Y . -35.81 5.82 -29.16
O4 AE3 Y . -34.53 5.72 -29.71
C ACT Z . -25.14 19.92 7.77
O ACT Z . -26.00 19.00 7.62
OXT ACT Z . -24.99 20.98 7.08
CH3 ACT Z . -24.14 19.73 8.96
C1 EDO AA . -14.46 14.63 -34.71
O1 EDO AA . -14.11 13.45 -35.45
C2 EDO AA . -15.50 14.30 -33.65
O2 EDO AA . -14.99 13.27 -32.78
C1 EDO BA . -7.90 11.20 -28.08
O1 EDO BA . -8.28 10.20 -29.03
C2 EDO BA . -8.92 11.27 -26.94
O2 EDO BA . -9.27 9.96 -26.47
C1 EDO CA . -17.30 -2.04 -3.34
O1 EDO CA . -18.49 -1.95 -4.14
C2 EDO CA . -17.63 -1.77 -1.87
O2 EDO CA . -18.01 -0.40 -1.68
C1 EDO DA . -36.44 28.33 -25.42
O1 EDO DA . -36.02 28.86 -24.17
C2 EDO DA . -36.97 26.91 -25.27
O2 EDO DA . -38.14 26.87 -24.44
C1 BTB EA . 1.87 19.46 -23.38
O1 BTB EA . 1.20 18.53 -24.21
C2 BTB EA . 2.07 18.82 -22.00
C3 BTB EA . 0.77 19.01 -21.21
O3 BTB EA . 0.29 20.31 -21.41
C4 BTB EA . 3.21 19.57 -21.29
O4 BTB EA . 3.27 19.26 -19.92
N BTB EA . 2.41 17.40 -22.19
C5 BTB EA . 3.80 17.29 -22.65
C6 BTB EA . 4.10 15.88 -23.16
O6 BTB EA . 3.31 15.60 -24.29
C7 BTB EA . 2.20 16.64 -20.95
C8 BTB EA . 1.09 15.61 -21.09
O8 BTB EA . 0.94 15.21 -22.43
C ACT FA . 10.44 32.01 -30.46
O ACT FA . 11.50 31.32 -30.36
OXT ACT FA . 9.26 31.63 -30.69
CH3 ACT FA . 10.61 33.54 -30.29
C2 EJ1 GA . -7.82 38.69 -14.66
C3 EJ1 GA . -9.16 38.95 -14.92
C4 EJ1 GA . -10.01 37.88 -15.18
C5 EJ1 GA . -9.50 36.59 -15.17
C6 EJ1 GA . -8.16 36.42 -14.91
CB EJ1 GA . -14.22 38.63 -16.12
O3 EJ1 GA . -9.59 40.28 -14.93
O1P EJ1 GA . -13.44 35.23 -16.62
O2P EJ1 GA . -12.09 33.18 -16.38
O3P EJ1 GA . -12.30 34.29 -18.62
O4P EJ1 GA . -10.86 35.39 -16.77
N EJ1 GA . -11.89 39.36 -15.65
P EJ1 GA . -12.21 34.49 -17.11
C2A EJ1 GA . -6.87 39.86 -14.37
C4A EJ1 GA . -11.32 38.04 -15.43
C5A EJ1 GA . -10.40 35.38 -15.44
N1 EJ1 GA . -7.36 37.44 -14.66
CA EJ1 GA . -13.09 39.65 -15.93
C EJ1 GA . -13.38 41.14 -16.15
O EJ1 GA . -14.58 41.53 -16.26
CG EJ1 GA . -14.49 37.70 -14.91
CD EJ1 GA . -15.94 37.24 -14.87
NE EJ1 GA . -16.22 36.47 -13.66
CZ EJ1 GA . -15.59 35.21 -13.29
NH1 EJ1 GA . -16.05 34.61 -12.05
NH2 EJ1 GA . -14.71 34.64 -13.99
OXT EJ1 GA . -12.40 41.94 -16.25
C1 EDO HA . 19.48 36.34 -11.46
O1 EDO HA . 18.79 35.49 -12.39
C2 EDO HA . 18.53 36.85 -10.38
O2 EDO HA . 18.20 35.78 -9.49
C1 EDO IA . 1.84 13.94 -13.16
O1 EDO IA . 2.28 14.60 -11.96
C2 EDO IA . 0.37 13.55 -12.99
O2 EDO IA . 0.19 12.84 -11.75
C1 EDO JA . -17.86 37.49 -31.16
O1 EDO JA . -17.80 38.80 -30.58
C2 EDO JA . -18.13 37.58 -32.66
O2 EDO JA . -19.40 38.19 -32.88
C1 EDO KA . -0.88 21.14 -36.13
O1 EDO KA . -0.14 22.26 -35.64
C2 EDO KA . -1.57 21.53 -37.43
O2 EDO KA . -0.69 22.23 -38.31
C1 EDO LA . -12.49 44.58 3.24
O1 EDO LA . -13.29 45.57 2.56
C2 EDO LA . -13.00 44.26 4.64
O2 EDO LA . -14.29 43.61 4.60
C1 EDO MA . -13.57 25.74 -23.68
O1 EDO MA . -12.45 26.04 -24.52
C2 EDO MA . -14.29 27.05 -23.37
O2 EDO MA . -13.39 27.98 -22.77
#